data_8JQ5
#
_entry.id   8JQ5
#
_cell.length_a   89.887
_cell.length_b   139.445
_cell.length_c   146.834
_cell.angle_alpha   90.00
_cell.angle_beta   90.00
_cell.angle_gamma   90.00
#
_symmetry.space_group_name_H-M   'P 21 21 21'
#
loop_
_entity.id
_entity.type
_entity.pdbx_description
1 polymer 'L-rhamnose isomerase'
2 non-polymer 'MANGANESE (II) ION'
3 non-polymer D-psicose
4 non-polymer alpha-D-psicofuranose
5 water water
#
_entity_poly.entity_id   1
_entity_poly.type   'polypeptide(L)'
_entity_poly.pdbx_seq_one_letter_code
;MVKPEEVDKAYEVAKQRYAEIGVDTDAAMKELEKVPLSVHCWQGDDIHGFLFPNQELTGGIGVSGNYPGIARTPDELAGD
MHEALSLIPGKHRVQLHAIYAVTDKKRDLDTLEPEDFDYWIDWAKQEGVGLDFNGTFFSHPMVKDNMTVSSPDPKVRDFW
IRHGKISREISNYIGEKLGSQVVNNFWLPDGFKDNPIDKKTPRLRLLKALDEIIKDPLPEKNTIESFEGKLFGTGIESYT
TGSHEFYQNYAISRNKLWTIDAGHFHPTEDVSDKFSAFFPFGKGLFMHVSRPVRWDSDHVVIMDDALIRITRSLVRDGYL
DRTHIGLDFFDATINRVAAWVVGARATQKSLLQAMLAPIDQLKKDELNADFTTRLIETEELKSFPFGAVWDKFCQDHNTP
VGFDWMNNIHQYEKDVQFKRDAKLVHGSHHHHHH
;
_entity_poly.pdbx_strand_id   A,B,C,D
#
loop_
_chem_comp.id
_chem_comp.type
_chem_comp.name
_chem_comp.formula
MN non-polymer 'MANGANESE (II) ION' 'Mn 2'
PSJ D-saccharide D-psicose 'C6 H12 O6'
PSV D-saccharide, alpha linking alpha-D-psicofuranose 'C6 H12 O6'
#
# COMPACT_ATOMS: atom_id res chain seq x y z
N MET A 1 -25.09 -34.29 12.00
CA MET A 1 -23.69 -34.58 12.39
C MET A 1 -22.97 -35.26 11.24
N VAL A 2 -21.68 -34.99 11.06
CA VAL A 2 -20.84 -35.69 10.06
C VAL A 2 -20.72 -37.16 10.48
N LYS A 3 -21.01 -38.07 9.56
CA LYS A 3 -20.91 -39.53 9.81
C LYS A 3 -19.44 -39.90 9.73
N PRO A 4 -18.87 -40.52 10.79
CA PRO A 4 -17.47 -40.96 10.74
C PRO A 4 -17.15 -41.82 9.50
N GLU A 5 -18.13 -42.55 8.98
CA GLU A 5 -17.96 -43.41 7.77
C GLU A 5 -17.67 -42.52 6.57
N GLU A 6 -18.32 -41.35 6.50
CA GLU A 6 -18.13 -40.34 5.42
C GLU A 6 -16.67 -39.85 5.47
N VAL A 7 -16.18 -39.56 6.69
CA VAL A 7 -14.78 -39.10 6.93
C VAL A 7 -13.82 -40.20 6.48
N ASP A 8 -14.06 -41.44 6.92
CA ASP A 8 -13.17 -42.60 6.63
C ASP A 8 -13.14 -42.82 5.12
N LYS A 9 -14.31 -42.86 4.46
CA LYS A 9 -14.44 -43.05 2.99
C LYS A 9 -13.68 -41.94 2.24
N ALA A 10 -13.96 -40.67 2.56
CA ALA A 10 -13.32 -39.51 1.90
C ALA A 10 -11.80 -39.62 2.09
N TYR A 11 -11.35 -40.04 3.28
CA TYR A 11 -9.91 -40.13 3.60
C TYR A 11 -9.23 -41.20 2.73
N GLU A 12 -9.83 -42.39 2.62
CA GLU A 12 -9.24 -43.50 1.84
C GLU A 12 -9.02 -43.03 0.40
N VAL A 13 -9.97 -42.30 -0.18
CA VAL A 13 -9.87 -41.83 -1.59
C VAL A 13 -8.79 -40.74 -1.67
N ALA A 14 -8.77 -39.84 -0.70
CA ALA A 14 -7.78 -38.75 -0.60
C ALA A 14 -6.37 -39.36 -0.47
N LYS A 15 -6.21 -40.33 0.44
CA LYS A 15 -4.91 -41.04 0.63
C LYS A 15 -4.39 -41.51 -0.73
N GLN A 16 -5.26 -42.09 -1.57
CA GLN A 16 -4.89 -42.65 -2.90
C GLN A 16 -4.57 -41.51 -3.87
N ARG A 17 -5.37 -40.45 -3.92
CA ARG A 17 -5.12 -39.30 -4.82
C ARG A 17 -3.75 -38.70 -4.51
N TYR A 18 -3.41 -38.54 -3.22
CA TYR A 18 -2.10 -37.98 -2.78
C TYR A 18 -1.00 -39.01 -3.08
N ALA A 19 -1.22 -40.29 -2.80
CA ALA A 19 -0.18 -41.33 -3.05
C ALA A 19 0.18 -41.29 -4.55
N GLU A 20 -0.81 -41.05 -5.42
CA GLU A 20 -0.63 -41.04 -6.89
C GLU A 20 0.41 -39.98 -7.28
N ILE A 21 0.56 -38.91 -6.49
CA ILE A 21 1.47 -37.77 -6.82
C ILE A 21 2.67 -37.76 -5.86
N GLY A 22 2.88 -38.84 -5.10
CA GLY A 22 4.07 -39.04 -4.25
C GLY A 22 3.94 -38.38 -2.88
N VAL A 23 2.71 -38.23 -2.38
CA VAL A 23 2.42 -37.63 -1.04
C VAL A 23 1.80 -38.69 -0.13
N ASP A 24 2.35 -38.82 1.07
CA ASP A 24 1.92 -39.76 2.14
C ASP A 24 1.05 -39.03 3.16
N THR A 25 -0.27 -39.19 3.08
CA THR A 25 -1.25 -38.45 3.91
C THR A 25 -1.08 -38.85 5.38
N ASP A 26 -0.75 -40.11 5.65
CA ASP A 26 -0.57 -40.62 7.03
C ASP A 26 0.63 -39.88 7.62
N ALA A 27 1.71 -39.72 6.85
CA ALA A 27 2.95 -39.05 7.30
C ALA A 27 2.69 -37.56 7.52
N ALA A 28 1.87 -36.93 6.67
CA ALA A 28 1.51 -35.51 6.77
C ALA A 28 0.84 -35.27 8.13
N MET A 29 -0.08 -36.14 8.53
CA MET A 29 -0.84 -35.97 9.80
C MET A 29 0.10 -36.15 10.99
N LYS A 30 1.04 -37.12 10.93
CA LYS A 30 2.06 -37.30 12.00
C LYS A 30 2.87 -36.01 12.16
N GLU A 31 3.22 -35.36 11.04
CA GLU A 31 4.03 -34.11 11.06
C GLU A 31 3.20 -33.00 11.74
N LEU A 32 1.93 -32.87 11.36
CA LEU A 32 1.04 -31.81 11.90
C LEU A 32 0.94 -31.93 13.43
N GLU A 33 0.87 -33.15 13.98
CA GLU A 33 0.59 -33.29 15.44
C GLU A 33 1.84 -32.86 16.23
N LYS A 34 2.98 -32.64 15.56
CA LYS A 34 4.24 -32.16 16.21
C LYS A 34 4.35 -30.63 16.19
N VAL A 35 3.32 -29.92 15.71
CA VAL A 35 3.34 -28.42 15.66
C VAL A 35 2.35 -27.86 16.66
N PRO A 36 2.82 -27.49 17.87
CA PRO A 36 1.96 -26.84 18.87
C PRO A 36 1.74 -25.36 18.54
N LEU A 37 0.51 -24.88 18.73
CA LEU A 37 0.18 -23.44 18.63
C LEU A 37 0.07 -22.87 20.04
N SER A 38 0.65 -21.69 20.28
CA SER A 38 0.59 -21.01 21.59
C SER A 38 -0.65 -20.10 21.57
N VAL A 39 -1.71 -20.58 22.21
CA VAL A 39 -3.05 -19.92 22.29
C VAL A 39 -2.95 -18.81 23.34
N HIS A 40 -3.19 -17.58 22.93
CA HIS A 40 -3.10 -16.36 23.78
C HIS A 40 -4.31 -16.30 24.70
N CYS A 41 -4.08 -16.17 26.02
CA CYS A 41 -5.15 -16.15 27.05
C CYS A 41 -6.03 -14.89 26.90
N TRP A 42 -5.50 -13.79 26.35
CA TRP A 42 -6.13 -12.44 26.47
C TRP A 42 -7.35 -12.29 25.56
N GLN A 43 -7.57 -13.20 24.61
CA GLN A 43 -8.79 -13.19 23.78
C GLN A 43 -10.01 -13.51 24.67
N GLY A 44 -9.80 -14.22 25.78
CA GLY A 44 -10.89 -14.71 26.66
C GLY A 44 -11.55 -13.60 27.47
N ASP A 45 -10.84 -12.53 27.77
CA ASP A 45 -11.34 -11.47 28.69
C ASP A 45 -10.98 -10.08 28.16
N ASP A 46 -10.78 -9.92 26.85
CA ASP A 46 -10.58 -8.59 26.20
C ASP A 46 -9.35 -7.91 26.81
N ILE A 47 -8.35 -8.71 27.14
CA ILE A 47 -7.04 -8.25 27.71
C ILE A 47 -7.25 -7.46 29.01
N HIS A 48 -8.28 -7.77 29.81
CA HIS A 48 -8.51 -7.12 31.12
C HIS A 48 -7.45 -7.58 32.12
N GLY A 49 -7.12 -8.88 32.11
CA GLY A 49 -6.29 -9.50 33.16
C GLY A 49 -6.96 -9.42 34.53
N PHE A 50 -6.19 -9.61 35.59
CA PHE A 50 -6.71 -9.74 36.98
C PHE A 50 -6.02 -8.74 37.91
N LEU A 51 -4.92 -8.15 37.47
CA LEU A 51 -4.03 -7.30 38.33
C LEU A 51 -4.74 -5.98 38.65
N PHE A 52 -5.41 -5.37 37.66
CA PHE A 52 -6.04 -4.03 37.78
C PHE A 52 -7.47 -4.05 37.21
N PRO A 53 -8.50 -4.36 38.01
CA PRO A 53 -9.87 -4.35 37.50
C PRO A 53 -10.25 -2.99 36.89
N ASN A 54 -10.68 -3.00 35.62
CA ASN A 54 -11.29 -1.84 34.90
C ASN A 54 -10.23 -0.85 34.41
N GLN A 55 -8.95 -1.20 34.40
CA GLN A 55 -7.89 -0.37 33.77
C GLN A 55 -8.20 -0.27 32.26
N GLU A 56 -8.16 0.93 31.70
CA GLU A 56 -8.43 1.19 30.26
C GLU A 56 -7.30 0.59 29.41
N LEU A 57 -7.67 -0.02 28.28
CA LEU A 57 -6.72 -0.67 27.31
C LEU A 57 -6.04 0.42 26.48
N THR A 58 -4.70 0.54 26.60
CA THR A 58 -3.88 1.56 25.88
C THR A 58 -2.75 0.85 25.13
N GLY A 59 -1.99 1.59 24.30
CA GLY A 59 -0.74 1.13 23.69
C GLY A 59 -0.81 0.95 22.17
N GLY A 60 -1.75 1.61 21.48
CA GLY A 60 -1.89 1.56 20.02
C GLY A 60 -2.79 0.42 19.54
N ILE A 61 -3.39 -0.32 20.49
CA ILE A 61 -4.20 -1.55 20.24
C ILE A 61 -5.58 -1.37 20.85
N GLY A 62 -6.62 -1.95 20.21
CA GLY A 62 -8.02 -1.81 20.63
C GLY A 62 -8.79 -3.11 20.48
N VAL A 63 -9.84 -3.28 21.30
CA VAL A 63 -10.83 -4.41 21.22
C VAL A 63 -12.20 -3.81 20.92
N SER A 64 -12.80 -4.18 19.78
CA SER A 64 -14.20 -3.85 19.41
C SER A 64 -15.08 -5.07 19.72
N GLY A 65 -16.30 -4.82 20.21
CA GLY A 65 -17.36 -5.84 20.39
C GLY A 65 -17.83 -5.97 21.83
N ASN A 66 -18.98 -6.61 22.05
CA ASN A 66 -19.53 -6.89 23.40
C ASN A 66 -20.40 -8.14 23.33
N TYR A 67 -19.89 -9.23 22.76
CA TYR A 67 -20.56 -10.56 22.80
C TYR A 67 -20.70 -10.98 24.25
N PRO A 68 -21.81 -11.63 24.63
CA PRO A 68 -22.00 -12.08 26.01
C PRO A 68 -20.93 -13.10 26.46
N GLY A 69 -20.75 -13.22 27.76
CA GLY A 69 -20.09 -14.39 28.38
C GLY A 69 -18.59 -14.19 28.57
N ILE A 70 -18.12 -12.95 28.61
CA ILE A 70 -16.67 -12.65 28.81
C ILE A 70 -16.22 -13.34 30.11
N ALA A 71 -15.00 -13.86 30.15
CA ALA A 71 -14.38 -14.40 31.37
C ALA A 71 -14.06 -13.21 32.28
N ARG A 72 -14.32 -13.32 33.59
CA ARG A 72 -14.05 -12.22 34.56
C ARG A 72 -13.20 -12.72 35.73
N THR A 73 -12.89 -14.01 35.81
CA THR A 73 -12.07 -14.61 36.89
C THR A 73 -11.08 -15.58 36.28
N PRO A 74 -9.97 -15.90 37.00
CA PRO A 74 -9.04 -16.94 36.56
C PRO A 74 -9.78 -18.23 36.19
N ASP A 75 -10.71 -18.69 37.03
CA ASP A 75 -11.41 -19.98 36.84
C ASP A 75 -12.22 -19.94 35.54
N GLU A 76 -12.86 -18.81 35.26
CA GLU A 76 -13.70 -18.66 34.04
C GLU A 76 -12.79 -18.68 32.81
N LEU A 77 -11.65 -17.97 32.86
CA LEU A 77 -10.73 -17.88 31.72
C LEU A 77 -10.10 -19.27 31.47
N ALA A 78 -9.75 -19.96 32.55
CA ALA A 78 -9.14 -21.31 32.50
C ALA A 78 -10.14 -22.28 31.87
N GLY A 79 -11.40 -22.24 32.33
CA GLY A 79 -12.47 -23.06 31.75
C GLY A 79 -12.64 -22.78 30.27
N ASP A 80 -12.65 -21.50 29.88
CA ASP A 80 -12.86 -21.06 28.47
C ASP A 80 -11.72 -21.60 27.60
N MET A 81 -10.47 -21.49 28.06
CA MET A 81 -9.30 -22.02 27.31
C MET A 81 -9.41 -23.55 27.22
N HIS A 82 -9.79 -24.23 28.31
CA HIS A 82 -10.05 -25.69 28.31
C HIS A 82 -11.04 -26.05 27.19
N GLU A 83 -12.15 -25.30 27.09
CA GLU A 83 -13.21 -25.58 26.10
C GLU A 83 -12.65 -25.41 24.68
N ALA A 84 -11.94 -24.31 24.41
CA ALA A 84 -11.31 -24.04 23.10
C ALA A 84 -10.35 -25.18 22.77
N LEU A 85 -9.44 -25.51 23.68
CA LEU A 85 -8.41 -26.56 23.42
C LEU A 85 -9.10 -27.90 23.15
N SER A 86 -10.26 -28.15 23.77
CA SER A 86 -11.03 -29.42 23.62
C SER A 86 -11.54 -29.56 22.19
N LEU A 87 -11.60 -28.46 21.43
CA LEU A 87 -12.17 -28.40 20.06
C LEU A 87 -11.04 -28.22 19.03
N ILE A 88 -9.80 -28.11 19.51
CA ILE A 88 -8.60 -28.00 18.65
C ILE A 88 -7.82 -29.32 18.73
N PRO A 89 -7.63 -30.02 17.60
CA PRO A 89 -7.00 -31.33 17.61
C PRO A 89 -5.49 -31.23 17.92
N GLY A 90 -4.99 -32.20 18.66
CA GLY A 90 -3.57 -32.29 19.04
C GLY A 90 -3.32 -31.53 20.34
N LYS A 91 -2.05 -31.31 20.65
CA LYS A 91 -1.61 -30.75 21.95
C LYS A 91 -0.90 -29.43 21.67
N HIS A 92 -1.22 -28.41 22.45
CA HIS A 92 -0.81 -27.02 22.15
C HIS A 92 -0.22 -26.37 23.39
N ARG A 93 -0.06 -25.05 23.34
CA ARG A 93 0.53 -24.24 24.42
C ARG A 93 -0.41 -23.06 24.66
N VAL A 94 -0.22 -22.37 25.78
CA VAL A 94 -0.94 -21.13 26.15
C VAL A 94 0.08 -20.04 26.43
N GLN A 95 -0.17 -18.84 25.91
CA GLN A 95 0.55 -17.59 26.22
C GLN A 95 -0.15 -16.87 27.37
N LEU A 96 0.60 -16.47 28.40
CA LEU A 96 0.11 -15.58 29.47
C LEU A 96 0.61 -14.17 29.19
N HIS A 97 -0.09 -13.17 29.73
CA HIS A 97 0.43 -11.79 29.95
C HIS A 97 0.66 -11.61 31.45
N ALA A 98 1.60 -10.72 31.82
CA ALA A 98 1.95 -10.44 33.22
C ALA A 98 0.68 -10.08 34.01
N ILE A 99 -0.27 -9.36 33.40
CA ILE A 99 -1.47 -8.89 34.13
C ILE A 99 -2.41 -10.06 34.48
N TYR A 100 -2.10 -11.29 34.05
CA TYR A 100 -2.92 -12.50 34.37
C TYR A 100 -2.41 -13.15 35.66
N ALA A 101 -1.51 -12.47 36.38
CA ALA A 101 -1.08 -12.84 37.74
C ALA A 101 -2.31 -13.16 38.60
N VAL A 102 -2.24 -14.21 39.41
CA VAL A 102 -3.34 -14.64 40.33
C VAL A 102 -2.81 -14.62 41.76
N THR A 103 -3.20 -13.61 42.54
CA THR A 103 -2.71 -13.43 43.93
C THR A 103 -3.67 -12.52 44.70
N ASP A 104 -3.75 -12.69 46.02
CA ASP A 104 -4.52 -11.79 46.92
C ASP A 104 -3.56 -10.73 47.47
N LYS A 105 -2.30 -10.75 47.04
CA LYS A 105 -1.29 -9.75 47.47
C LYS A 105 -1.43 -8.51 46.60
N LYS A 106 -1.26 -7.33 47.21
CA LYS A 106 -1.24 -6.04 46.49
C LYS A 106 0.00 -6.03 45.60
N ARG A 107 -0.17 -5.98 44.29
CA ARG A 107 0.96 -6.04 43.33
C ARG A 107 0.86 -4.89 42.33
N ASP A 108 2.00 -4.38 41.92
CA ASP A 108 2.17 -3.55 40.71
C ASP A 108 3.07 -4.33 39.75
N LEU A 109 3.30 -3.82 38.55
CA LEU A 109 4.02 -4.56 37.49
C LEU A 109 5.49 -4.73 37.91
N ASP A 110 5.99 -3.87 38.80
CA ASP A 110 7.41 -3.90 39.25
C ASP A 110 7.55 -4.68 40.56
N THR A 111 6.48 -5.29 41.07
CA THR A 111 6.55 -6.05 42.36
C THR A 111 5.95 -7.46 42.21
N LEU A 112 5.60 -7.86 40.98
CA LEU A 112 5.09 -9.22 40.67
C LEU A 112 6.13 -10.24 41.12
N GLU A 113 5.67 -11.41 41.57
CA GLU A 113 6.53 -12.52 42.04
C GLU A 113 6.19 -13.77 41.23
N PRO A 114 7.19 -14.65 40.96
CA PRO A 114 6.94 -15.90 40.25
C PRO A 114 5.73 -16.68 40.78
N GLU A 115 5.53 -16.72 42.10
CA GLU A 115 4.46 -17.51 42.77
C GLU A 115 3.08 -17.00 42.37
N ASP A 116 2.99 -15.76 41.89
CA ASP A 116 1.73 -15.13 41.39
C ASP A 116 1.23 -15.88 40.15
N PHE A 117 2.03 -16.80 39.63
CA PHE A 117 1.70 -17.60 38.42
C PHE A 117 1.59 -19.08 38.75
N ASP A 118 1.69 -19.44 40.03
CA ASP A 118 1.47 -20.84 40.51
C ASP A 118 0.12 -21.34 39.98
N TYR A 119 -0.92 -20.50 40.02
CA TYR A 119 -2.27 -20.86 39.56
C TYR A 119 -2.19 -21.44 38.13
N TRP A 120 -1.46 -20.74 37.26
CA TRP A 120 -1.35 -21.07 35.81
C TRP A 120 -0.43 -22.27 35.62
N ILE A 121 0.59 -22.42 36.45
CA ILE A 121 1.49 -23.61 36.41
C ILE A 121 0.63 -24.85 36.72
N ASP A 122 -0.18 -24.78 37.78
CA ASP A 122 -1.09 -25.88 38.20
C ASP A 122 -2.04 -26.18 37.04
N TRP A 123 -2.66 -25.15 36.46
CA TRP A 123 -3.63 -25.30 35.36
C TRP A 123 -2.95 -25.96 34.15
N ALA A 124 -1.78 -25.46 33.75
CA ALA A 124 -1.01 -25.96 32.57
C ALA A 124 -0.67 -27.44 32.77
N LYS A 125 -0.30 -27.84 33.99
CA LYS A 125 0.05 -29.25 34.30
C LYS A 125 -1.20 -30.13 34.16
N GLN A 126 -2.33 -29.68 34.71
CA GLN A 126 -3.63 -30.40 34.65
C GLN A 126 -4.09 -30.46 33.18
N GLU A 127 -3.98 -29.35 32.44
CA GLU A 127 -4.45 -29.28 31.03
C GLU A 127 -3.51 -30.08 30.12
N GLY A 128 -2.22 -30.21 30.49
CA GLY A 128 -1.18 -30.84 29.66
C GLY A 128 -0.72 -29.91 28.54
N VAL A 129 -0.37 -28.66 28.86
CA VAL A 129 0.13 -27.66 27.87
C VAL A 129 1.36 -26.96 28.43
N GLY A 130 2.27 -26.56 27.55
CA GLY A 130 3.36 -25.62 27.87
C GLY A 130 2.83 -24.20 27.96
N LEU A 131 3.57 -23.32 28.62
CA LEU A 131 3.23 -21.88 28.77
C LEU A 131 4.33 -21.03 28.15
N ASP A 132 3.92 -20.01 27.42
CA ASP A 132 4.79 -18.89 26.97
C ASP A 132 4.31 -17.66 27.71
N PHE A 133 5.12 -16.60 27.71
CA PHE A 133 4.91 -15.41 28.57
C PHE A 133 5.10 -14.13 27.74
N ASN A 134 4.36 -13.10 28.14
CA ASN A 134 4.50 -11.71 27.63
C ASN A 134 4.50 -10.77 28.83
N GLY A 135 5.55 -9.95 28.98
CA GLY A 135 5.52 -8.79 29.87
C GLY A 135 4.44 -7.82 29.40
N THR A 136 3.80 -7.12 30.33
CA THR A 136 2.71 -6.17 30.02
C THR A 136 3.23 -4.72 30.12
N PHE A 137 3.52 -4.11 28.98
CA PHE A 137 4.16 -2.79 28.87
C PHE A 137 3.14 -1.77 28.35
N PHE A 138 1.90 -1.86 28.83
CA PHE A 138 0.79 -1.00 28.35
C PHE A 138 -0.34 -0.97 29.38
N SER A 139 -1.32 -0.08 29.17
CA SER A 139 -2.52 0.08 30.03
C SER A 139 -2.08 0.33 31.48
N HIS A 140 -1.19 1.31 31.68
CA HIS A 140 -0.61 1.63 33.00
C HIS A 140 -0.27 3.11 33.06
N PRO A 141 -0.51 3.78 34.21
CA PRO A 141 -0.18 5.19 34.37
C PRO A 141 1.32 5.48 34.20
N MET A 142 2.18 4.47 34.26
CA MET A 142 3.65 4.67 34.09
C MET A 142 4.00 4.63 32.59
N VAL A 143 3.02 4.38 31.72
CA VAL A 143 3.23 4.60 30.26
C VAL A 143 3.18 6.11 30.03
N LYS A 144 4.34 6.75 29.82
CA LYS A 144 4.44 8.22 29.70
C LYS A 144 4.61 8.60 28.24
N ASP A 145 3.62 9.30 27.66
CA ASP A 145 3.66 9.68 26.22
C ASP A 145 3.98 8.44 25.37
N ASN A 146 3.31 7.33 25.66
CA ASN A 146 3.37 6.09 24.84
C ASN A 146 4.75 5.44 24.93
N MET A 147 5.55 5.77 25.94
CA MET A 147 6.90 5.18 26.09
C MET A 147 7.05 4.55 27.48
N THR A 148 7.87 3.50 27.53
CA THR A 148 8.06 2.64 28.73
C THR A 148 9.56 2.46 28.94
N VAL A 149 10.10 1.36 28.45
CA VAL A 149 11.53 0.96 28.61
C VAL A 149 12.47 2.05 28.04
N SER A 150 12.07 2.71 26.95
CA SER A 150 12.95 3.65 26.20
C SER A 150 12.45 5.10 26.36
N SER A 151 11.57 5.35 27.34
CA SER A 151 11.19 6.72 27.80
C SER A 151 12.44 7.55 28.05
N PRO A 152 12.44 8.87 27.71
CA PRO A 152 13.53 9.76 28.11
C PRO A 152 13.53 10.04 29.61
N ASP A 153 12.41 9.75 30.28
CA ASP A 153 12.25 9.87 31.77
C ASP A 153 12.90 8.65 32.44
N PRO A 154 14.00 8.83 33.19
CA PRO A 154 14.67 7.70 33.83
C PRO A 154 13.79 6.90 34.83
N LYS A 155 12.89 7.58 35.54
CA LYS A 155 11.98 6.94 36.53
C LYS A 155 11.06 5.95 35.80
N VAL A 156 10.57 6.36 34.65
CA VAL A 156 9.69 5.51 33.79
C VAL A 156 10.53 4.33 33.29
N ARG A 157 11.69 4.60 32.70
CA ARG A 157 12.66 3.57 32.26
C ARG A 157 12.86 2.55 33.40
N ASP A 158 13.20 3.02 34.60
CA ASP A 158 13.60 2.14 35.73
C ASP A 158 12.42 1.25 36.10
N PHE A 159 11.21 1.80 36.12
CA PHE A 159 9.98 1.06 36.47
C PHE A 159 9.81 -0.12 35.49
N TRP A 160 9.95 0.16 34.19
CA TRP A 160 9.67 -0.82 33.10
C TRP A 160 10.85 -1.81 32.95
N ILE A 161 12.07 -1.38 33.26
CA ILE A 161 13.26 -2.28 33.30
C ILE A 161 13.06 -3.30 34.43
N ARG A 162 12.56 -2.86 35.59
CA ARG A 162 12.23 -3.77 36.73
C ARG A 162 11.16 -4.77 36.26
N HIS A 163 10.13 -4.31 35.54
CA HIS A 163 9.08 -5.23 35.04
C HIS A 163 9.70 -6.22 34.05
N GLY A 164 10.56 -5.73 33.16
CA GLY A 164 11.28 -6.57 32.17
C GLY A 164 12.07 -7.67 32.86
N LYS A 165 12.82 -7.32 33.90
CA LYS A 165 13.66 -8.29 34.63
C LYS A 165 12.76 -9.34 35.30
N ILE A 166 11.66 -8.89 35.91
CA ILE A 166 10.69 -9.78 36.59
C ILE A 166 10.04 -10.72 35.56
N SER A 167 9.75 -10.26 34.35
CA SER A 167 9.14 -11.13 33.31
C SER A 167 10.08 -12.34 33.09
N ARG A 168 11.40 -12.09 33.09
CA ARG A 168 12.42 -13.15 32.87
C ARG A 168 12.45 -14.10 34.06
N GLU A 169 12.36 -13.58 35.29
CA GLU A 169 12.40 -14.39 36.53
C GLU A 169 11.14 -15.25 36.58
N ILE A 170 9.97 -14.68 36.27
CA ILE A 170 8.68 -15.42 36.25
C ILE A 170 8.80 -16.55 35.22
N SER A 171 9.31 -16.23 34.02
CA SER A 171 9.41 -17.16 32.87
C SER A 171 10.34 -18.31 33.25
N ASN A 172 11.47 -18.00 33.87
CA ASN A 172 12.46 -19.00 34.33
C ASN A 172 11.81 -19.99 35.31
N TYR A 173 11.03 -19.45 36.26
CA TYR A 173 10.33 -20.22 37.32
C TYR A 173 9.28 -21.13 36.68
N ILE A 174 8.48 -20.60 35.76
CA ILE A 174 7.44 -21.41 35.05
C ILE A 174 8.13 -22.54 34.29
N GLY A 175 9.20 -22.20 33.55
CA GLY A 175 9.95 -23.17 32.73
C GLY A 175 10.50 -24.31 33.58
N GLU A 176 11.03 -23.96 34.75
CA GLU A 176 11.60 -24.96 35.72
C GLU A 176 10.48 -25.89 36.17
N LYS A 177 9.33 -25.35 36.57
CA LYS A 177 8.18 -26.13 37.12
C LYS A 177 7.56 -27.00 36.03
N LEU A 178 7.38 -26.46 34.82
CA LEU A 178 6.66 -27.15 33.71
C LEU A 178 7.59 -28.14 33.00
N GLY A 179 8.90 -27.93 33.05
CA GLY A 179 9.87 -28.75 32.29
C GLY A 179 9.75 -28.48 30.81
N SER A 180 9.40 -27.25 30.45
CA SER A 180 9.23 -26.82 29.04
C SER A 180 9.64 -25.35 28.92
N GLN A 181 10.52 -25.03 27.97
CA GLN A 181 11.09 -23.68 27.79
C GLN A 181 9.95 -22.68 27.55
N VAL A 182 9.94 -21.60 28.34
CA VAL A 182 8.99 -20.47 28.22
C VAL A 182 9.59 -19.45 27.24
N VAL A 183 8.96 -19.23 26.08
CA VAL A 183 9.35 -18.07 25.25
C VAL A 183 8.74 -16.83 25.92
N ASN A 184 9.59 -15.89 26.30
CA ASN A 184 9.21 -14.63 26.99
C ASN A 184 9.25 -13.52 25.96
N ASN A 185 8.08 -13.15 25.42
CA ASN A 185 7.93 -12.19 24.30
C ASN A 185 7.83 -10.77 24.84
N PHE A 186 8.67 -9.88 24.34
CA PHE A 186 8.74 -8.44 24.70
C PHE A 186 8.10 -7.63 23.57
N TRP A 187 6.97 -6.98 23.89
CA TRP A 187 6.36 -5.94 23.01
C TRP A 187 6.23 -4.64 23.79
N LEU A 188 6.77 -3.56 23.23
CA LEU A 188 6.71 -2.20 23.80
C LEU A 188 5.92 -1.30 22.85
N PRO A 189 5.03 -0.43 23.38
CA PRO A 189 4.29 0.53 22.56
C PRO A 189 5.16 1.70 22.07
N ASP A 190 6.34 1.84 22.66
CA ASP A 190 7.22 3.05 22.58
C ASP A 190 7.26 3.62 21.16
N GLY A 191 6.91 4.91 21.03
CA GLY A 191 6.92 5.59 19.72
C GLY A 191 6.36 6.97 19.84
N PHE A 192 6.12 7.62 18.70
CA PHE A 192 5.52 8.97 18.62
C PHE A 192 4.30 8.94 17.72
N LYS A 193 3.28 9.71 18.12
CA LYS A 193 2.08 9.96 17.30
C LYS A 193 2.46 10.72 16.04
N ASP A 194 3.27 11.78 16.18
CA ASP A 194 3.61 12.67 15.04
C ASP A 194 5.11 12.56 14.75
N ASN A 195 5.58 13.25 13.72
CA ASN A 195 6.93 13.08 13.15
C ASN A 195 7.98 13.50 14.17
N PRO A 196 8.91 12.59 14.54
CA PRO A 196 9.98 12.94 15.48
C PRO A 196 11.12 13.72 14.83
N ILE A 197 11.84 14.49 15.64
CA ILE A 197 13.14 15.13 15.27
C ILE A 197 14.28 14.12 15.40
N ASP A 198 14.30 13.40 16.51
CA ASP A 198 15.41 12.48 16.90
C ASP A 198 14.90 11.03 16.86
N LYS A 199 15.31 10.29 15.84
CA LYS A 199 14.99 8.85 15.65
C LYS A 199 16.09 7.97 16.25
N LYS A 200 17.28 8.53 16.42
CA LYS A 200 18.50 7.80 16.84
C LYS A 200 18.44 7.50 18.34
N THR A 201 18.21 8.54 19.16
CA THR A 201 18.41 8.48 20.62
C THR A 201 17.38 7.54 21.25
N PRO A 202 16.09 7.53 20.83
CA PRO A 202 15.14 6.58 21.40
C PRO A 202 15.60 5.13 21.20
N ARG A 203 16.16 4.82 20.04
CA ARG A 203 16.62 3.44 19.71
C ARG A 203 17.90 3.12 20.48
N LEU A 204 18.75 4.09 20.76
CA LEU A 204 19.94 3.88 21.64
C LEU A 204 19.47 3.67 23.08
N ARG A 205 18.44 4.38 23.54
CA ARG A 205 17.84 4.19 24.89
C ARG A 205 17.26 2.76 24.98
N LEU A 206 16.56 2.34 23.93
CA LEU A 206 15.96 0.96 23.86
C LEU A 206 17.09 -0.07 23.95
N LEU A 207 18.13 0.08 23.13
CA LEU A 207 19.26 -0.87 23.08
C LEU A 207 19.83 -1.04 24.49
N LYS A 208 20.11 0.08 25.18
CA LYS A 208 20.76 0.08 26.51
C LYS A 208 19.83 -0.61 27.51
N ALA A 209 18.53 -0.29 27.46
CA ALA A 209 17.50 -0.78 28.40
C ALA A 209 17.30 -2.29 28.22
N LEU A 210 17.22 -2.77 26.99
CA LEU A 210 17.06 -4.22 26.70
C LEU A 210 18.30 -4.97 27.20
N ASP A 211 19.50 -4.45 26.96
CA ASP A 211 20.76 -5.08 27.40
C ASP A 211 20.73 -5.22 28.94
N GLU A 212 20.23 -4.21 29.65
CA GLU A 212 20.10 -4.25 31.13
C GLU A 212 19.09 -5.34 31.51
N ILE A 213 17.95 -5.42 30.81
CA ILE A 213 16.88 -6.39 31.16
C ILE A 213 17.42 -7.82 31.07
N ILE A 214 18.21 -8.14 30.05
CA ILE A 214 18.63 -9.55 29.76
C ILE A 214 20.00 -9.84 30.39
N LYS A 215 20.57 -8.90 31.15
CA LYS A 215 21.97 -9.01 31.67
C LYS A 215 22.13 -10.27 32.55
N ASP A 216 21.25 -10.48 33.52
CA ASP A 216 21.39 -11.57 34.52
C ASP A 216 21.07 -12.89 33.82
N PRO A 217 22.05 -13.82 33.72
CA PRO A 217 21.86 -15.06 32.97
C PRO A 217 20.80 -15.96 33.61
N LEU A 218 19.96 -16.59 32.80
CA LEU A 218 18.98 -17.60 33.26
C LEU A 218 19.10 -18.83 32.37
N PRO A 219 18.84 -20.04 32.91
CA PRO A 219 18.93 -21.27 32.12
C PRO A 219 18.06 -21.25 30.85
N GLU A 220 18.69 -21.49 29.70
CA GLU A 220 18.02 -21.51 28.39
C GLU A 220 16.96 -22.63 28.39
N LYS A 221 17.17 -23.69 29.16
CA LYS A 221 16.20 -24.82 29.18
C LYS A 221 14.86 -24.30 29.75
N ASN A 222 14.88 -23.25 30.56
CA ASN A 222 13.69 -22.73 31.29
C ASN A 222 13.02 -21.61 30.48
N THR A 223 13.80 -20.69 29.91
CA THR A 223 13.28 -19.50 29.21
C THR A 223 14.27 -18.95 28.19
N ILE A 224 13.73 -18.37 27.13
CA ILE A 224 14.49 -17.49 26.20
C ILE A 224 13.57 -16.33 25.80
N GLU A 225 14.16 -15.18 25.53
CA GLU A 225 13.40 -13.96 25.21
C GLU A 225 13.21 -13.85 23.70
N SER A 226 12.08 -13.31 23.29
CA SER A 226 11.81 -12.92 21.88
C SER A 226 11.38 -11.45 21.88
N PHE A 227 11.64 -10.75 20.79
CA PHE A 227 11.43 -9.29 20.67
C PHE A 227 10.52 -9.01 19.48
N GLU A 228 9.42 -8.32 19.75
CA GLU A 228 8.30 -8.09 18.81
C GLU A 228 8.28 -6.63 18.37
N GLY A 229 8.58 -6.40 17.09
CA GLY A 229 8.49 -5.09 16.44
C GLY A 229 7.09 -4.81 15.93
N LYS A 230 6.90 -3.58 15.48
CA LYS A 230 5.60 -3.09 14.99
C LYS A 230 5.89 -1.91 14.08
N LEU A 231 5.06 -1.69 13.04
CA LEU A 231 5.26 -0.52 12.14
C LEU A 231 4.57 0.69 12.75
N PHE A 232 3.33 0.53 13.21
CA PHE A 232 2.53 1.64 13.77
C PHE A 232 1.37 1.10 14.60
N GLY A 233 0.88 1.94 15.52
CA GLY A 233 -0.33 1.69 16.29
C GLY A 233 -1.17 2.94 16.45
N THR A 234 -2.42 2.77 16.86
CA THR A 234 -3.39 3.85 17.17
C THR A 234 -2.75 4.81 18.17
N GLY A 235 -2.72 6.09 17.83
CA GLY A 235 -2.14 7.14 18.68
C GLY A 235 -0.63 7.11 18.72
N ILE A 236 0.00 6.19 17.98
CA ILE A 236 1.49 6.07 17.89
C ILE A 236 1.89 5.81 16.45
N GLU A 237 1.31 6.60 15.51
CA GLU A 237 1.28 6.24 14.07
C GLU A 237 2.62 6.52 13.38
N SER A 238 3.39 7.53 13.80
CA SER A 238 4.44 8.15 12.95
C SER A 238 5.79 7.46 13.16
N TYR A 239 6.04 6.93 14.35
CA TYR A 239 7.36 6.34 14.69
C TYR A 239 7.18 5.30 15.79
N THR A 240 7.79 4.13 15.57
CA THR A 240 7.86 3.03 16.54
C THR A 240 9.33 2.84 16.89
N THR A 241 9.68 3.00 18.16
CA THR A 241 11.09 2.87 18.60
C THR A 241 11.57 1.47 18.24
N GLY A 242 10.84 0.46 18.69
CA GLY A 242 11.15 -0.96 18.42
C GLY A 242 10.65 -1.37 17.06
N SER A 243 11.39 -1.02 15.99
CA SER A 243 11.08 -1.37 14.59
C SER A 243 11.46 -2.82 14.30
N HIS A 244 10.91 -3.38 13.23
CA HIS A 244 11.28 -4.74 12.75
C HIS A 244 12.79 -4.82 12.52
N GLU A 245 13.39 -3.80 11.92
CA GLU A 245 14.85 -3.81 11.61
C GLU A 245 15.60 -3.79 12.92
N PHE A 246 15.19 -2.92 13.85
CA PHE A 246 15.85 -2.82 15.17
C PHE A 246 15.86 -4.20 15.83
N TYR A 247 14.73 -4.90 15.86
CA TYR A 247 14.60 -6.13 16.67
C TYR A 247 15.26 -7.32 15.96
N GLN A 248 15.23 -7.39 14.63
CA GLN A 248 15.95 -8.47 13.91
C GLN A 248 17.43 -8.28 14.19
N ASN A 249 17.93 -7.05 14.08
CA ASN A 249 19.35 -6.75 14.40
C ASN A 249 19.63 -7.14 15.86
N TYR A 250 18.72 -6.79 16.77
CA TYR A 250 18.92 -6.98 18.22
C TYR A 250 18.94 -8.49 18.52
N ALA A 251 17.97 -9.24 17.99
CA ALA A 251 17.84 -10.70 18.20
C ALA A 251 19.12 -11.38 17.72
N ILE A 252 19.56 -11.08 16.50
CA ILE A 252 20.77 -11.73 15.91
C ILE A 252 21.98 -11.39 16.78
N SER A 253 22.15 -10.13 17.19
CA SER A 253 23.41 -9.70 17.86
C SER A 253 23.44 -10.20 19.31
N ARG A 254 22.29 -10.30 19.98
CA ARG A 254 22.20 -10.72 21.40
C ARG A 254 21.83 -12.21 21.53
N ASN A 255 21.67 -12.89 20.40
CA ASN A 255 21.41 -14.36 20.33
C ASN A 255 20.08 -14.66 21.05
N LYS A 256 19.03 -13.92 20.67
CA LYS A 256 17.66 -14.10 21.20
C LYS A 256 16.74 -14.38 20.01
N LEU A 257 15.47 -14.59 20.29
CA LEU A 257 14.42 -14.88 19.27
C LEU A 257 13.86 -13.57 18.74
N TRP A 258 13.39 -13.60 17.49
CA TRP A 258 12.73 -12.46 16.82
C TRP A 258 11.25 -12.82 16.67
N THR A 259 10.35 -11.93 17.07
CA THR A 259 8.90 -12.15 16.96
C THR A 259 8.37 -11.42 15.72
N ILE A 260 7.74 -12.18 14.83
CA ILE A 260 7.08 -11.67 13.60
C ILE A 260 5.58 -11.77 13.84
N ASP A 261 4.92 -10.63 14.05
CA ASP A 261 3.45 -10.56 14.15
C ASP A 261 2.93 -10.18 12.76
N ALA A 262 2.15 -11.06 12.14
CA ALA A 262 1.71 -10.95 10.73
C ALA A 262 0.84 -9.70 10.52
N GLY A 263 0.41 -9.03 11.60
CA GLY A 263 -0.45 -7.84 11.52
C GLY A 263 0.31 -6.54 11.59
N HIS A 264 1.65 -6.59 11.73
CA HIS A 264 2.47 -5.44 12.18
C HIS A 264 3.35 -4.87 11.06
N PHE A 265 3.08 -5.21 9.80
CA PHE A 265 3.96 -4.86 8.65
C PHE A 265 3.24 -3.89 7.70
N HIS A 266 3.90 -3.55 6.59
CA HIS A 266 3.40 -2.59 5.57
C HIS A 266 2.26 -3.22 4.79
N PRO A 267 1.40 -2.38 4.17
CA PRO A 267 0.48 -2.87 3.16
C PRO A 267 1.25 -3.69 2.10
N THR A 268 0.73 -4.88 1.78
CA THR A 268 1.22 -5.84 0.76
C THR A 268 2.47 -6.58 1.24
N GLU A 269 2.99 -6.26 2.43
CA GLU A 269 4.23 -6.91 2.93
C GLU A 269 3.93 -8.38 3.27
N ASP A 270 4.77 -9.28 2.77
CA ASP A 270 4.63 -10.75 2.94
C ASP A 270 5.63 -11.19 4.01
N VAL A 271 5.19 -11.41 5.24
CA VAL A 271 6.08 -11.76 6.38
C VAL A 271 6.70 -13.14 6.13
N SER A 272 6.14 -13.97 5.24
CA SER A 272 6.70 -15.32 4.94
C SER A 272 8.03 -15.16 4.17
N ASP A 273 8.30 -13.97 3.64
CA ASP A 273 9.57 -13.65 2.95
C ASP A 273 10.71 -13.56 3.97
N LYS A 274 10.42 -13.30 5.25
CA LYS A 274 11.50 -12.91 6.21
C LYS A 274 12.25 -14.14 6.72
N PHE A 275 11.62 -15.31 6.76
CA PHE A 275 12.18 -16.49 7.48
C PHE A 275 13.56 -16.81 6.90
N SER A 276 13.63 -16.95 5.58
CA SER A 276 14.81 -17.44 4.82
C SER A 276 15.92 -16.37 4.78
N ALA A 277 15.61 -15.11 5.11
CA ALA A 277 16.60 -14.02 5.22
C ALA A 277 17.13 -13.95 6.66
N PHE A 278 16.41 -14.52 7.62
CA PHE A 278 16.77 -14.50 9.07
C PHE A 278 17.63 -15.71 9.44
N PHE A 279 17.22 -16.90 9.01
CA PHE A 279 17.76 -18.18 9.55
C PHE A 279 19.23 -18.40 9.17
N PRO A 280 19.79 -17.77 8.12
CA PRO A 280 21.24 -17.87 7.89
C PRO A 280 22.08 -17.18 8.97
N PHE A 281 21.45 -16.33 9.79
CA PHE A 281 22.11 -15.41 10.73
C PHE A 281 21.64 -15.63 12.17
N GLY A 282 20.38 -15.99 12.37
CA GLY A 282 19.72 -15.94 13.69
C GLY A 282 19.32 -17.31 14.23
N LYS A 283 18.81 -17.31 15.45
CA LYS A 283 18.60 -18.51 16.30
C LYS A 283 17.21 -19.10 16.07
N GLY A 284 16.16 -18.30 16.26
CA GLY A 284 14.78 -18.79 16.29
C GLY A 284 13.78 -17.67 16.13
N LEU A 285 12.56 -18.05 15.78
CA LEU A 285 11.42 -17.12 15.55
C LEU A 285 10.28 -17.47 16.50
N PHE A 286 9.56 -16.45 16.92
CA PHE A 286 8.20 -16.55 17.50
C PHE A 286 7.25 -15.92 16.46
N MET A 287 6.49 -16.75 15.75
CA MET A 287 5.62 -16.26 14.65
C MET A 287 4.24 -16.04 15.27
N HIS A 288 3.82 -14.78 15.43
CA HIS A 288 2.48 -14.37 15.92
C HIS A 288 1.51 -14.24 14.74
N VAL A 289 0.70 -15.27 14.49
CA VAL A 289 -0.28 -15.23 13.36
C VAL A 289 -1.47 -14.41 13.85
N SER A 290 -1.83 -13.43 13.04
CA SER A 290 -2.82 -12.38 13.32
C SER A 290 -3.30 -11.87 11.97
N ARG A 291 -4.56 -11.50 11.85
CA ARG A 291 -5.09 -10.96 10.58
C ARG A 291 -5.26 -9.45 10.71
N PRO A 292 -4.45 -8.65 9.99
CA PRO A 292 -4.68 -7.21 9.90
C PRO A 292 -5.68 -6.92 8.79
N VAL A 293 -6.68 -6.09 9.07
CA VAL A 293 -7.59 -5.56 8.02
C VAL A 293 -7.37 -4.04 7.95
N ARG A 294 -6.35 -3.66 7.18
CA ARG A 294 -5.96 -2.27 6.80
C ARG A 294 -5.26 -1.54 7.94
N TRP A 295 -5.17 -2.17 9.12
CA TRP A 295 -4.34 -1.71 10.26
C TRP A 295 -4.08 -2.91 11.17
N ASP A 296 -3.29 -2.75 12.22
CA ASP A 296 -3.04 -3.84 13.21
C ASP A 296 -4.32 -4.05 14.01
N SER A 297 -5.31 -4.69 13.37
CA SER A 297 -6.72 -4.74 13.82
C SER A 297 -6.96 -5.99 14.67
N ASP A 298 -6.04 -6.97 14.63
CA ASP A 298 -6.10 -8.16 15.50
C ASP A 298 -7.38 -8.97 15.23
N HIS A 299 -7.79 -9.06 13.97
CA HIS A 299 -8.88 -9.98 13.54
C HIS A 299 -8.43 -11.42 13.75
N VAL A 300 -9.42 -12.29 13.98
CA VAL A 300 -9.22 -13.76 14.06
C VAL A 300 -8.53 -14.22 12.78
N VAL A 301 -7.53 -15.08 12.95
CA VAL A 301 -6.75 -15.70 11.83
C VAL A 301 -7.70 -16.57 11.02
N ILE A 302 -7.68 -16.41 9.70
CA ILE A 302 -8.48 -17.22 8.75
C ILE A 302 -7.57 -17.77 7.66
N MET A 303 -8.05 -18.75 6.91
CA MET A 303 -7.27 -19.33 5.80
C MET A 303 -7.31 -18.35 4.62
N ASP A 304 -6.28 -17.49 4.55
CA ASP A 304 -6.09 -16.47 3.50
C ASP A 304 -4.66 -16.59 2.96
N ASP A 305 -4.31 -15.75 1.99
CA ASP A 305 -2.99 -15.78 1.29
C ASP A 305 -1.88 -15.70 2.35
N ALA A 306 -1.99 -14.79 3.31
CA ALA A 306 -0.95 -14.56 4.34
C ALA A 306 -0.73 -15.84 5.13
N LEU A 307 -1.79 -16.45 5.65
CA LEU A 307 -1.65 -17.66 6.52
C LEU A 307 -1.08 -18.81 5.66
N ILE A 308 -1.61 -18.96 4.46
CA ILE A 308 -1.16 -20.02 3.50
C ILE A 308 0.33 -19.84 3.21
N ARG A 309 0.78 -18.60 2.99
CA ARG A 309 2.21 -18.33 2.66
C ARG A 309 3.11 -18.51 3.90
N ILE A 310 2.66 -18.04 5.05
CA ILE A 310 3.40 -18.24 6.33
C ILE A 310 3.61 -19.74 6.54
N THR A 311 2.55 -20.53 6.52
CA THR A 311 2.58 -21.96 6.91
C THR A 311 3.39 -22.72 5.85
N ARG A 312 3.18 -22.45 4.55
CA ARG A 312 3.88 -23.23 3.50
C ARG A 312 5.36 -22.84 3.45
N SER A 313 5.71 -21.59 3.74
CA SER A 313 7.12 -21.12 3.79
C SER A 313 7.85 -21.81 4.96
N LEU A 314 7.19 -22.01 6.10
CA LEU A 314 7.82 -22.71 7.26
C LEU A 314 7.97 -24.19 6.92
N VAL A 315 6.94 -24.81 6.35
CA VAL A 315 6.92 -26.26 6.03
C VAL A 315 7.96 -26.54 4.92
N ARG A 316 7.89 -25.81 3.79
CA ARG A 316 8.70 -26.11 2.58
C ARG A 316 10.19 -25.96 2.91
N ASP A 317 10.56 -25.00 3.74
CA ASP A 317 12.00 -24.70 3.98
C ASP A 317 12.45 -25.32 5.31
N GLY A 318 11.61 -26.15 5.94
CA GLY A 318 11.96 -26.96 7.13
C GLY A 318 12.32 -26.13 8.34
N TYR A 319 11.59 -25.05 8.62
CA TYR A 319 11.91 -24.09 9.70
C TYR A 319 11.08 -24.35 10.97
N LEU A 320 10.19 -25.35 10.98
CA LEU A 320 9.21 -25.53 12.09
C LEU A 320 9.96 -25.82 13.41
N ASP A 321 11.08 -26.53 13.34
CA ASP A 321 11.85 -26.92 14.55
C ASP A 321 12.51 -25.69 15.19
N ARG A 322 12.53 -24.56 14.50
CA ARG A 322 13.19 -23.32 15.00
C ARG A 322 12.18 -22.18 15.08
N THR A 323 10.91 -22.48 14.83
CA THR A 323 9.82 -21.47 14.80
C THR A 323 8.74 -21.87 15.80
N HIS A 324 8.51 -21.03 16.80
CA HIS A 324 7.38 -21.17 17.76
C HIS A 324 6.20 -20.45 17.13
N ILE A 325 5.09 -21.15 16.92
CA ILE A 325 3.88 -20.50 16.33
C ILE A 325 2.93 -20.14 17.46
N GLY A 326 2.67 -18.84 17.61
CA GLY A 326 1.69 -18.28 18.54
C GLY A 326 0.54 -17.61 17.80
N LEU A 327 -0.63 -17.55 18.42
CA LEU A 327 -1.80 -16.77 17.94
C LEU A 327 -1.77 -15.42 18.62
N ASP A 328 -2.17 -14.37 17.91
CA ASP A 328 -2.45 -13.05 18.52
C ASP A 328 -3.61 -12.41 17.76
N PHE A 329 -4.74 -12.25 18.43
CA PHE A 329 -5.93 -11.58 17.89
C PHE A 329 -6.88 -11.31 19.06
N PHE A 330 -7.75 -10.32 18.92
CA PHE A 330 -8.81 -10.05 19.92
C PHE A 330 -10.01 -9.53 19.17
N ASP A 331 -11.02 -10.40 19.09
CA ASP A 331 -12.33 -10.06 18.49
C ASP A 331 -13.40 -10.37 19.53
N ALA A 332 -14.07 -9.33 20.04
CA ALA A 332 -15.10 -9.42 21.09
C ALA A 332 -16.50 -9.30 20.46
N THR A 333 -16.59 -9.25 19.14
CA THR A 333 -17.90 -9.15 18.40
C THR A 333 -18.50 -10.54 18.22
N ILE A 334 -17.74 -11.60 18.56
CA ILE A 334 -18.14 -13.02 18.37
C ILE A 334 -17.90 -13.77 19.68
N ASN A 335 -18.40 -15.00 19.74
CA ASN A 335 -18.09 -15.92 20.87
C ASN A 335 -16.56 -16.03 21.01
N ARG A 336 -16.00 -15.63 22.16
CA ARG A 336 -14.54 -15.47 22.33
C ARG A 336 -13.89 -16.86 22.29
N VAL A 337 -14.59 -17.89 22.74
CA VAL A 337 -14.08 -19.28 22.71
C VAL A 337 -14.00 -19.75 21.26
N ALA A 338 -15.06 -19.52 20.48
CA ALA A 338 -15.11 -19.80 19.03
C ALA A 338 -13.93 -19.10 18.31
N ALA A 339 -13.61 -17.85 18.66
CA ALA A 339 -12.52 -17.08 18.03
C ALA A 339 -11.24 -17.93 18.03
N TRP A 340 -10.88 -18.48 19.19
CA TRP A 340 -9.66 -19.31 19.37
C TRP A 340 -9.70 -20.49 18.39
N VAL A 341 -10.83 -21.18 18.34
CA VAL A 341 -10.97 -22.45 17.58
C VAL A 341 -10.88 -22.14 16.09
N VAL A 342 -11.55 -21.09 15.61
CA VAL A 342 -11.48 -20.65 14.19
C VAL A 342 -10.02 -20.43 13.82
N GLY A 343 -9.30 -19.62 14.60
CA GLY A 343 -7.91 -19.21 14.28
C GLY A 343 -6.96 -20.39 14.34
N ALA A 344 -7.11 -21.24 15.36
CA ALA A 344 -6.23 -22.41 15.56
C ALA A 344 -6.45 -23.42 14.43
N ARG A 345 -7.70 -23.72 14.09
CA ARG A 345 -8.04 -24.69 13.02
C ARG A 345 -7.58 -24.15 11.66
N ALA A 346 -7.73 -22.83 11.42
CA ALA A 346 -7.28 -22.18 10.16
C ALA A 346 -5.78 -22.41 10.00
N THR A 347 -5.02 -22.17 11.07
CA THR A 347 -3.56 -22.35 11.09
C THR A 347 -3.20 -23.82 10.82
N GLN A 348 -3.88 -24.76 11.47
CA GLN A 348 -3.53 -26.20 11.37
C GLN A 348 -3.85 -26.71 9.96
N LYS A 349 -5.00 -26.33 9.39
CA LYS A 349 -5.40 -26.84 8.06
C LYS A 349 -4.43 -26.28 7.01
N SER A 350 -3.88 -25.08 7.24
CA SER A 350 -2.97 -24.39 6.30
C SER A 350 -1.59 -25.06 6.37
N LEU A 351 -1.11 -25.37 7.58
CA LEU A 351 0.12 -26.19 7.77
C LEU A 351 -0.06 -27.51 7.04
N LEU A 352 -1.20 -28.17 7.25
CA LEU A 352 -1.46 -29.52 6.70
C LEU A 352 -1.52 -29.44 5.17
N GLN A 353 -2.17 -28.43 4.60
CA GLN A 353 -2.19 -28.31 3.12
C GLN A 353 -0.75 -28.21 2.63
N ALA A 354 0.11 -27.46 3.31
CA ALA A 354 1.52 -27.27 2.92
C ALA A 354 2.26 -28.62 3.00
N MET A 355 1.96 -29.43 4.00
CA MET A 355 2.63 -30.73 4.18
C MET A 355 2.14 -31.74 3.14
N LEU A 356 0.97 -31.51 2.52
CA LEU A 356 0.35 -32.42 1.54
C LEU A 356 0.79 -32.05 0.12
N ALA A 357 2.07 -31.79 -0.08
CA ALA A 357 2.64 -31.42 -1.38
C ALA A 357 3.89 -32.27 -1.64
N PRO A 358 4.15 -32.65 -2.90
CA PRO A 358 5.36 -33.41 -3.22
C PRO A 358 6.55 -32.44 -3.23
N ILE A 359 6.96 -31.98 -2.05
CA ILE A 359 7.86 -30.81 -1.90
C ILE A 359 9.22 -31.14 -2.54
N ASP A 360 9.79 -32.31 -2.27
CA ASP A 360 11.12 -32.69 -2.81
C ASP A 360 11.09 -32.62 -4.33
N GLN A 361 10.05 -33.14 -4.97
CA GLN A 361 9.93 -33.17 -6.45
C GLN A 361 9.71 -31.74 -6.96
N LEU A 362 8.86 -30.96 -6.30
CA LEU A 362 8.57 -29.55 -6.72
C LEU A 362 9.88 -28.74 -6.66
N LYS A 363 10.71 -28.97 -5.65
CA LYS A 363 12.03 -28.30 -5.51
C LYS A 363 12.93 -28.67 -6.69
N LYS A 364 13.00 -29.96 -7.06
CA LYS A 364 13.81 -30.42 -8.22
C LYS A 364 13.28 -29.76 -9.51
N ASP A 365 11.96 -29.78 -9.72
CA ASP A 365 11.33 -29.11 -10.89
C ASP A 365 11.79 -27.66 -10.96
N GLU A 366 11.74 -26.97 -9.82
CA GLU A 366 12.08 -25.53 -9.70
C GLU A 366 13.58 -25.34 -9.97
N LEU A 367 14.44 -26.20 -9.42
CA LEU A 367 15.91 -26.13 -9.65
C LEU A 367 16.20 -26.23 -11.15
N ASN A 368 15.37 -26.96 -11.89
CA ASN A 368 15.50 -27.22 -13.35
C ASN A 368 14.74 -26.14 -14.13
N ALA A 369 14.26 -25.10 -13.44
CA ALA A 369 13.53 -23.94 -14.03
C ALA A 369 12.25 -24.40 -14.75
N ASP A 370 11.65 -25.51 -14.34
CA ASP A 370 10.35 -25.97 -14.90
C ASP A 370 9.21 -25.21 -14.21
N PHE A 371 9.06 -23.94 -14.55
CA PHE A 371 8.05 -23.03 -13.95
C PHE A 371 6.65 -23.45 -14.40
N THR A 372 6.53 -24.09 -15.55
CA THR A 372 5.22 -24.60 -16.05
C THR A 372 4.70 -25.63 -15.05
N THR A 373 5.47 -26.68 -14.79
CA THR A 373 5.06 -27.76 -13.86
C THR A 373 4.77 -27.16 -12.48
N ARG A 374 5.63 -26.26 -12.00
CA ARG A 374 5.45 -25.70 -10.64
C ARG A 374 4.09 -25.00 -10.54
N LEU A 375 3.75 -24.18 -11.52
CA LEU A 375 2.47 -23.40 -11.51
C LEU A 375 1.28 -24.36 -11.57
N ILE A 376 1.27 -25.29 -12.52
CA ILE A 376 0.15 -26.25 -12.70
C ILE A 376 -0.06 -27.00 -11.38
N GLU A 377 1.00 -27.59 -10.82
CA GLU A 377 0.88 -28.50 -9.65
C GLU A 377 0.45 -27.70 -8.41
N THR A 378 1.09 -26.57 -8.11
CA THR A 378 0.72 -25.77 -6.91
C THR A 378 -0.76 -25.37 -7.00
N GLU A 379 -1.24 -25.03 -8.20
CA GLU A 379 -2.65 -24.63 -8.41
C GLU A 379 -3.56 -25.86 -8.24
N GLU A 380 -3.21 -27.01 -8.82
CA GLU A 380 -4.02 -28.25 -8.67
C GLU A 380 -4.12 -28.62 -7.19
N LEU A 381 -3.03 -28.49 -6.43
CA LEU A 381 -3.00 -28.91 -5.02
C LEU A 381 -4.00 -28.10 -4.19
N LYS A 382 -4.33 -26.87 -4.60
CA LYS A 382 -5.30 -26.04 -3.85
C LYS A 382 -6.69 -26.68 -3.90
N SER A 383 -6.95 -27.60 -4.83
CA SER A 383 -8.28 -28.27 -4.94
C SER A 383 -8.14 -29.78 -4.82
N PHE A 384 -6.98 -30.28 -4.38
CA PHE A 384 -6.84 -31.68 -3.92
C PHE A 384 -7.67 -31.82 -2.64
N PRO A 385 -8.00 -33.07 -2.24
CA PRO A 385 -8.83 -33.31 -1.05
C PRO A 385 -8.11 -33.11 0.30
N PHE A 386 -7.52 -31.94 0.52
CA PHE A 386 -6.78 -31.62 1.77
C PHE A 386 -7.79 -31.64 2.93
N GLY A 387 -9.04 -31.24 2.67
CA GLY A 387 -10.12 -31.24 3.67
C GLY A 387 -10.40 -32.62 4.22
N ALA A 388 -10.26 -33.66 3.40
CA ALA A 388 -10.49 -35.07 3.81
C ALA A 388 -9.39 -35.47 4.81
N VAL A 389 -8.17 -35.00 4.58
CA VAL A 389 -7.04 -35.31 5.49
C VAL A 389 -7.24 -34.53 6.79
N TRP A 390 -7.63 -33.26 6.69
CA TRP A 390 -7.93 -32.39 7.85
C TRP A 390 -9.04 -33.02 8.70
N ASP A 391 -10.12 -33.46 8.06
CA ASP A 391 -11.27 -34.10 8.75
C ASP A 391 -10.81 -35.36 9.48
N LYS A 392 -10.03 -36.19 8.80
CA LYS A 392 -9.45 -37.43 9.40
C LYS A 392 -8.62 -37.05 10.63
N PHE A 393 -7.82 -36.00 10.54
CA PHE A 393 -6.97 -35.50 11.67
C PHE A 393 -7.88 -35.10 12.83
N CYS A 394 -8.96 -34.34 12.56
CA CYS A 394 -9.90 -33.86 13.59
C CYS A 394 -10.52 -35.08 14.30
N GLN A 395 -11.03 -36.02 13.51
CA GLN A 395 -11.73 -37.24 14.02
C GLN A 395 -10.75 -38.09 14.83
N ASP A 396 -9.55 -38.34 14.29
CA ASP A 396 -8.52 -39.19 14.96
C ASP A 396 -8.17 -38.58 16.33
N HIS A 397 -8.31 -37.27 16.50
CA HIS A 397 -7.90 -36.54 17.73
C HIS A 397 -9.13 -36.16 18.57
N ASN A 398 -10.27 -36.80 18.32
CA ASN A 398 -11.51 -36.69 19.16
C ASN A 398 -11.97 -35.22 19.21
N THR A 399 -12.05 -34.58 18.04
CA THR A 399 -12.64 -33.21 17.87
C THR A 399 -13.70 -33.28 16.78
N PRO A 400 -14.74 -32.42 16.86
CA PRO A 400 -15.81 -32.45 15.87
C PRO A 400 -15.30 -32.06 14.48
N VAL A 401 -15.96 -32.59 13.45
CA VAL A 401 -15.59 -32.37 12.03
C VAL A 401 -16.46 -31.24 11.47
N GLY A 402 -15.86 -30.32 10.72
CA GLY A 402 -16.58 -29.29 9.94
C GLY A 402 -17.48 -28.44 10.82
N PHE A 403 -18.74 -28.26 10.43
CA PHE A 403 -19.69 -27.37 11.15
C PHE A 403 -20.01 -27.91 12.54
N ASP A 404 -19.72 -29.18 12.82
CA ASP A 404 -20.25 -29.90 14.00
C ASP A 404 -19.82 -29.21 15.31
N TRP A 405 -18.64 -28.58 15.36
CA TRP A 405 -18.15 -28.01 16.65
C TRP A 405 -18.97 -26.77 17.03
N MET A 406 -19.82 -26.28 16.12
CA MET A 406 -20.78 -25.20 16.47
C MET A 406 -21.75 -25.70 17.54
N ASN A 407 -22.08 -27.01 17.53
CA ASN A 407 -22.96 -27.63 18.55
C ASN A 407 -22.29 -27.45 19.92
N ASN A 408 -21.00 -27.71 20.00
CA ASN A 408 -20.26 -27.59 21.28
C ASN A 408 -20.30 -26.15 21.77
N ILE A 409 -20.11 -25.20 20.86
CA ILE A 409 -20.08 -23.76 21.22
C ILE A 409 -21.47 -23.39 21.75
N HIS A 410 -22.54 -23.82 21.08
CA HIS A 410 -23.93 -23.50 21.48
C HIS A 410 -24.22 -24.12 22.85
N GLN A 411 -23.74 -25.34 23.10
CA GLN A 411 -23.94 -26.01 24.41
C GLN A 411 -23.16 -25.24 25.48
N TYR A 412 -21.96 -24.76 25.17
CA TYR A 412 -21.10 -24.03 26.14
C TYR A 412 -21.73 -22.67 26.46
N GLU A 413 -22.33 -22.03 25.45
CA GLU A 413 -23.07 -20.75 25.62
C GLU A 413 -24.22 -20.95 26.61
N LYS A 414 -25.05 -21.97 26.39
CA LYS A 414 -26.25 -22.27 27.20
C LYS A 414 -25.81 -22.64 28.63
N ASP A 415 -24.81 -23.49 28.78
CA ASP A 415 -24.43 -24.13 30.06
C ASP A 415 -23.53 -23.20 30.89
N VAL A 416 -22.74 -22.33 30.24
CA VAL A 416 -21.64 -21.57 30.92
C VAL A 416 -21.71 -20.08 30.58
N GLN A 417 -21.42 -19.72 29.34
CA GLN A 417 -21.14 -18.31 28.94
C GLN A 417 -22.36 -17.43 29.21
N PHE A 418 -23.56 -17.87 28.81
CA PHE A 418 -24.80 -17.03 28.82
C PHE A 418 -25.35 -16.94 30.26
N LYS A 419 -24.83 -17.73 31.18
CA LYS A 419 -25.27 -17.76 32.60
C LYS A 419 -24.49 -16.71 33.42
N ARG A 420 -23.35 -16.24 32.91
CA ARG A 420 -22.41 -15.37 33.68
C ARG A 420 -23.07 -14.03 34.03
N MET B 1 -2.90 -42.12 -14.06
CA MET B 1 -4.01 -41.13 -14.22
C MET B 1 -5.06 -41.37 -13.15
N VAL B 2 -5.87 -40.37 -12.84
CA VAL B 2 -6.96 -40.47 -11.82
C VAL B 2 -8.03 -41.41 -12.38
N LYS B 3 -8.48 -42.37 -11.59
CA LYS B 3 -9.54 -43.32 -12.00
C LYS B 3 -10.89 -42.65 -11.83
N PRO B 4 -11.76 -42.71 -12.86
CA PRO B 4 -13.10 -42.16 -12.77
C PRO B 4 -13.85 -42.62 -11.50
N GLU B 5 -13.55 -43.85 -11.03
CA GLU B 5 -14.19 -44.44 -9.83
C GLU B 5 -13.76 -43.64 -8.59
N GLU B 6 -12.54 -43.08 -8.61
CA GLU B 6 -12.00 -42.24 -7.51
C GLU B 6 -12.78 -40.91 -7.48
N VAL B 7 -13.02 -40.33 -8.65
CA VAL B 7 -13.82 -39.08 -8.80
C VAL B 7 -15.26 -39.35 -8.34
N ASP B 8 -15.85 -40.46 -8.76
CA ASP B 8 -17.28 -40.76 -8.48
C ASP B 8 -17.48 -40.99 -6.98
N LYS B 9 -16.58 -41.76 -6.35
CA LYS B 9 -16.66 -42.08 -4.89
C LYS B 9 -16.50 -40.81 -4.06
N ALA B 10 -15.50 -39.99 -4.38
CA ALA B 10 -15.23 -38.73 -3.67
C ALA B 10 -16.44 -37.80 -3.84
N TYR B 11 -17.03 -37.78 -5.04
CA TYR B 11 -18.19 -36.93 -5.36
C TYR B 11 -19.41 -37.38 -4.54
N GLU B 12 -19.68 -38.68 -4.47
CA GLU B 12 -20.87 -39.19 -3.71
C GLU B 12 -20.72 -38.77 -2.24
N VAL B 13 -19.52 -38.84 -1.67
CA VAL B 13 -19.33 -38.43 -0.25
C VAL B 13 -19.52 -36.92 -0.13
N ALA B 14 -18.92 -36.14 -1.05
CA ALA B 14 -18.99 -34.67 -1.09
C ALA B 14 -20.45 -34.22 -1.23
N LYS B 15 -21.22 -34.91 -2.07
CA LYS B 15 -22.65 -34.59 -2.30
C LYS B 15 -23.40 -34.64 -0.97
N GLN B 16 -23.14 -35.67 -0.15
CA GLN B 16 -23.78 -35.89 1.17
C GLN B 16 -23.32 -34.83 2.17
N ARG B 17 -22.02 -34.56 2.25
CA ARG B 17 -21.45 -33.51 3.14
C ARG B 17 -22.16 -32.18 2.85
N TYR B 18 -22.32 -31.82 1.58
CA TYR B 18 -22.92 -30.52 1.19
C TYR B 18 -24.44 -30.57 1.45
N ALA B 19 -25.11 -31.69 1.19
CA ALA B 19 -26.57 -31.83 1.44
C ALA B 19 -26.86 -31.61 2.93
N GLU B 20 -25.99 -32.11 3.81
CA GLU B 20 -26.10 -32.01 5.30
C GLU B 20 -26.18 -30.54 5.72
N ILE B 21 -25.58 -29.61 4.96
CA ILE B 21 -25.57 -28.15 5.30
C ILE B 21 -26.46 -27.36 4.33
N GLY B 22 -27.34 -28.04 3.59
CA GLY B 22 -28.36 -27.39 2.74
C GLY B 22 -27.77 -26.91 1.41
N VAL B 23 -26.74 -27.59 0.90
CA VAL B 23 -26.11 -27.24 -0.41
C VAL B 23 -26.31 -28.40 -1.38
N ASP B 24 -26.82 -28.09 -2.58
CA ASP B 24 -27.07 -29.05 -3.68
C ASP B 24 -25.87 -29.01 -4.66
N THR B 25 -25.03 -30.04 -4.65
CA THR B 25 -23.79 -30.08 -5.48
C THR B 25 -24.15 -30.22 -6.97
N ASP B 26 -25.20 -30.97 -7.30
CA ASP B 26 -25.64 -31.13 -8.71
C ASP B 26 -26.06 -29.74 -9.22
N ALA B 27 -26.84 -28.99 -8.42
CA ALA B 27 -27.34 -27.65 -8.80
C ALA B 27 -26.17 -26.69 -8.97
N ALA B 28 -25.17 -26.73 -8.08
CA ALA B 28 -23.97 -25.87 -8.13
C ALA B 28 -23.26 -26.08 -9.47
N MET B 29 -23.14 -27.33 -9.92
CA MET B 29 -22.43 -27.67 -11.18
C MET B 29 -23.22 -27.10 -12.36
N LYS B 30 -24.55 -27.16 -12.30
CA LYS B 30 -25.45 -26.60 -13.33
C LYS B 30 -25.23 -25.09 -13.42
N GLU B 31 -25.03 -24.42 -12.27
CA GLU B 31 -24.80 -22.94 -12.21
C GLU B 31 -23.45 -22.63 -12.86
N LEU B 32 -22.43 -23.43 -12.58
CA LEU B 32 -21.06 -23.16 -13.11
C LEU B 32 -21.08 -23.28 -14.64
N GLU B 33 -21.89 -24.18 -15.20
CA GLU B 33 -21.99 -24.39 -16.67
C GLU B 33 -22.41 -23.09 -17.37
N LYS B 34 -23.15 -22.23 -16.67
CA LYS B 34 -23.77 -21.01 -17.25
C LYS B 34 -22.79 -19.84 -17.19
N VAL B 35 -21.55 -20.06 -16.77
CA VAL B 35 -20.57 -18.93 -16.66
C VAL B 35 -19.46 -19.13 -17.68
N PRO B 36 -19.59 -18.51 -18.87
CA PRO B 36 -18.54 -18.59 -19.88
C PRO B 36 -17.40 -17.64 -19.52
N LEU B 37 -16.15 -18.09 -19.61
CA LEU B 37 -14.96 -17.20 -19.47
C LEU B 37 -14.53 -16.76 -20.87
N SER B 38 -14.19 -15.48 -21.03
CA SER B 38 -13.74 -14.93 -22.33
C SER B 38 -12.22 -15.04 -22.35
N VAL B 39 -11.72 -16.08 -23.00
CA VAL B 39 -10.27 -16.43 -23.08
C VAL B 39 -9.60 -15.50 -24.10
N HIS B 40 -8.56 -14.80 -23.65
CA HIS B 40 -7.83 -13.76 -24.44
C HIS B 40 -6.84 -14.42 -25.39
N CYS B 41 -6.91 -14.07 -26.67
CA CYS B 41 -6.12 -14.70 -27.76
C CYS B 41 -4.64 -14.34 -27.59
N TRP B 42 -4.32 -13.20 -26.97
CA TRP B 42 -2.95 -12.60 -27.06
C TRP B 42 -1.92 -13.31 -26.18
N GLN B 43 -2.36 -14.14 -25.23
CA GLN B 43 -1.43 -14.97 -24.42
C GLN B 43 -0.71 -15.97 -25.34
N GLY B 44 -1.34 -16.34 -26.46
CA GLY B 44 -0.83 -17.38 -27.37
C GLY B 44 0.38 -16.93 -28.18
N ASP B 45 0.54 -15.63 -28.44
CA ASP B 45 1.60 -15.12 -29.35
C ASP B 45 2.23 -13.86 -28.77
N ASP B 46 2.20 -13.69 -27.45
CA ASP B 46 2.88 -12.58 -26.73
C ASP B 46 2.41 -11.25 -27.32
N ILE B 47 1.13 -11.16 -27.68
CA ILE B 47 0.45 -9.92 -28.16
C ILE B 47 1.12 -9.43 -29.45
N HIS B 48 1.72 -10.30 -30.26
CA HIS B 48 2.29 -9.92 -31.59
C HIS B 48 1.18 -9.54 -32.58
N GLY B 49 0.08 -10.31 -32.62
CA GLY B 49 -0.95 -10.17 -33.66
C GLY B 49 -0.38 -10.51 -35.03
N PHE B 50 -1.09 -10.15 -36.10
CA PHE B 50 -0.73 -10.52 -37.50
C PHE B 50 -0.53 -9.27 -38.36
N LEU B 51 -0.92 -8.10 -37.85
CA LEU B 51 -1.00 -6.87 -38.68
C LEU B 51 0.42 -6.34 -38.93
N PHE B 52 1.27 -6.28 -37.91
CA PHE B 52 2.59 -5.61 -37.96
C PHE B 52 3.68 -6.59 -37.55
N PRO B 53 4.17 -7.43 -38.48
CA PRO B 53 5.10 -8.51 -38.17
C PRO B 53 6.06 -8.30 -36.99
N ASN B 54 6.81 -7.21 -36.91
CA ASN B 54 7.89 -7.10 -35.87
C ASN B 54 7.76 -5.81 -35.05
N GLN B 55 6.53 -5.38 -34.77
CA GLN B 55 6.25 -4.17 -33.92
C GLN B 55 6.60 -4.50 -32.47
N GLU B 56 7.24 -3.55 -31.77
CA GLU B 56 7.64 -3.70 -30.34
C GLU B 56 6.42 -3.40 -29.46
N LEU B 57 6.33 -4.06 -28.30
CA LEU B 57 5.22 -3.94 -27.31
C LEU B 57 5.35 -2.62 -26.54
N THR B 58 4.39 -1.70 -26.68
CA THR B 58 4.36 -0.40 -25.96
C THR B 58 3.05 -0.24 -25.19
N GLY B 59 2.98 0.78 -24.33
CA GLY B 59 1.75 1.25 -23.66
C GLY B 59 1.67 0.86 -22.19
N GLY B 60 2.81 0.89 -21.48
CA GLY B 60 2.87 0.67 -20.02
C GLY B 60 2.78 -0.82 -19.63
N ILE B 61 2.70 -1.71 -20.63
CA ILE B 61 2.53 -3.19 -20.45
C ILE B 61 3.75 -3.92 -21.05
N GLY B 62 4.16 -5.04 -20.43
CA GLY B 62 5.33 -5.82 -20.86
C GLY B 62 5.06 -7.32 -20.78
N VAL B 63 5.66 -8.10 -21.71
CA VAL B 63 5.68 -9.59 -21.67
C VAL B 63 7.11 -10.04 -21.32
N SER B 64 7.28 -10.71 -20.19
CA SER B 64 8.53 -11.42 -19.83
C SER B 64 8.35 -12.91 -20.13
N GLY B 65 9.40 -13.56 -20.63
CA GLY B 65 9.44 -15.01 -20.86
C GLY B 65 9.92 -15.38 -22.25
N ASN B 66 10.23 -16.66 -22.44
CA ASN B 66 11.00 -17.15 -23.62
C ASN B 66 10.68 -18.62 -23.89
N TYR B 67 9.53 -19.12 -23.43
CA TYR B 67 9.16 -20.56 -23.55
C TYR B 67 9.04 -20.91 -25.03
N PRO B 68 9.46 -22.12 -25.43
CA PRO B 68 9.31 -22.57 -26.83
C PRO B 68 7.85 -22.63 -27.31
N GLY B 69 7.67 -22.59 -28.63
CA GLY B 69 6.41 -22.98 -29.28
C GLY B 69 5.43 -21.84 -29.40
N ILE B 70 5.90 -20.60 -29.37
CA ILE B 70 5.00 -19.42 -29.60
C ILE B 70 4.23 -19.67 -30.91
N ALA B 71 2.93 -19.30 -30.95
CA ALA B 71 2.13 -19.25 -32.19
C ALA B 71 2.62 -18.10 -33.05
N ARG B 72 2.72 -18.30 -34.37
CA ARG B 72 3.26 -17.30 -35.33
C ARG B 72 2.25 -17.02 -36.44
N THR B 73 1.16 -17.79 -36.51
CA THR B 73 0.15 -17.69 -37.60
C THR B 73 -1.25 -17.83 -37.01
N PRO B 74 -2.29 -17.41 -37.77
CA PRO B 74 -3.67 -17.61 -37.35
C PRO B 74 -3.96 -19.08 -37.04
N ASP B 75 -3.57 -20.00 -37.93
CA ASP B 75 -3.78 -21.46 -37.77
C ASP B 75 -3.15 -21.95 -36.47
N GLU B 76 -1.90 -21.55 -36.19
CA GLU B 76 -1.18 -21.94 -34.96
C GLU B 76 -1.92 -21.40 -33.73
N LEU B 77 -2.29 -20.12 -33.74
CA LEU B 77 -2.98 -19.50 -32.57
C LEU B 77 -4.33 -20.17 -32.36
N ALA B 78 -5.09 -20.38 -33.43
CA ALA B 78 -6.41 -21.04 -33.42
C ALA B 78 -6.25 -22.46 -32.86
N GLY B 79 -5.24 -23.20 -33.29
CA GLY B 79 -4.97 -24.56 -32.79
C GLY B 79 -4.66 -24.54 -31.31
N ASP B 80 -3.89 -23.55 -30.86
CA ASP B 80 -3.45 -23.42 -29.44
C ASP B 80 -4.69 -23.13 -28.58
N MET B 81 -5.55 -22.21 -29.02
CA MET B 81 -6.80 -21.89 -28.29
C MET B 81 -7.72 -23.12 -28.28
N HIS B 82 -7.82 -23.86 -29.38
CA HIS B 82 -8.62 -25.11 -29.41
C HIS B 82 -8.08 -26.08 -28.35
N GLU B 83 -6.77 -26.26 -28.27
CA GLU B 83 -6.13 -27.19 -27.29
C GLU B 83 -6.46 -26.72 -25.86
N ALA B 84 -6.31 -25.42 -25.57
CA ALA B 84 -6.61 -24.88 -24.22
C ALA B 84 -8.08 -25.14 -23.89
N LEU B 85 -9.00 -24.80 -24.80
CA LEU B 85 -10.46 -24.96 -24.56
C LEU B 85 -10.80 -26.44 -24.33
N SER B 86 -10.09 -27.37 -24.98
CA SER B 86 -10.32 -28.84 -24.86
C SER B 86 -10.00 -29.29 -23.43
N LEU B 87 -9.24 -28.49 -22.67
CA LEU B 87 -8.79 -28.84 -21.29
C LEU B 87 -9.52 -27.98 -20.25
N ILE B 88 -10.43 -27.11 -20.69
CA ILE B 88 -11.27 -26.24 -19.83
C ILE B 88 -12.72 -26.71 -19.95
N PRO B 89 -13.30 -27.25 -18.85
CA PRO B 89 -14.62 -27.86 -18.93
C PRO B 89 -15.72 -26.81 -19.16
N GLY B 90 -16.73 -27.17 -19.95
CA GLY B 90 -17.88 -26.31 -20.27
C GLY B 90 -17.67 -25.56 -21.57
N LYS B 91 -18.51 -24.55 -21.80
CA LYS B 91 -18.51 -23.71 -23.02
C LYS B 91 -18.10 -22.28 -22.65
N HIS B 92 -17.23 -21.69 -23.46
CA HIS B 92 -16.56 -20.41 -23.14
C HIS B 92 -16.60 -19.49 -24.35
N ARG B 93 -15.85 -18.41 -24.27
CA ARG B 93 -15.77 -17.36 -25.32
C ARG B 93 -14.29 -17.07 -25.56
N VAL B 94 -13.99 -16.38 -26.65
CA VAL B 94 -12.63 -15.89 -26.97
C VAL B 94 -12.67 -14.39 -27.20
N GLN B 95 -11.69 -13.67 -26.64
CA GLN B 95 -11.43 -12.24 -26.88
C GLN B 95 -10.38 -12.10 -27.99
N LEU B 96 -10.69 -11.29 -28.99
CA LEU B 96 -9.74 -10.86 -30.05
C LEU B 96 -9.25 -9.46 -29.70
N HIS B 97 -8.06 -9.12 -30.19
CA HIS B 97 -7.55 -7.75 -30.39
C HIS B 97 -7.62 -7.42 -31.88
N ALA B 98 -7.76 -6.14 -32.23
CA ALA B 98 -7.87 -5.68 -33.64
C ALA B 98 -6.65 -6.14 -34.44
N ILE B 99 -5.46 -6.23 -33.80
CA ILE B 99 -4.22 -6.62 -34.53
C ILE B 99 -4.25 -8.11 -34.91
N TYR B 100 -5.28 -8.87 -34.53
CA TYR B 100 -5.44 -10.30 -34.88
C TYR B 100 -6.30 -10.46 -36.14
N ALA B 101 -6.59 -9.34 -36.83
CA ALA B 101 -7.13 -9.33 -38.21
C ALA B 101 -6.37 -10.36 -39.07
N VAL B 102 -7.12 -11.10 -39.90
CA VAL B 102 -6.52 -12.11 -40.82
C VAL B 102 -6.89 -11.72 -42.25
N THR B 103 -5.96 -11.10 -42.97
CA THR B 103 -6.21 -10.61 -44.36
C THR B 103 -4.88 -10.59 -45.12
N ASP B 104 -4.97 -10.75 -46.44
CA ASP B 104 -3.82 -10.63 -47.38
C ASP B 104 -3.67 -9.17 -47.81
N LYS B 105 -4.66 -8.34 -47.49
CA LYS B 105 -4.67 -6.90 -47.82
C LYS B 105 -3.74 -6.15 -46.86
N LYS B 106 -3.09 -5.09 -47.33
CA LYS B 106 -2.27 -4.18 -46.51
C LYS B 106 -3.23 -3.33 -45.67
N ARG B 107 -3.23 -3.54 -44.35
CA ARG B 107 -4.11 -2.81 -43.41
C ARG B 107 -3.27 -1.97 -42.44
N ASP B 108 -3.85 -0.86 -42.00
CA ASP B 108 -3.46 -0.14 -40.77
C ASP B 108 -4.67 -0.11 -39.84
N LEU B 109 -4.51 0.36 -38.60
CA LEU B 109 -5.59 0.31 -37.60
C LEU B 109 -6.79 1.16 -38.06
N ASP B 110 -6.59 2.13 -38.95
CA ASP B 110 -7.67 3.03 -39.41
C ASP B 110 -8.24 2.58 -40.77
N THR B 111 -7.88 1.39 -41.26
CA THR B 111 -8.40 0.88 -42.57
C THR B 111 -8.86 -0.59 -42.44
N LEU B 112 -8.87 -1.13 -41.21
CA LEU B 112 -9.43 -2.48 -40.96
C LEU B 112 -10.89 -2.52 -41.42
N GLU B 113 -11.35 -3.67 -41.90
CA GLU B 113 -12.74 -3.89 -42.33
C GLU B 113 -13.28 -5.11 -41.60
N PRO B 114 -14.60 -5.16 -41.35
CA PRO B 114 -15.21 -6.28 -40.64
C PRO B 114 -14.82 -7.65 -41.22
N GLU B 115 -14.81 -7.80 -42.55
CA GLU B 115 -14.50 -9.09 -43.23
C GLU B 115 -13.08 -9.55 -42.88
N ASP B 116 -12.24 -8.67 -42.36
CA ASP B 116 -10.86 -9.03 -41.92
C ASP B 116 -10.95 -10.00 -40.72
N PHE B 117 -12.16 -10.22 -40.19
CA PHE B 117 -12.38 -11.10 -39.01
C PHE B 117 -13.25 -12.30 -39.36
N ASP B 118 -13.55 -12.48 -40.66
CA ASP B 118 -14.25 -13.68 -41.18
C ASP B 118 -13.52 -14.94 -40.69
N TYR B 119 -12.18 -14.93 -40.71
CA TYR B 119 -11.38 -16.11 -40.28
C TYR B 119 -11.81 -16.52 -38.87
N TRP B 120 -11.95 -15.56 -37.97
CA TRP B 120 -12.27 -15.80 -36.54
C TRP B 120 -13.75 -16.12 -36.35
N ILE B 121 -14.62 -15.54 -37.18
CA ILE B 121 -16.07 -15.87 -37.15
C ILE B 121 -16.21 -17.36 -37.50
N ASP B 122 -15.56 -17.79 -38.58
CA ASP B 122 -15.63 -19.18 -39.07
C ASP B 122 -15.05 -20.08 -37.96
N TRP B 123 -13.91 -19.71 -37.41
CA TRP B 123 -13.28 -20.52 -36.33
C TRP B 123 -14.23 -20.62 -35.13
N ALA B 124 -14.82 -19.50 -34.69
CA ALA B 124 -15.72 -19.44 -33.51
C ALA B 124 -16.94 -20.35 -33.75
N LYS B 125 -17.51 -20.36 -34.96
CA LYS B 125 -18.70 -21.20 -35.27
C LYS B 125 -18.32 -22.67 -35.13
N GLN B 126 -17.21 -23.09 -35.71
CA GLN B 126 -16.75 -24.50 -35.69
C GLN B 126 -16.39 -24.88 -34.24
N GLU B 127 -15.78 -23.97 -33.48
CA GLU B 127 -15.37 -24.23 -32.06
C GLU B 127 -16.61 -24.22 -31.15
N GLY B 128 -17.68 -23.53 -31.57
CA GLY B 128 -18.91 -23.34 -30.77
C GLY B 128 -18.72 -22.33 -29.64
N VAL B 129 -18.02 -21.23 -29.88
CA VAL B 129 -17.77 -20.18 -28.85
C VAL B 129 -18.24 -18.81 -29.37
N GLY B 130 -18.53 -17.90 -28.45
CA GLY B 130 -18.78 -16.48 -28.74
C GLY B 130 -17.46 -15.73 -28.80
N LEU B 131 -17.48 -14.52 -29.36
CA LEU B 131 -16.29 -13.64 -29.50
C LEU B 131 -16.56 -12.31 -28.81
N ASP B 132 -15.58 -11.84 -28.04
CA ASP B 132 -15.52 -10.45 -27.56
C ASP B 132 -14.35 -9.78 -28.28
N PHE B 133 -14.25 -8.46 -28.21
CA PHE B 133 -13.32 -7.68 -29.05
C PHE B 133 -12.64 -6.60 -28.20
N ASN B 134 -11.42 -6.25 -28.62
CA ASN B 134 -10.60 -5.16 -28.05
C ASN B 134 -9.98 -4.37 -29.20
N GLY B 135 -10.28 -3.07 -29.29
CA GLY B 135 -9.52 -2.14 -30.14
C GLY B 135 -8.07 -2.14 -29.69
N THR B 136 -7.12 -2.02 -30.62
CA THR B 136 -5.67 -2.00 -30.28
C THR B 136 -5.16 -0.55 -30.31
N PHE B 137 -4.91 0.05 -29.14
CA PHE B 137 -4.57 1.48 -28.98
C PHE B 137 -3.14 1.60 -28.45
N PHE B 138 -2.25 0.68 -28.86
CA PHE B 138 -0.85 0.60 -28.38
C PHE B 138 0.03 -0.10 -29.43
N SER B 139 1.35 -0.13 -29.19
CA SER B 139 2.36 -0.71 -30.09
C SER B 139 2.16 -0.20 -31.51
N HIS B 140 2.22 1.13 -31.70
CA HIS B 140 1.97 1.79 -33.01
C HIS B 140 2.66 3.15 -33.06
N PRO B 141 3.26 3.50 -34.21
CA PRO B 141 3.94 4.79 -34.36
C PRO B 141 3.01 5.96 -34.06
N MET B 142 1.69 5.78 -34.15
CA MET B 142 0.72 6.90 -33.95
C MET B 142 0.40 7.10 -32.47
N VAL B 143 0.95 6.27 -31.58
CA VAL B 143 0.96 6.55 -30.11
C VAL B 143 2.00 7.64 -29.88
N LYS B 144 1.55 8.85 -29.56
CA LYS B 144 2.43 10.03 -29.41
C LYS B 144 2.51 10.41 -27.92
N ASP B 145 3.70 10.33 -27.34
CA ASP B 145 3.96 10.61 -25.90
C ASP B 145 2.89 9.87 -25.08
N ASN B 146 2.66 8.60 -25.40
CA ASN B 146 1.81 7.66 -24.63
C ASN B 146 0.33 8.02 -24.78
N MET B 147 -0.04 8.85 -25.76
CA MET B 147 -1.47 9.27 -25.92
C MET B 147 -2.00 8.91 -27.31
N THR B 148 -3.31 8.72 -27.40
CA THR B 148 -4.02 8.21 -28.60
C THR B 148 -5.28 9.04 -28.81
N VAL B 149 -6.45 8.51 -28.43
CA VAL B 149 -7.76 9.19 -28.61
C VAL B 149 -7.74 10.56 -27.90
N SER B 150 -7.02 10.73 -26.79
CA SER B 150 -7.04 11.98 -25.99
C SER B 150 -5.73 12.78 -26.15
N SER B 151 -4.94 12.48 -27.17
CA SER B 151 -3.75 13.28 -27.56
C SER B 151 -4.17 14.74 -27.80
N PRO B 152 -3.34 15.72 -27.40
CA PRO B 152 -3.61 17.12 -27.74
C PRO B 152 -3.43 17.39 -29.24
N ASP B 153 -2.84 16.45 -29.97
CA ASP B 153 -2.57 16.55 -31.43
C ASP B 153 -3.79 16.05 -32.18
N PRO B 154 -4.49 16.93 -32.95
CA PRO B 154 -5.73 16.53 -33.64
C PRO B 154 -5.54 15.39 -34.65
N LYS B 155 -4.41 15.37 -35.34
CA LYS B 155 -4.03 14.27 -36.28
C LYS B 155 -4.03 12.93 -35.54
N VAL B 156 -3.41 12.88 -34.36
CA VAL B 156 -3.30 11.64 -33.56
C VAL B 156 -4.71 11.23 -33.09
N ARG B 157 -5.44 12.18 -32.53
CA ARG B 157 -6.84 11.98 -32.06
C ARG B 157 -7.65 11.35 -33.20
N ASP B 158 -7.61 11.96 -34.38
CA ASP B 158 -8.47 11.59 -35.54
C ASP B 158 -8.15 10.17 -35.98
N PHE B 159 -6.87 9.81 -36.03
CA PHE B 159 -6.41 8.44 -36.40
C PHE B 159 -7.08 7.44 -35.45
N TRP B 160 -7.00 7.71 -34.14
CA TRP B 160 -7.41 6.75 -33.08
C TRP B 160 -8.92 6.74 -32.96
N ILE B 161 -9.58 7.86 -33.20
CA ILE B 161 -11.07 7.91 -33.26
C ILE B 161 -11.52 7.03 -34.43
N ARG B 162 -10.83 7.06 -35.57
CA ARG B 162 -11.20 6.22 -36.74
C ARG B 162 -11.05 4.75 -36.31
N HIS B 163 -9.97 4.39 -35.62
CA HIS B 163 -9.83 3.00 -35.13
C HIS B 163 -10.99 2.64 -34.20
N GLY B 164 -11.34 3.53 -33.27
CA GLY B 164 -12.44 3.31 -32.31
C GLY B 164 -13.75 3.03 -33.05
N LYS B 165 -14.07 3.82 -34.05
CA LYS B 165 -15.34 3.66 -34.82
C LYS B 165 -15.31 2.32 -35.54
N ILE B 166 -14.14 1.97 -36.09
CA ILE B 166 -13.95 0.69 -36.85
C ILE B 166 -14.11 -0.48 -35.86
N SER B 167 -13.62 -0.37 -34.63
CA SER B 167 -13.74 -1.45 -33.62
C SER B 167 -15.24 -1.77 -33.41
N ARG B 168 -16.08 -0.74 -33.37
CA ARG B 168 -17.54 -0.88 -33.19
C ARG B 168 -18.16 -1.55 -34.42
N GLU B 169 -17.79 -1.11 -35.63
CA GLU B 169 -18.32 -1.69 -36.90
C GLU B 169 -17.91 -3.18 -36.98
N ILE B 170 -16.64 -3.50 -36.65
CA ILE B 170 -16.16 -4.91 -36.65
C ILE B 170 -16.98 -5.73 -35.64
N SER B 171 -17.14 -5.20 -34.43
CA SER B 171 -17.81 -5.88 -33.29
C SER B 171 -19.27 -6.13 -33.65
N ASN B 172 -19.93 -5.16 -34.28
CA ASN B 172 -21.34 -5.26 -34.72
C ASN B 172 -21.48 -6.41 -35.72
N TYR B 173 -20.59 -6.44 -36.71
CA TYR B 173 -20.54 -7.46 -37.80
C TYR B 173 -20.37 -8.85 -37.19
N ILE B 174 -19.38 -9.05 -36.30
CA ILE B 174 -19.14 -10.35 -35.61
C ILE B 174 -20.41 -10.76 -34.85
N GLY B 175 -21.02 -9.82 -34.12
CA GLY B 175 -22.23 -10.07 -33.32
C GLY B 175 -23.40 -10.50 -34.19
N GLU B 176 -23.58 -9.86 -35.34
CA GLU B 176 -24.67 -10.18 -36.31
C GLU B 176 -24.42 -11.60 -36.82
N LYS B 177 -23.17 -11.94 -37.16
CA LYS B 177 -22.82 -13.23 -37.81
C LYS B 177 -22.92 -14.37 -36.80
N LEU B 178 -22.53 -14.14 -35.53
CA LEU B 178 -22.49 -15.23 -34.52
C LEU B 178 -23.83 -15.35 -33.78
N GLY B 179 -24.66 -14.32 -33.84
CA GLY B 179 -25.93 -14.28 -33.07
C GLY B 179 -25.66 -14.22 -31.57
N SER B 180 -24.51 -13.66 -31.19
CA SER B 180 -24.10 -13.47 -29.76
C SER B 180 -23.48 -12.07 -29.62
N GLN B 181 -23.94 -11.29 -28.66
CA GLN B 181 -23.46 -9.91 -28.43
C GLN B 181 -21.94 -9.92 -28.21
N VAL B 182 -21.22 -9.06 -28.94
CA VAL B 182 -19.75 -8.86 -28.82
C VAL B 182 -19.53 -7.70 -27.85
N VAL B 183 -18.90 -7.97 -26.70
CA VAL B 183 -18.44 -6.87 -25.81
C VAL B 183 -17.18 -6.31 -26.44
N ASN B 184 -17.18 -5.02 -26.74
CA ASN B 184 -16.06 -4.31 -27.39
C ASN B 184 -15.37 -3.46 -26.32
N ASN B 185 -14.28 -3.99 -25.76
CA ASN B 185 -13.57 -3.37 -24.62
C ASN B 185 -12.55 -2.35 -25.14
N PHE B 186 -12.63 -1.12 -24.61
CA PHE B 186 -11.72 0.00 -24.91
C PHE B 186 -10.70 0.17 -23.77
N TRP B 187 -9.42 -0.02 -24.09
CA TRP B 187 -8.31 0.31 -23.18
C TRP B 187 -7.34 1.24 -23.91
N LEU B 188 -7.08 2.41 -23.33
CA LEU B 188 -6.14 3.43 -23.85
C LEU B 188 -4.94 3.54 -22.91
N PRO B 189 -3.70 3.68 -23.43
CA PRO B 189 -2.54 3.90 -22.56
C PRO B 189 -2.46 5.34 -22.04
N ASP B 190 -3.24 6.25 -22.64
CA ASP B 190 -3.09 7.73 -22.51
C ASP B 190 -2.76 8.13 -21.08
N GLY B 191 -1.68 8.88 -20.90
CA GLY B 191 -1.34 9.48 -19.60
C GLY B 191 0.02 10.16 -19.66
N PHE B 192 0.60 10.40 -18.49
CA PHE B 192 1.91 11.07 -18.35
C PHE B 192 2.85 10.21 -17.49
N LYS B 193 4.11 10.15 -17.91
CA LYS B 193 5.18 9.54 -17.09
C LYS B 193 5.37 10.33 -15.79
N ASP B 194 5.45 11.66 -15.89
CA ASP B 194 5.75 12.53 -14.72
C ASP B 194 4.54 13.41 -14.44
N ASN B 195 4.62 14.21 -13.38
CA ASN B 195 3.45 14.90 -12.78
C ASN B 195 2.91 15.94 -13.78
N PRO B 196 1.61 15.87 -14.13
CA PRO B 196 1.02 16.86 -15.03
C PRO B 196 0.61 18.16 -14.32
N ILE B 197 0.60 19.25 -15.10
CA ILE B 197 0.07 20.58 -14.71
C ILE B 197 -1.46 20.56 -14.89
N ASP B 198 -1.92 20.07 -16.06
CA ASP B 198 -3.36 20.09 -16.44
C ASP B 198 -3.90 18.66 -16.44
N LYS B 199 -4.72 18.33 -15.43
CA LYS B 199 -5.39 17.01 -15.28
C LYS B 199 -6.79 17.05 -15.91
N LYS B 200 -7.33 18.25 -16.03
CA LYS B 200 -8.73 18.48 -16.48
C LYS B 200 -8.86 18.25 -17.98
N THR B 201 -8.00 18.91 -18.76
CA THR B 201 -8.17 19.04 -20.23
C THR B 201 -8.03 17.68 -20.89
N PRO B 202 -7.03 16.84 -20.53
CA PRO B 202 -6.92 15.50 -21.12
C PRO B 202 -8.22 14.71 -20.97
N ARG B 203 -8.86 14.80 -19.80
CA ARG B 203 -10.10 14.03 -19.53
C ARG B 203 -11.27 14.64 -20.30
N LEU B 204 -11.27 15.96 -20.57
CA LEU B 204 -12.33 16.56 -21.43
C LEU B 204 -12.09 16.15 -22.88
N ARG B 205 -10.84 16.08 -23.32
CA ARG B 205 -10.49 15.60 -24.69
C ARG B 205 -10.94 14.14 -24.82
N LEU B 206 -10.70 13.32 -23.81
CA LEU B 206 -11.13 11.89 -23.80
C LEU B 206 -12.66 11.80 -23.91
N LEU B 207 -13.39 12.57 -23.08
CA LEU B 207 -14.88 12.57 -23.05
C LEU B 207 -15.43 12.87 -24.45
N LYS B 208 -14.94 13.93 -25.09
CA LYS B 208 -15.41 14.39 -26.43
C LYS B 208 -15.09 13.30 -27.46
N ALA B 209 -13.89 12.70 -27.38
CA ALA B 209 -13.40 11.69 -28.34
C ALA B 209 -14.24 10.42 -28.22
N LEU B 210 -14.53 9.97 -27.00
CA LEU B 210 -15.30 8.71 -26.78
C LEU B 210 -16.72 8.92 -27.32
N ASP B 211 -17.31 10.07 -27.02
CA ASP B 211 -18.68 10.41 -27.49
C ASP B 211 -18.71 10.35 -29.02
N GLU B 212 -17.64 10.82 -29.69
CA GLU B 212 -17.56 10.78 -31.17
C GLU B 212 -17.49 9.32 -31.60
N ILE B 213 -16.69 8.51 -30.90
CA ILE B 213 -16.51 7.07 -31.26
C ILE B 213 -17.87 6.36 -31.20
N ILE B 214 -18.68 6.63 -30.17
CA ILE B 214 -19.93 5.87 -29.90
C ILE B 214 -21.15 6.57 -30.52
N LYS B 215 -20.95 7.65 -31.29
CA LYS B 215 -22.03 8.53 -31.83
C LYS B 215 -22.99 7.72 -32.70
N ASP B 216 -22.46 6.97 -33.66
CA ASP B 216 -23.29 6.24 -34.67
C ASP B 216 -23.94 5.04 -33.98
N PRO B 217 -25.28 4.96 -33.94
CA PRO B 217 -25.96 3.89 -33.22
C PRO B 217 -25.74 2.51 -33.88
N LEU B 218 -25.47 1.51 -33.06
CA LEU B 218 -25.39 0.10 -33.52
C LEU B 218 -26.25 -0.76 -32.60
N PRO B 219 -26.89 -1.80 -33.16
CA PRO B 219 -27.79 -2.65 -32.38
C PRO B 219 -27.09 -3.28 -31.17
N GLU B 220 -27.70 -3.11 -29.99
CA GLU B 220 -27.18 -3.65 -28.70
C GLU B 220 -27.15 -5.19 -28.77
N LYS B 221 -28.03 -5.79 -29.58
CA LYS B 221 -28.09 -7.27 -29.73
C LYS B 221 -26.78 -7.77 -30.35
N ASN B 222 -26.08 -6.94 -31.12
CA ASN B 222 -24.83 -7.33 -31.82
C ASN B 222 -23.59 -6.95 -30.99
N THR B 223 -23.58 -5.77 -30.37
CA THR B 223 -22.38 -5.27 -29.65
C THR B 223 -22.77 -4.21 -28.63
N ILE B 224 -21.97 -4.12 -27.58
CA ILE B 224 -21.99 -2.98 -26.62
C ILE B 224 -20.53 -2.75 -26.22
N GLU B 225 -20.19 -1.50 -25.95
CA GLU B 225 -18.82 -1.07 -25.59
C GLU B 225 -18.64 -1.20 -24.07
N SER B 226 -17.43 -1.53 -23.65
CA SER B 226 -16.98 -1.46 -22.24
C SER B 226 -15.71 -0.64 -22.19
N PHE B 227 -15.45 0.02 -21.05
CA PHE B 227 -14.35 0.99 -20.89
C PHE B 227 -13.48 0.58 -19.71
N GLU B 228 -12.20 0.40 -19.99
CA GLU B 228 -11.22 -0.18 -19.04
C GLU B 228 -10.26 0.92 -18.56
N GLY B 229 -10.37 1.27 -17.28
CA GLY B 229 -9.45 2.21 -16.63
C GLY B 229 -8.22 1.50 -16.10
N LYS B 230 -7.24 2.28 -15.71
CA LYS B 230 -5.95 1.79 -15.16
C LYS B 230 -5.45 2.85 -14.17
N LEU B 231 -4.70 2.46 -13.15
CA LEU B 231 -4.07 3.40 -12.19
C LEU B 231 -2.74 3.88 -12.77
N PHE B 232 -1.89 2.96 -13.24
CA PHE B 232 -0.55 3.31 -13.80
C PHE B 232 -0.03 2.19 -14.69
N GLY B 233 0.84 2.55 -15.63
CA GLY B 233 1.66 1.59 -16.40
C GLY B 233 3.09 2.05 -16.49
N THR B 234 3.99 1.17 -16.92
CA THR B 234 5.44 1.47 -17.08
C THR B 234 5.58 2.57 -18.13
N GLY B 235 6.39 3.59 -17.84
CA GLY B 235 6.60 4.75 -18.72
C GLY B 235 5.44 5.72 -18.67
N ILE B 236 4.37 5.39 -17.93
CA ILE B 236 3.15 6.23 -17.81
C ILE B 236 2.67 6.20 -16.35
N GLU B 237 3.58 6.39 -15.39
CA GLU B 237 3.35 6.07 -13.97
C GLU B 237 2.49 7.14 -13.26
N SER B 238 2.60 8.41 -13.63
CA SER B 238 2.17 9.55 -12.77
C SER B 238 0.70 9.90 -12.98
N TYR B 239 0.16 9.73 -14.18
CA TYR B 239 -1.23 10.13 -14.50
C TYR B 239 -1.75 9.23 -15.61
N THR B 240 -2.96 8.71 -15.40
CA THR B 240 -3.71 7.95 -16.42
C THR B 240 -4.96 8.75 -16.77
N THR B 241 -5.11 9.16 -18.04
CA THR B 241 -6.24 10.00 -18.50
C THR B 241 -7.55 9.24 -18.21
N GLY B 242 -7.65 8.01 -18.69
CA GLY B 242 -8.81 7.13 -18.46
C GLY B 242 -8.71 6.45 -17.10
N SER B 243 -9.10 7.16 -16.04
CA SER B 243 -9.08 6.64 -14.66
C SER B 243 -10.31 5.75 -14.41
N HIS B 244 -10.27 4.93 -13.37
CA HIS B 244 -11.44 4.11 -12.93
C HIS B 244 -12.65 5.00 -12.66
N GLU B 245 -12.46 6.14 -12.01
CA GLU B 245 -13.58 7.06 -11.70
C GLU B 245 -14.15 7.57 -13.02
N PHE B 246 -13.27 8.01 -13.92
CA PHE B 246 -13.69 8.60 -15.21
C PHE B 246 -14.58 7.58 -15.94
N TYR B 247 -14.15 6.34 -16.03
CA TYR B 247 -14.87 5.34 -16.85
C TYR B 247 -16.12 4.83 -16.14
N GLN B 248 -16.11 4.72 -14.81
CA GLN B 248 -17.36 4.33 -14.11
C GLN B 248 -18.41 5.43 -14.38
N ASN B 249 -18.01 6.70 -14.25
CA ASN B 249 -18.90 7.85 -14.56
C ASN B 249 -19.34 7.79 -16.03
N TYR B 250 -18.40 7.52 -16.93
CA TYR B 250 -18.66 7.53 -18.39
C TYR B 250 -19.67 6.42 -18.74
N ALA B 251 -19.42 5.20 -18.25
CA ALA B 251 -20.27 4.01 -18.51
C ALA B 251 -21.70 4.30 -18.01
N ILE B 252 -21.84 4.76 -16.77
CA ILE B 252 -23.19 5.01 -16.18
C ILE B 252 -23.90 6.07 -17.02
N SER B 253 -23.22 7.16 -17.37
CA SER B 253 -23.85 8.32 -18.04
C SER B 253 -24.17 8.00 -19.50
N ARG B 254 -23.36 7.16 -20.17
CA ARG B 254 -23.55 6.87 -21.62
C ARG B 254 -24.21 5.50 -21.81
N ASN B 255 -24.58 4.83 -20.73
CA ASN B 255 -25.28 3.52 -20.76
C ASN B 255 -24.43 2.47 -21.46
N LYS B 256 -23.16 2.39 -21.08
CA LYS B 256 -22.21 1.40 -21.60
C LYS B 256 -21.75 0.54 -20.41
N LEU B 257 -20.88 -0.42 -20.68
CA LEU B 257 -20.32 -1.33 -19.65
C LEU B 257 -19.06 -0.69 -19.07
N TRP B 258 -18.73 -1.09 -17.84
CA TRP B 258 -17.50 -0.69 -17.14
C TRP B 258 -16.59 -1.91 -17.00
N THR B 259 -15.32 -1.79 -17.41
CA THR B 259 -14.33 -2.89 -17.30
C THR B 259 -13.51 -2.71 -16.04
N ILE B 260 -13.54 -3.73 -15.18
CA ILE B 260 -12.70 -3.86 -13.97
C ILE B 260 -11.62 -4.91 -14.26
N ASP B 261 -10.37 -4.47 -14.40
CA ASP B 261 -9.20 -5.38 -14.52
C ASP B 261 -8.56 -5.50 -13.13
N ALA B 262 -8.55 -6.69 -12.56
CA ALA B 262 -8.11 -6.97 -11.17
C ALA B 262 -6.65 -6.53 -10.94
N GLY B 263 -5.89 -6.26 -12.00
CA GLY B 263 -4.46 -5.90 -11.89
C GLY B 263 -4.24 -4.40 -11.90
N HIS B 264 -5.29 -3.60 -12.06
CA HIS B 264 -5.15 -2.16 -12.44
C HIS B 264 -5.47 -1.22 -11.28
N PHE B 265 -5.48 -1.68 -10.02
CA PHE B 265 -5.92 -0.85 -8.88
C PHE B 265 -4.77 -0.62 -7.89
N HIS B 266 -5.09 0.04 -6.77
CA HIS B 266 -4.10 0.41 -5.72
C HIS B 266 -3.65 -0.82 -4.96
N PRO B 267 -2.47 -0.77 -4.34
CA PRO B 267 -2.07 -1.80 -3.37
C PRO B 267 -3.17 -1.96 -2.32
N THR B 268 -3.57 -3.22 -2.07
CA THR B 268 -4.58 -3.66 -1.07
C THR B 268 -6.01 -3.41 -1.57
N GLU B 269 -6.18 -2.84 -2.76
CA GLU B 269 -7.53 -2.48 -3.24
C GLU B 269 -8.27 -3.76 -3.59
N ASP B 270 -9.51 -3.90 -3.12
CA ASP B 270 -10.34 -5.11 -3.32
C ASP B 270 -11.38 -4.80 -4.39
N VAL B 271 -11.16 -5.24 -5.63
CA VAL B 271 -12.04 -4.85 -6.77
C VAL B 271 -13.42 -5.49 -6.56
N SER B 272 -13.52 -6.54 -5.74
CA SER B 272 -14.82 -7.20 -5.44
C SER B 272 -15.75 -6.25 -4.69
N ASP B 273 -15.21 -5.20 -4.09
CA ASP B 273 -15.98 -4.14 -3.37
C ASP B 273 -16.83 -3.35 -4.38
N LYS B 274 -16.41 -3.29 -5.64
CA LYS B 274 -16.94 -2.28 -6.61
C LYS B 274 -18.33 -2.70 -7.11
N PHE B 275 -18.61 -3.99 -7.22
CA PHE B 275 -19.79 -4.48 -8.00
C PHE B 275 -21.07 -3.88 -7.43
N SER B 276 -21.23 -3.97 -6.09
CA SER B 276 -22.47 -3.59 -5.36
C SER B 276 -22.61 -2.07 -5.25
N ALA B 277 -21.53 -1.31 -5.50
CA ALA B 277 -21.54 0.18 -5.58
C ALA B 277 -21.86 0.61 -7.01
N PHE B 278 -21.70 -0.29 -7.99
CA PHE B 278 -21.91 0.00 -9.43
C PHE B 278 -23.36 -0.32 -9.82
N PHE B 279 -23.86 -1.49 -9.45
CA PHE B 279 -25.11 -2.05 -10.00
C PHE B 279 -26.37 -1.29 -9.57
N PRO B 280 -26.40 -0.47 -8.48
CA PRO B 280 -27.57 0.40 -8.26
C PRO B 280 -27.71 1.47 -9.35
N PHE B 281 -26.68 1.68 -10.16
CA PHE B 281 -26.58 2.83 -11.09
C PHE B 281 -26.36 2.36 -12.54
N GLY B 282 -25.57 1.32 -12.76
CA GLY B 282 -25.05 0.97 -14.09
C GLY B 282 -25.67 -0.29 -14.68
N LYS B 283 -25.27 -0.59 -15.91
CA LYS B 283 -25.90 -1.59 -16.80
C LYS B 283 -25.22 -2.96 -16.65
N GLY B 284 -23.88 -2.98 -16.64
CA GLY B 284 -23.12 -4.24 -16.71
C GLY B 284 -21.64 -4.02 -16.56
N LEU B 285 -20.92 -5.12 -16.29
CA LEU B 285 -19.46 -5.15 -16.07
C LEU B 285 -18.82 -6.12 -17.05
N PHE B 286 -17.61 -5.78 -17.47
CA PHE B 286 -16.62 -6.70 -18.07
C PHE B 286 -15.52 -6.86 -17.02
N MET B 287 -15.44 -8.03 -16.41
CA MET B 287 -14.43 -8.31 -15.38
C MET B 287 -13.25 -9.00 -16.05
N HIS B 288 -12.07 -8.36 -15.98
CA HIS B 288 -10.78 -8.88 -16.51
C HIS B 288 -9.99 -9.46 -15.33
N VAL B 289 -10.07 -10.78 -15.12
CA VAL B 289 -9.32 -11.41 -14.00
C VAL B 289 -7.89 -11.51 -14.46
N SER B 290 -6.98 -11.03 -13.61
CA SER B 290 -5.56 -10.83 -13.90
C SER B 290 -4.87 -10.78 -12.53
N ARG B 291 -3.68 -11.33 -12.42
CA ARG B 291 -2.95 -11.34 -11.12
C ARG B 291 -1.86 -10.28 -11.21
N PRO B 292 -1.98 -9.18 -10.45
CA PRO B 292 -0.87 -8.25 -10.31
C PRO B 292 0.07 -8.74 -9.20
N VAL B 293 1.37 -8.71 -9.47
CA VAL B 293 2.39 -8.94 -8.42
C VAL B 293 3.18 -7.64 -8.27
N ARG B 294 2.61 -6.71 -7.49
CA ARG B 294 3.21 -5.43 -7.01
C ARG B 294 3.18 -4.36 -8.12
N TRP B 295 2.80 -4.76 -9.33
CA TRP B 295 2.43 -3.82 -10.44
C TRP B 295 1.48 -4.55 -11.38
N ASP B 296 1.03 -3.89 -12.44
CA ASP B 296 0.13 -4.49 -13.46
C ASP B 296 0.98 -5.46 -14.30
N SER B 297 1.35 -6.60 -13.72
CA SER B 297 2.37 -7.55 -14.24
C SER B 297 1.70 -8.60 -15.13
N ASP B 298 0.38 -8.74 -15.06
CA ASP B 298 -0.39 -9.65 -15.94
C ASP B 298 0.09 -11.09 -15.74
N HIS B 299 0.29 -11.49 -14.48
CA HIS B 299 0.57 -12.89 -14.08
C HIS B 299 -0.68 -13.72 -14.33
N VAL B 300 -0.48 -15.01 -14.59
CA VAL B 300 -1.59 -15.99 -14.76
C VAL B 300 -2.43 -15.95 -13.48
N VAL B 301 -3.75 -15.93 -13.66
CA VAL B 301 -4.73 -16.00 -12.56
C VAL B 301 -4.53 -17.31 -11.80
N ILE B 302 -4.47 -17.21 -10.48
CA ILE B 302 -4.37 -18.37 -9.54
C ILE B 302 -5.45 -18.20 -8.49
N MET B 303 -5.72 -19.28 -7.77
CA MET B 303 -6.69 -19.26 -6.65
C MET B 303 -6.05 -18.56 -5.46
N ASP B 304 -6.31 -17.26 -5.34
CA ASP B 304 -5.77 -16.40 -4.25
C ASP B 304 -6.93 -15.58 -3.68
N ASP B 305 -6.65 -14.77 -2.65
CA ASP B 305 -7.69 -13.95 -1.97
C ASP B 305 -8.48 -13.14 -3.00
N ALA B 306 -7.79 -12.47 -3.93
CA ALA B 306 -8.43 -11.59 -4.93
C ALA B 306 -9.43 -12.41 -5.76
N LEU B 307 -8.99 -13.55 -6.32
CA LEU B 307 -9.87 -14.37 -7.19
C LEU B 307 -11.07 -14.88 -6.39
N ILE B 308 -10.81 -15.40 -5.19
CA ILE B 308 -11.86 -15.94 -4.28
C ILE B 308 -12.89 -14.84 -3.98
N ARG B 309 -12.44 -13.62 -3.69
CA ARG B 309 -13.31 -12.47 -3.35
C ARG B 309 -14.11 -12.03 -4.59
N ILE B 310 -13.42 -11.89 -5.72
CA ILE B 310 -14.10 -11.53 -7.00
C ILE B 310 -15.23 -12.53 -7.24
N THR B 311 -14.92 -13.82 -7.24
CA THR B 311 -15.88 -14.87 -7.66
C THR B 311 -17.01 -14.96 -6.64
N ARG B 312 -16.72 -14.92 -5.34
CA ARG B 312 -17.77 -15.15 -4.31
C ARG B 312 -18.64 -13.90 -4.23
N SER B 313 -18.10 -12.71 -4.50
CA SER B 313 -18.87 -11.44 -4.48
C SER B 313 -19.84 -11.44 -5.67
N LEU B 314 -19.46 -11.99 -6.81
CA LEU B 314 -20.39 -12.08 -7.98
C LEU B 314 -21.47 -13.14 -7.70
N VAL B 315 -21.09 -14.27 -7.11
CA VAL B 315 -22.03 -15.40 -6.85
C VAL B 315 -23.00 -14.99 -5.73
N ARG B 316 -22.48 -14.53 -4.59
CA ARG B 316 -23.32 -14.26 -3.38
C ARG B 316 -24.37 -13.19 -3.70
N ASP B 317 -24.02 -12.18 -4.49
CA ASP B 317 -24.91 -11.00 -4.71
C ASP B 317 -25.63 -11.13 -6.05
N GLY B 318 -25.46 -12.26 -6.74
CA GLY B 318 -26.27 -12.60 -7.93
C GLY B 318 -25.97 -11.72 -9.13
N TYR B 319 -24.70 -11.34 -9.35
CA TYR B 319 -24.30 -10.41 -10.43
C TYR B 319 -23.75 -11.14 -11.68
N LEU B 320 -23.66 -12.46 -11.69
CA LEU B 320 -23.03 -13.19 -12.83
C LEU B 320 -23.73 -12.84 -14.15
N ASP B 321 -25.06 -12.74 -14.15
CA ASP B 321 -25.87 -12.53 -15.37
C ASP B 321 -25.66 -11.11 -15.94
N ARG B 322 -25.02 -10.19 -15.20
CA ARG B 322 -24.74 -8.82 -15.68
C ARG B 322 -23.23 -8.59 -15.72
N THR B 323 -22.46 -9.64 -15.48
CA THR B 323 -20.97 -9.56 -15.45
C THR B 323 -20.37 -10.56 -16.43
N HIS B 324 -19.72 -10.05 -17.49
CA HIS B 324 -18.92 -10.85 -18.44
C HIS B 324 -17.56 -11.09 -17.81
N ILE B 325 -17.15 -12.33 -17.61
CA ILE B 325 -15.83 -12.62 -17.01
C ILE B 325 -14.85 -12.89 -18.14
N GLY B 326 -13.85 -12.03 -18.26
CA GLY B 326 -12.76 -12.20 -19.23
C GLY B 326 -11.48 -12.48 -18.49
N LEU B 327 -10.57 -13.19 -19.15
CA LEU B 327 -9.19 -13.39 -18.64
C LEU B 327 -8.30 -12.31 -19.25
N ASP B 328 -7.31 -11.85 -18.50
CA ASP B 328 -6.27 -10.96 -19.05
C ASP B 328 -4.97 -11.24 -18.31
N PHE B 329 -4.03 -11.84 -19.01
CA PHE B 329 -2.66 -12.08 -18.51
C PHE B 329 -1.78 -12.43 -19.71
N PHE B 330 -0.47 -12.31 -19.53
CA PHE B 330 0.52 -12.75 -20.56
C PHE B 330 1.79 -13.15 -19.83
N ASP B 331 1.98 -14.45 -19.69
CA ASP B 331 3.20 -15.04 -19.11
C ASP B 331 3.83 -15.91 -20.20
N ALA B 332 5.03 -15.54 -20.67
CA ALA B 332 5.75 -16.23 -21.76
C ALA B 332 6.88 -17.08 -21.18
N THR B 333 6.99 -17.15 -19.85
CA THR B 333 8.05 -17.94 -19.16
C THR B 333 7.60 -19.40 -19.04
N ILE B 334 6.36 -19.69 -19.40
CA ILE B 334 5.76 -21.04 -19.24
C ILE B 334 5.04 -21.43 -20.53
N ASN B 335 4.64 -22.69 -20.64
CA ASN B 335 3.82 -23.15 -21.79
C ASN B 335 2.60 -22.23 -21.87
N ARG B 336 2.43 -21.55 -23.01
CA ARG B 336 1.42 -20.48 -23.18
C ARG B 336 0.02 -21.10 -23.18
N VAL B 337 -0.12 -22.33 -23.67
CA VAL B 337 -1.43 -23.05 -23.65
C VAL B 337 -1.78 -23.42 -22.20
N ALA B 338 -0.83 -23.94 -21.44
CA ALA B 338 -1.00 -24.26 -20.01
C ALA B 338 -1.41 -23.00 -19.23
N ALA B 339 -0.85 -21.84 -19.58
CA ALA B 339 -1.16 -20.55 -18.91
C ALA B 339 -2.68 -20.34 -18.93
N TRP B 340 -3.30 -20.45 -20.10
CA TRP B 340 -4.76 -20.32 -20.28
C TRP B 340 -5.50 -21.28 -19.36
N VAL B 341 -5.09 -22.55 -19.33
CA VAL B 341 -5.83 -23.61 -18.59
C VAL B 341 -5.71 -23.34 -17.09
N VAL B 342 -4.52 -22.99 -16.59
CA VAL B 342 -4.31 -22.67 -15.15
C VAL B 342 -5.30 -21.56 -14.76
N GLY B 343 -5.31 -20.45 -15.49
CA GLY B 343 -6.11 -19.28 -15.14
C GLY B 343 -7.60 -19.57 -15.23
N ALA B 344 -8.02 -20.25 -16.29
CA ALA B 344 -9.44 -20.58 -16.52
C ALA B 344 -9.93 -21.52 -15.41
N ARG B 345 -9.17 -22.56 -15.09
CA ARG B 345 -9.54 -23.58 -14.07
C ARG B 345 -9.56 -22.93 -12.69
N ALA B 346 -8.59 -22.06 -12.39
CA ALA B 346 -8.54 -21.31 -11.11
C ALA B 346 -9.84 -20.52 -10.95
N THR B 347 -10.25 -19.83 -12.00
CA THR B 347 -11.47 -18.99 -12.01
C THR B 347 -12.69 -19.90 -11.78
N GLN B 348 -12.77 -21.01 -12.49
CA GLN B 348 -13.95 -21.93 -12.41
C GLN B 348 -14.07 -22.54 -11.01
N LYS B 349 -12.97 -23.03 -10.43
CA LYS B 349 -13.03 -23.74 -9.12
C LYS B 349 -13.40 -22.72 -8.04
N SER B 350 -13.02 -21.46 -8.24
CA SER B 350 -13.30 -20.35 -7.28
C SER B 350 -14.78 -19.97 -7.36
N LEU B 351 -15.31 -19.81 -8.56
CA LEU B 351 -16.78 -19.68 -8.77
C LEU B 351 -17.51 -20.86 -8.10
N LEU B 352 -17.07 -22.09 -8.36
CA LEU B 352 -17.77 -23.29 -7.85
C LEU B 352 -17.71 -23.30 -6.31
N GLN B 353 -16.56 -22.99 -5.71
CA GLN B 353 -16.47 -23.00 -4.23
C GLN B 353 -17.52 -22.02 -3.67
N ALA B 354 -17.67 -20.85 -4.28
CA ALA B 354 -18.61 -19.80 -3.84
C ALA B 354 -20.05 -20.32 -4.00
N MET B 355 -20.32 -21.05 -5.07
CA MET B 355 -21.67 -21.63 -5.32
C MET B 355 -21.99 -22.72 -4.30
N LEU B 356 -20.96 -23.35 -3.73
CA LEU B 356 -21.12 -24.50 -2.79
C LEU B 356 -21.23 -23.98 -1.36
N ALA B 357 -22.01 -22.93 -1.14
CA ALA B 357 -22.24 -22.35 0.19
C ALA B 357 -23.73 -22.26 0.43
N PRO B 358 -24.19 -22.39 1.69
CA PRO B 358 -25.60 -22.18 2.03
C PRO B 358 -25.87 -20.67 2.10
N ILE B 359 -25.84 -20.02 0.94
CA ILE B 359 -25.79 -18.53 0.83
C ILE B 359 -27.07 -17.92 1.46
N ASP B 360 -28.24 -18.49 1.21
CA ASP B 360 -29.52 -17.92 1.74
C ASP B 360 -29.49 -17.96 3.27
N GLN B 361 -29.04 -19.07 3.87
CA GLN B 361 -28.97 -19.21 5.35
C GLN B 361 -27.88 -18.27 5.89
N LEU B 362 -26.72 -18.19 5.23
CA LEU B 362 -25.62 -17.30 5.68
C LEU B 362 -26.10 -15.84 5.63
N LYS B 363 -26.89 -15.47 4.62
CA LYS B 363 -27.47 -14.12 4.51
C LYS B 363 -28.40 -13.86 5.71
N LYS B 364 -29.26 -14.83 6.08
CA LYS B 364 -30.20 -14.65 7.23
C LYS B 364 -29.39 -14.50 8.51
N ASP B 365 -28.35 -15.33 8.70
CA ASP B 365 -27.50 -15.28 9.93
C ASP B 365 -26.91 -13.88 10.04
N GLU B 366 -26.38 -13.36 8.94
CA GLU B 366 -25.74 -12.02 8.86
C GLU B 366 -26.78 -10.91 9.14
N LEU B 367 -28.00 -11.07 8.62
CA LEU B 367 -29.08 -10.07 8.87
C LEU B 367 -29.39 -10.04 10.37
N ASN B 368 -29.22 -11.15 11.06
CA ASN B 368 -29.48 -11.29 12.52
C ASN B 368 -28.21 -10.97 13.32
N ALA B 369 -27.15 -10.50 12.66
CA ALA B 369 -25.86 -10.07 13.27
C ALA B 369 -25.20 -11.25 13.97
N ASP B 370 -25.46 -12.47 13.50
CA ASP B 370 -24.81 -13.70 14.01
C ASP B 370 -23.45 -13.82 13.31
N PHE B 371 -22.48 -13.01 13.73
CA PHE B 371 -21.14 -12.92 13.10
C PHE B 371 -20.30 -14.15 13.51
N THR B 372 -20.61 -14.77 14.65
CA THR B 372 -19.95 -16.03 15.11
C THR B 372 -20.20 -17.14 14.09
N THR B 373 -21.46 -17.37 13.75
CA THR B 373 -21.86 -18.43 12.80
C THR B 373 -21.24 -18.12 11.43
N ARG B 374 -21.32 -16.87 10.98
CA ARG B 374 -20.78 -16.48 9.66
C ARG B 374 -19.27 -16.83 9.61
N LEU B 375 -18.50 -16.44 10.63
CA LEU B 375 -17.04 -16.69 10.62
C LEU B 375 -16.79 -18.20 10.63
N ILE B 376 -17.40 -18.94 11.56
CA ILE B 376 -17.16 -20.42 11.67
C ILE B 376 -17.48 -21.06 10.32
N GLU B 377 -18.65 -20.79 9.74
CA GLU B 377 -19.12 -21.52 8.53
C GLU B 377 -18.26 -21.15 7.31
N THR B 378 -17.95 -19.87 7.09
CA THR B 378 -17.15 -19.43 5.92
C THR B 378 -15.75 -20.06 5.99
N GLU B 379 -15.20 -20.19 7.20
CA GLU B 379 -13.88 -20.83 7.38
C GLU B 379 -13.98 -22.34 7.15
N GLU B 380 -15.03 -23.01 7.68
CA GLU B 380 -15.19 -24.48 7.48
C GLU B 380 -15.36 -24.78 5.98
N LEU B 381 -16.03 -23.92 5.24
CA LEU B 381 -16.35 -24.21 3.81
C LEU B 381 -15.05 -24.20 3.00
N LYS B 382 -14.02 -23.51 3.48
CA LYS B 382 -12.72 -23.44 2.77
C LYS B 382 -12.07 -24.84 2.72
N SER B 383 -12.40 -25.75 3.64
CA SER B 383 -11.85 -27.12 3.68
C SER B 383 -12.95 -28.18 3.50
N PHE B 384 -14.15 -27.78 3.10
CA PHE B 384 -15.18 -28.74 2.60
C PHE B 384 -14.66 -29.33 1.30
N PRO B 385 -15.24 -30.46 0.83
CA PRO B 385 -14.74 -31.13 -0.38
C PRO B 385 -15.13 -30.49 -1.73
N PHE B 386 -14.82 -29.22 -1.93
CA PHE B 386 -15.16 -28.47 -3.16
C PHE B 386 -14.39 -29.08 -4.34
N GLY B 387 -13.17 -29.57 -4.08
CA GLY B 387 -12.34 -30.27 -5.07
C GLY B 387 -13.05 -31.47 -5.68
N ALA B 388 -13.83 -32.21 -4.89
CA ALA B 388 -14.56 -33.41 -5.38
C ALA B 388 -15.66 -32.98 -6.35
N VAL B 389 -16.27 -31.81 -6.11
CA VAL B 389 -17.32 -31.29 -7.01
C VAL B 389 -16.64 -30.78 -8.30
N TRP B 390 -15.50 -30.12 -8.16
CA TRP B 390 -14.68 -29.59 -9.28
C TRP B 390 -14.23 -30.75 -10.18
N ASP B 391 -13.66 -31.80 -9.60
CA ASP B 391 -13.20 -33.01 -10.34
C ASP B 391 -14.39 -33.62 -11.10
N LYS B 392 -15.55 -33.73 -10.44
CA LYS B 392 -16.75 -34.32 -11.07
C LYS B 392 -17.13 -33.45 -12.28
N PHE B 393 -17.10 -32.13 -12.12
CA PHE B 393 -17.40 -31.17 -13.21
C PHE B 393 -16.44 -31.41 -14.37
N CYS B 394 -15.14 -31.53 -14.10
CA CYS B 394 -14.11 -31.74 -15.13
C CYS B 394 -14.43 -33.03 -15.88
N GLN B 395 -14.65 -34.12 -15.14
CA GLN B 395 -14.89 -35.46 -15.71
C GLN B 395 -16.19 -35.46 -16.54
N ASP B 396 -17.27 -34.91 -15.97
CA ASP B 396 -18.59 -34.85 -16.66
C ASP B 396 -18.44 -34.12 -18.00
N HIS B 397 -17.52 -33.16 -18.09
CA HIS B 397 -17.33 -32.30 -19.29
C HIS B 397 -16.14 -32.79 -20.13
N ASN B 398 -15.70 -34.03 -19.92
CA ASN B 398 -14.69 -34.70 -20.77
C ASN B 398 -13.39 -33.91 -20.78
N THR B 399 -12.90 -33.49 -19.62
CA THR B 399 -11.58 -32.85 -19.42
C THR B 399 -10.83 -33.61 -18.34
N PRO B 400 -9.48 -33.60 -18.36
CA PRO B 400 -8.69 -34.37 -17.41
C PRO B 400 -8.82 -33.80 -15.98
N VAL B 401 -8.64 -34.67 -15.00
CA VAL B 401 -8.80 -34.39 -13.55
C VAL B 401 -7.42 -34.14 -12.95
N GLY B 402 -7.29 -33.07 -12.17
CA GLY B 402 -6.10 -32.81 -11.33
C GLY B 402 -4.86 -32.64 -12.18
N PHE B 403 -3.78 -33.33 -11.81
CA PHE B 403 -2.47 -33.26 -12.49
C PHE B 403 -2.56 -33.83 -13.91
N ASP B 404 -3.62 -34.58 -14.24
CA ASP B 404 -3.69 -35.38 -15.49
C ASP B 404 -3.54 -34.49 -16.74
N TRP B 405 -4.03 -33.25 -16.74
CA TRP B 405 -4.02 -32.45 -17.99
C TRP B 405 -2.59 -32.02 -18.35
N MET B 406 -1.62 -32.21 -17.45
CA MET B 406 -0.20 -31.99 -17.79
C MET B 406 0.23 -33.00 -18.87
N ASN B 407 -0.38 -34.19 -18.90
CA ASN B 407 -0.04 -35.22 -19.91
C ASN B 407 -0.40 -34.63 -21.28
N ASN B 408 -1.55 -33.96 -21.35
CA ASN B 408 -2.08 -33.35 -22.60
C ASN B 408 -1.09 -32.28 -23.07
N ILE B 409 -0.66 -31.42 -22.15
CA ILE B 409 0.32 -30.34 -22.44
C ILE B 409 1.61 -30.99 -22.98
N HIS B 410 2.12 -32.01 -22.30
CA HIS B 410 3.41 -32.66 -22.67
C HIS B 410 3.27 -33.26 -24.08
N GLN B 411 2.14 -33.89 -24.38
CA GLN B 411 1.86 -34.46 -25.73
C GLN B 411 1.77 -33.33 -26.75
N TYR B 412 1.09 -32.22 -26.41
CA TYR B 412 0.91 -31.07 -27.34
C TYR B 412 2.28 -30.42 -27.59
N GLU B 413 3.14 -30.34 -26.58
CA GLU B 413 4.53 -29.85 -26.76
C GLU B 413 5.24 -30.75 -27.77
N LYS B 414 5.16 -32.06 -27.56
CA LYS B 414 5.87 -33.09 -28.36
C LYS B 414 5.39 -33.02 -29.81
N ASP B 415 4.07 -33.00 -30.04
CA ASP B 415 3.47 -33.18 -31.39
C ASP B 415 3.39 -31.84 -32.14
N VAL B 416 3.29 -30.72 -31.43
CA VAL B 416 2.94 -29.40 -32.05
C VAL B 416 3.95 -28.32 -31.68
N GLN B 417 3.99 -27.90 -30.42
CA GLN B 417 4.67 -26.63 -30.02
C GLN B 417 6.18 -26.75 -30.27
N PHE B 418 6.83 -27.85 -29.86
CA PHE B 418 8.31 -27.97 -29.89
C PHE B 418 8.80 -28.21 -31.31
N LYS B 419 7.89 -28.46 -32.25
CA LYS B 419 8.25 -28.69 -33.68
C LYS B 419 8.29 -27.37 -34.44
N ARG B 420 7.83 -26.28 -33.81
CA ARG B 420 7.55 -25.01 -34.53
C ARG B 420 8.83 -24.30 -34.95
N ASP B 421 9.93 -24.38 -34.19
CA ASP B 421 11.17 -23.63 -34.54
C ASP B 421 12.39 -24.54 -34.60
N MET C 1 17.41 36.96 -16.25
CA MET C 1 18.63 36.54 -15.47
C MET C 1 18.50 37.11 -14.06
N VAL C 2 18.62 36.27 -13.03
CA VAL C 2 18.57 36.73 -11.61
C VAL C 2 19.80 37.61 -11.37
N LYS C 3 19.64 38.74 -10.68
CA LYS C 3 20.75 39.71 -10.39
C LYS C 3 21.44 39.30 -9.10
N PRO C 4 22.78 39.16 -9.10
CA PRO C 4 23.49 38.78 -7.89
C PRO C 4 23.12 39.63 -6.66
N GLU C 5 22.85 40.93 -6.84
CA GLU C 5 22.51 41.83 -5.70
C GLU C 5 21.09 41.51 -5.22
N GLU C 6 20.23 40.97 -6.09
CA GLU C 6 18.88 40.42 -5.72
C GLU C 6 19.10 39.23 -4.77
N VAL C 7 20.05 38.36 -5.10
CA VAL C 7 20.37 37.14 -4.29
C VAL C 7 20.96 37.59 -2.95
N ASP C 8 21.92 38.52 -2.96
CA ASP C 8 22.65 38.94 -1.74
C ASP C 8 21.67 39.60 -0.76
N LYS C 9 20.74 40.40 -1.26
CA LYS C 9 19.77 41.16 -0.42
C LYS C 9 18.78 40.19 0.23
N ALA C 10 18.24 39.24 -0.54
CA ALA C 10 17.34 38.17 -0.04
C ALA C 10 18.10 37.35 1.01
N TYR C 11 19.36 37.05 0.76
CA TYR C 11 20.23 36.27 1.68
C TYR C 11 20.38 37.01 3.02
N GLU C 12 20.66 38.31 2.97
CA GLU C 12 20.90 39.10 4.21
C GLU C 12 19.63 39.07 5.08
N VAL C 13 18.45 39.18 4.46
CA VAL C 13 17.16 39.15 5.21
C VAL C 13 16.97 37.75 5.79
N ALA C 14 17.19 36.70 4.99
CA ALA C 14 17.03 35.29 5.41
C ALA C 14 18.00 34.98 6.57
N LYS C 15 19.24 35.43 6.45
CA LYS C 15 20.28 35.25 7.50
C LYS C 15 19.71 35.75 8.83
N GLN C 16 19.06 36.92 8.82
CA GLN C 16 18.54 37.57 10.04
C GLN C 16 17.30 36.80 10.53
N ARG C 17 16.41 36.39 9.62
CA ARG C 17 15.21 35.59 9.99
C ARG C 17 15.66 34.33 10.71
N TYR C 18 16.69 33.64 10.20
CA TYR C 18 17.21 32.37 10.77
C TYR C 18 17.97 32.65 12.09
N ALA C 19 18.79 33.70 12.14
CA ALA C 19 19.51 34.11 13.35
C ALA C 19 18.51 34.28 14.52
N GLU C 20 17.35 34.87 14.25
CA GLU C 20 16.30 35.16 15.28
C GLU C 20 15.81 33.87 15.93
N ILE C 21 15.95 32.72 15.27
CA ILE C 21 15.48 31.41 15.83
C ILE C 21 16.69 30.51 16.12
N GLY C 22 17.89 31.07 16.15
CA GLY C 22 19.10 30.36 16.61
C GLY C 22 19.70 29.49 15.53
N VAL C 23 19.51 29.87 14.26
CA VAL C 23 20.06 29.13 13.08
C VAL C 23 21.08 30.01 12.37
N ASP C 24 22.27 29.48 12.14
CA ASP C 24 23.40 30.17 11.45
C ASP C 24 23.43 29.72 9.98
N THR C 25 23.04 30.61 9.06
CA THR C 25 22.89 30.29 7.62
C THR C 25 24.27 30.07 6.98
N ASP C 26 25.29 30.83 7.40
CA ASP C 26 26.68 30.69 6.88
C ASP C 26 27.19 29.28 7.24
N ALA C 27 26.96 28.84 8.48
CA ALA C 27 27.39 27.51 8.98
C ALA C 27 26.59 26.40 8.25
N ALA C 28 25.30 26.60 8.02
CA ALA C 28 24.46 25.61 7.30
C ALA C 28 25.08 25.38 5.91
N MET C 29 25.50 26.46 5.25
CA MET C 29 26.06 26.40 3.88
C MET C 29 27.40 25.67 3.93
N LYS C 30 28.19 25.87 4.98
CA LYS C 30 29.51 25.19 5.14
C LYS C 30 29.28 23.68 5.30
N GLU C 31 28.25 23.29 6.05
CA GLU C 31 27.87 21.86 6.24
C GLU C 31 27.44 21.29 4.89
N LEU C 32 26.60 21.99 4.12
CA LEU C 32 26.15 21.47 2.79
C LEU C 32 27.37 21.17 1.90
N GLU C 33 28.42 22.01 1.97
CA GLU C 33 29.64 21.89 1.13
C GLU C 33 30.30 20.52 1.33
N LYS C 34 30.12 19.93 2.52
CA LYS C 34 30.85 18.70 2.95
C LYS C 34 30.08 17.45 2.54
N VAL C 35 28.96 17.59 1.80
CA VAL C 35 28.11 16.44 1.42
C VAL C 35 28.16 16.23 -0.09
N PRO C 36 29.09 15.37 -0.56
CA PRO C 36 29.19 15.02 -1.97
C PRO C 36 28.10 14.01 -2.39
N LEU C 37 27.46 14.26 -3.53
CA LEU C 37 26.51 13.31 -4.16
C LEU C 37 27.26 12.51 -5.22
N SER C 38 27.07 11.18 -5.24
CA SER C 38 27.68 10.29 -6.24
C SER C 38 26.74 10.19 -7.45
N VAL C 39 27.08 10.94 -8.50
CA VAL C 39 26.27 11.10 -9.73
C VAL C 39 26.49 9.86 -10.61
N HIS C 40 25.41 9.15 -10.92
CA HIS C 40 25.44 7.87 -11.67
C HIS C 40 25.66 8.15 -13.17
N CYS C 41 26.67 7.54 -13.77
CA CYS C 41 27.07 7.80 -15.18
C CYS C 41 25.98 7.31 -16.14
N TRP C 42 25.19 6.32 -15.73
CA TRP C 42 24.37 5.53 -16.69
C TRP C 42 23.10 6.27 -17.13
N GLN C 43 22.76 7.39 -16.48
CA GLN C 43 21.65 8.27 -16.94
C GLN C 43 22.04 8.92 -18.27
N GLY C 44 23.34 9.08 -18.54
CA GLY C 44 23.86 9.83 -19.71
C GLY C 44 23.68 9.08 -21.02
N ASP C 45 23.58 7.76 -20.97
CA ASP C 45 23.59 6.89 -22.18
C ASP C 45 22.61 5.72 -22.01
N ASP C 46 21.60 5.87 -21.15
CA ASP C 46 20.51 4.86 -21.01
C ASP C 46 21.10 3.48 -20.67
N ILE C 47 22.16 3.46 -19.86
CA ILE C 47 22.78 2.21 -19.30
C ILE C 47 23.30 1.33 -20.44
N HIS C 48 23.63 1.90 -21.60
CA HIS C 48 24.25 1.16 -22.74
C HIS C 48 25.66 0.71 -22.37
N GLY C 49 26.45 1.60 -21.77
CA GLY C 49 27.89 1.38 -21.52
C GLY C 49 28.65 1.22 -22.84
N PHE C 50 29.88 0.71 -22.79
CA PHE C 50 30.81 0.67 -23.95
C PHE C 50 31.31 -0.76 -24.23
N LEU C 51 31.02 -1.70 -23.34
CA LEU C 51 31.63 -3.06 -23.36
C LEU C 51 30.96 -3.91 -24.45
N PHE C 52 29.63 -3.84 -24.57
CA PHE C 52 28.82 -4.65 -25.53
C PHE C 52 27.85 -3.75 -26.27
N PRO C 53 28.27 -3.13 -27.38
CA PRO C 53 27.36 -2.35 -28.22
C PRO C 53 25.94 -2.92 -28.34
N ASN C 54 24.96 -2.02 -28.16
CA ASN C 54 23.48 -2.26 -28.17
C ASN C 54 23.10 -3.71 -27.81
N GLN C 55 22.93 -3.95 -26.51
CA GLN C 55 22.45 -5.22 -25.91
C GLN C 55 21.15 -4.95 -25.13
N SER C 64 12.38 4.33 -19.99
CA SER C 64 11.42 4.90 -20.97
C SER C 64 11.92 6.27 -21.44
N GLY C 65 11.84 6.53 -22.76
CA GLY C 65 12.12 7.84 -23.38
C GLY C 65 13.04 7.75 -24.59
N ASN C 66 13.07 8.82 -25.39
CA ASN C 66 13.92 8.94 -26.59
C ASN C 66 14.25 10.41 -26.84
N TYR C 67 14.56 11.19 -25.80
CA TYR C 67 15.02 12.60 -25.96
C TYR C 67 16.28 12.57 -26.81
N PRO C 68 16.50 13.58 -27.68
CA PRO C 68 17.68 13.64 -28.53
C PRO C 68 18.98 13.76 -27.70
N GLY C 69 20.11 13.43 -28.32
CA GLY C 69 21.44 13.82 -27.84
C GLY C 69 22.04 12.84 -26.85
N ILE C 70 21.57 11.59 -26.83
CA ILE C 70 22.17 10.52 -25.97
C ILE C 70 23.69 10.46 -26.19
N ALA C 71 24.46 10.27 -25.13
CA ALA C 71 25.92 10.00 -25.22
C ALA C 71 26.12 8.60 -25.82
N ARG C 72 27.08 8.46 -26.73
CA ARG C 72 27.38 7.16 -27.43
C ARG C 72 28.83 6.76 -27.26
N THR C 73 29.69 7.63 -26.71
CA THR C 73 31.14 7.41 -26.57
C THR C 73 31.58 7.86 -25.18
N PRO C 74 32.73 7.36 -24.70
CA PRO C 74 33.30 7.83 -23.43
C PRO C 74 33.41 9.36 -23.39
N ASP C 75 33.99 9.97 -24.44
CA ASP C 75 34.20 11.44 -24.53
C ASP C 75 32.85 12.16 -24.40
N GLU C 76 31.82 11.67 -25.08
CA GLU C 76 30.46 12.26 -25.05
C GLU C 76 29.93 12.18 -23.61
N LEU C 77 30.04 11.02 -22.97
CA LEU C 77 29.47 10.80 -21.62
C LEU C 77 30.23 11.65 -20.61
N ALA C 78 31.56 11.65 -20.69
CA ALA C 78 32.46 12.46 -19.86
C ALA C 78 32.05 13.92 -19.96
N GLY C 79 31.84 14.40 -21.19
CA GLY C 79 31.47 15.80 -21.46
C GLY C 79 30.11 16.13 -20.88
N ASP C 80 29.17 15.19 -20.98
CA ASP C 80 27.79 15.35 -20.44
C ASP C 80 27.87 15.45 -18.91
N MET C 81 28.68 14.61 -18.26
CA MET C 81 28.81 14.65 -16.78
C MET C 81 29.50 15.95 -16.35
N HIS C 82 30.51 16.41 -17.11
CA HIS C 82 31.20 17.69 -16.84
C HIS C 82 30.16 18.82 -16.86
N GLU C 83 29.31 18.83 -17.87
CA GLU C 83 28.27 19.88 -18.03
C GLU C 83 27.34 19.85 -16.81
N ALA C 84 26.81 18.68 -16.45
CA ALA C 84 25.90 18.53 -15.27
C ALA C 84 26.61 19.04 -14.01
N LEU C 85 27.83 18.57 -13.75
CA LEU C 85 28.57 18.96 -12.53
C LEU C 85 28.78 20.48 -12.49
N SER C 86 28.96 21.13 -13.65
CA SER C 86 29.20 22.59 -13.74
C SER C 86 27.95 23.36 -13.30
N LEU C 87 26.79 22.69 -13.26
CA LEU C 87 25.49 23.32 -12.89
C LEU C 87 25.04 22.82 -11.51
N ILE C 88 25.86 21.97 -10.87
CA ILE C 88 25.59 21.49 -9.48
C ILE C 88 26.63 22.11 -8.56
N PRO C 89 26.22 22.97 -7.60
CA PRO C 89 27.18 23.70 -6.77
C PRO C 89 27.92 22.76 -5.84
N GLY C 90 29.22 23.02 -5.67
CA GLY C 90 30.11 22.28 -4.74
C GLY C 90 30.80 21.14 -5.45
N LYS C 91 31.38 20.22 -4.66
CA LYS C 91 32.24 19.12 -5.13
C LYS C 91 31.51 17.80 -4.89
N HIS C 92 31.49 16.94 -5.90
CA HIS C 92 30.70 15.68 -5.88
C HIS C 92 31.55 14.51 -6.35
N ARG C 93 30.89 13.40 -6.62
CA ARG C 93 31.54 12.12 -7.03
C ARG C 93 30.75 11.59 -8.22
N VAL C 94 31.31 10.61 -8.92
CA VAL C 94 30.62 9.91 -10.03
C VAL C 94 30.66 8.40 -9.74
N GLN C 95 29.53 7.72 -9.95
CA GLN C 95 29.44 6.24 -9.95
C GLN C 95 29.62 5.70 -11.38
N LEU C 96 30.48 4.70 -11.53
CA LEU C 96 30.65 3.92 -12.77
C LEU C 96 29.90 2.58 -12.62
N HIS C 97 29.57 1.97 -13.75
CA HIS C 97 29.19 0.54 -13.89
C HIS C 97 30.34 -0.17 -14.64
N ALA C 98 30.52 -1.46 -14.41
CA ALA C 98 31.60 -2.28 -14.99
C ALA C 98 31.55 -2.16 -16.52
N ILE C 99 30.36 -2.03 -17.12
CA ILE C 99 30.19 -2.00 -18.60
C ILE C 99 30.66 -0.65 -19.17
N TYR C 100 31.13 0.29 -18.33
CA TYR C 100 31.69 1.59 -18.79
C TYR C 100 33.21 1.49 -18.94
N ALA C 101 33.74 0.27 -18.90
CA ALA C 101 35.16 -0.01 -19.25
C ALA C 101 35.48 0.66 -20.60
N VAL C 102 36.66 1.29 -20.68
CA VAL C 102 37.19 1.93 -21.92
C VAL C 102 38.47 1.20 -22.33
N THR C 103 38.37 0.33 -23.35
CA THR C 103 39.48 -0.54 -23.81
C THR C 103 39.20 -1.03 -25.23
N ASP C 104 40.26 -1.19 -26.03
CA ASP C 104 40.19 -1.70 -27.42
C ASP C 104 40.47 -3.21 -27.38
N LYS C 105 40.67 -3.77 -26.19
CA LYS C 105 40.86 -5.22 -25.99
C LYS C 105 39.48 -5.89 -25.96
N LYS C 106 39.41 -7.12 -26.46
CA LYS C 106 38.19 -7.96 -26.37
C LYS C 106 38.05 -8.36 -24.90
N ARG C 107 36.95 -7.95 -24.26
CA ARG C 107 36.72 -8.17 -22.82
C ARG C 107 35.34 -8.80 -22.63
N ASP C 108 35.20 -9.63 -21.60
CA ASP C 108 33.89 -10.03 -21.04
C ASP C 108 33.91 -9.59 -19.57
N LEU C 109 32.77 -9.71 -18.88
CA LEU C 109 32.63 -9.24 -17.48
C LEU C 109 33.59 -10.00 -16.55
N ASP C 110 33.96 -11.23 -16.91
CA ASP C 110 34.86 -12.08 -16.09
C ASP C 110 36.32 -11.94 -16.57
N THR C 111 36.64 -10.98 -17.46
CA THR C 111 38.04 -10.77 -17.93
C THR C 111 38.41 -9.27 -17.91
N LEU C 112 37.60 -8.42 -17.29
CA LEU C 112 37.94 -6.98 -17.11
C LEU C 112 39.22 -6.88 -16.28
N GLU C 113 40.04 -5.88 -16.56
CA GLU C 113 41.26 -5.56 -15.79
C GLU C 113 41.15 -4.14 -15.27
N PRO C 114 41.76 -3.82 -14.11
CA PRO C 114 41.67 -2.49 -13.53
C PRO C 114 42.02 -1.38 -14.54
N GLU C 115 43.03 -1.64 -15.38
CA GLU C 115 43.57 -0.65 -16.35
C GLU C 115 42.49 -0.25 -17.36
N ASP C 116 41.44 -1.06 -17.53
CA ASP C 116 40.29 -0.77 -18.43
C ASP C 116 39.51 0.44 -17.92
N PHE C 117 39.85 0.96 -16.74
CA PHE C 117 39.17 2.15 -16.14
C PHE C 117 40.15 3.33 -15.98
N ASP C 118 41.32 3.22 -16.60
CA ASP C 118 42.34 4.30 -16.63
C ASP C 118 41.70 5.57 -17.21
N TYR C 119 40.87 5.42 -18.25
CA TYR C 119 40.16 6.56 -18.88
C TYR C 119 39.41 7.34 -17.78
N TRP C 120 38.68 6.64 -16.91
CA TRP C 120 37.78 7.28 -15.92
C TRP C 120 38.59 7.84 -14.75
N ILE C 121 39.66 7.16 -14.34
CA ILE C 121 40.61 7.66 -13.32
C ILE C 121 41.17 9.00 -13.80
N ASP C 122 41.64 9.03 -15.06
CA ASP C 122 42.24 10.25 -15.67
C ASP C 122 41.18 11.35 -15.73
N TRP C 123 39.96 11.01 -16.15
CA TRP C 123 38.85 12.00 -16.23
C TRP C 123 38.54 12.53 -14.83
N ALA C 124 38.42 11.65 -13.84
CA ALA C 124 38.06 12.01 -12.44
C ALA C 124 39.12 12.97 -11.86
N LYS C 125 40.39 12.71 -12.13
CA LYS C 125 41.50 13.60 -11.67
C LYS C 125 41.33 15.01 -12.26
N GLN C 126 41.12 15.09 -13.57
CA GLN C 126 40.91 16.37 -14.32
C GLN C 126 39.71 17.11 -13.73
N GLU C 127 38.61 16.39 -13.52
CA GLU C 127 37.32 16.96 -13.05
C GLU C 127 37.43 17.30 -11.56
N GLY C 128 38.33 16.64 -10.85
CA GLY C 128 38.52 16.81 -9.39
C GLY C 128 37.42 16.15 -8.59
N VAL C 129 37.00 14.95 -8.98
CA VAL C 129 35.92 14.18 -8.30
C VAL C 129 36.44 12.77 -7.97
N GLY C 130 35.83 12.17 -6.95
CA GLY C 130 36.03 10.75 -6.58
C GLY C 130 35.11 9.85 -7.39
N LEU C 131 35.39 8.56 -7.41
CA LEU C 131 34.61 7.55 -8.15
C LEU C 131 34.12 6.46 -7.20
N ASP C 132 32.85 6.10 -7.34
CA ASP C 132 32.26 4.87 -6.76
C ASP C 132 32.01 3.89 -7.92
N PHE C 133 31.74 2.64 -7.61
CA PHE C 133 31.71 1.56 -8.62
C PHE C 133 30.49 0.66 -8.40
N ASN C 134 30.03 0.05 -9.48
CA ASN C 134 28.93 -0.96 -9.50
C ASN C 134 29.33 -2.09 -10.44
N GLY C 135 29.41 -3.32 -9.94
CA GLY C 135 29.50 -4.51 -10.79
C GLY C 135 28.24 -4.59 -11.64
N THR C 136 28.34 -5.13 -12.86
CA THR C 136 27.20 -5.22 -13.79
C THR C 136 26.72 -6.69 -13.83
N PHE C 137 25.61 -6.97 -13.15
CA PHE C 137 25.08 -8.35 -12.97
C PHE C 137 23.78 -8.52 -13.75
N PHE C 138 23.67 -7.88 -14.92
CA PHE C 138 22.46 -7.91 -15.76
C PHE C 138 22.84 -7.66 -17.23
N SER C 139 21.88 -7.86 -18.13
CA SER C 139 21.99 -7.57 -19.59
C SER C 139 23.17 -8.36 -20.17
N HIS C 140 23.16 -9.68 -19.99
CA HIS C 140 24.26 -10.58 -20.37
C HIS C 140 23.70 -11.98 -20.56
N PRO C 141 24.18 -12.75 -21.56
CA PRO C 141 23.67 -14.09 -21.82
C PRO C 141 23.85 -15.02 -20.61
N MET C 142 24.81 -14.72 -19.73
CA MET C 142 25.12 -15.57 -18.55
C MET C 142 24.14 -15.28 -17.41
N VAL C 143 23.19 -14.36 -17.61
CA VAL C 143 22.05 -14.24 -16.67
C VAL C 143 21.09 -15.39 -17.01
N LYS C 144 21.00 -16.38 -16.14
CA LYS C 144 20.19 -17.58 -16.42
C LYS C 144 18.91 -17.54 -15.57
N ASP C 145 17.75 -17.46 -16.22
CA ASP C 145 16.45 -17.36 -15.51
C ASP C 145 16.56 -16.31 -14.42
N ASN C 146 17.16 -15.16 -14.75
CA ASN C 146 17.18 -13.96 -13.88
C ASN C 146 18.11 -14.17 -12.69
N MET C 147 18.99 -15.17 -12.73
CA MET C 147 19.93 -15.44 -11.61
C MET C 147 21.38 -15.38 -12.09
N THR C 148 22.28 -15.02 -11.18
CA THR C 148 23.71 -14.76 -11.48
C THR C 148 24.54 -15.43 -10.39
N VAL C 149 24.97 -14.66 -9.40
CA VAL C 149 25.83 -15.13 -8.27
C VAL C 149 25.18 -16.32 -7.56
N SER C 150 23.85 -16.33 -7.43
CA SER C 150 23.08 -17.32 -6.63
C SER C 150 22.30 -18.29 -7.54
N SER C 151 22.62 -18.36 -8.84
CA SER C 151 22.04 -19.36 -9.77
C SER C 151 22.27 -20.76 -9.23
N PRO C 152 21.32 -21.70 -9.42
CA PRO C 152 21.55 -23.11 -9.09
C PRO C 152 22.61 -23.75 -10.01
N ASP C 153 22.93 -23.12 -11.14
CA ASP C 153 23.91 -23.61 -12.14
C ASP C 153 25.32 -23.19 -11.71
N PRO C 154 26.20 -24.13 -11.33
CA PRO C 154 27.53 -23.78 -10.83
C PRO C 154 28.41 -23.00 -11.83
N LYS C 155 28.26 -23.26 -13.13
CA LYS C 155 29.00 -22.55 -14.21
C LYS C 155 28.59 -21.07 -14.19
N VAL C 156 27.29 -20.81 -14.01
CA VAL C 156 26.73 -19.43 -13.96
C VAL C 156 27.28 -18.74 -12.70
N ARG C 157 27.18 -19.39 -11.54
CA ARG C 157 27.68 -18.88 -10.25
C ARG C 157 29.16 -18.49 -10.42
N ASP C 158 29.99 -19.39 -10.96
CA ASP C 158 31.46 -19.20 -11.05
C ASP C 158 31.76 -17.99 -11.93
N PHE C 159 31.03 -17.82 -13.04
CA PHE C 159 31.20 -16.69 -13.98
C PHE C 159 31.01 -15.38 -13.21
N TRP C 160 29.90 -15.27 -12.48
CA TRP C 160 29.48 -14.02 -11.77
C TRP C 160 30.34 -13.79 -10.53
N ILE C 161 30.82 -14.86 -9.88
CA ILE C 161 31.77 -14.74 -8.74
C ILE C 161 33.08 -14.13 -9.27
N ARG C 162 33.54 -14.56 -10.45
CA ARG C 162 34.77 -13.99 -11.08
C ARG C 162 34.54 -12.50 -11.30
N HIS C 163 33.38 -12.10 -11.83
CA HIS C 163 33.05 -10.67 -12.05
C HIS C 163 33.02 -9.92 -10.71
N GLY C 164 32.41 -10.53 -9.69
CA GLY C 164 32.33 -9.91 -8.35
C GLY C 164 33.71 -9.64 -7.79
N LYS C 165 34.61 -10.62 -7.90
CA LYS C 165 36.01 -10.47 -7.42
C LYS C 165 36.70 -9.38 -8.24
N ILE C 166 36.51 -9.39 -9.55
CA ILE C 166 37.13 -8.39 -10.46
C ILE C 166 36.62 -7.00 -10.11
N SER C 167 35.34 -6.84 -9.73
CA SER C 167 34.77 -5.52 -9.35
C SER C 167 35.55 -4.98 -8.15
N ARG C 168 35.96 -5.84 -7.23
CA ARG C 168 36.74 -5.44 -6.03
C ARG C 168 38.15 -5.01 -6.44
N GLU C 169 38.79 -5.76 -7.33
CA GLU C 169 40.16 -5.47 -7.83
C GLU C 169 40.15 -4.11 -8.54
N ILE C 170 39.19 -3.89 -9.42
CA ILE C 170 39.02 -2.60 -10.14
C ILE C 170 38.85 -1.47 -9.12
N SER C 171 37.96 -1.65 -8.13
CA SER C 171 37.60 -0.63 -7.11
C SER C 171 38.85 -0.30 -6.27
N ASN C 172 39.59 -1.32 -5.85
CA ASN C 172 40.83 -1.12 -5.06
C ASN C 172 41.81 -0.23 -5.86
N TYR C 173 42.02 -0.57 -7.12
CA TYR C 173 42.92 0.15 -8.06
C TYR C 173 42.47 1.61 -8.20
N ILE C 174 41.18 1.84 -8.48
CA ILE C 174 40.63 3.21 -8.62
C ILE C 174 40.86 3.97 -7.31
N GLY C 175 40.57 3.33 -6.18
CA GLY C 175 40.74 3.92 -4.83
C GLY C 175 42.18 4.33 -4.61
N GLU C 176 43.12 3.46 -4.97
CA GLU C 176 44.58 3.71 -4.82
C GLU C 176 44.96 4.91 -5.69
N LYS C 177 44.50 4.97 -6.93
CA LYS C 177 44.94 6.01 -7.90
C LYS C 177 44.33 7.37 -7.53
N LEU C 178 43.11 7.42 -6.99
CA LEU C 178 42.41 8.71 -6.70
C LEU C 178 42.64 9.15 -5.25
N GLY C 179 43.08 8.25 -4.36
CA GLY C 179 43.28 8.57 -2.93
C GLY C 179 41.95 8.82 -2.25
N SER C 180 40.90 8.16 -2.72
CA SER C 180 39.53 8.30 -2.17
C SER C 180 38.86 6.93 -2.23
N GLN C 181 38.32 6.47 -1.11
CA GLN C 181 37.66 5.14 -0.98
C GLN C 181 36.59 5.02 -2.08
N VAL C 182 36.64 3.92 -2.84
CA VAL C 182 35.59 3.53 -3.82
C VAL C 182 34.56 2.67 -3.10
N VAL C 183 33.32 3.14 -2.98
CA VAL C 183 32.19 2.28 -2.55
C VAL C 183 31.85 1.41 -3.76
N ASN C 184 32.02 0.10 -3.62
CA ASN C 184 31.75 -0.91 -4.67
C ASN C 184 30.38 -1.52 -4.39
N ASN C 185 29.34 -1.02 -5.05
CA ASN C 185 27.93 -1.41 -4.81
C ASN C 185 27.59 -2.66 -5.63
N PHE C 186 27.07 -3.68 -4.94
CA PHE C 186 26.59 -4.96 -5.51
C PHE C 186 25.06 -4.95 -5.58
N TRP C 187 24.54 -4.98 -6.79
CA TRP C 187 23.10 -5.23 -7.05
C TRP C 187 22.93 -6.43 -7.98
N LEU C 188 22.17 -7.43 -7.53
CA LEU C 188 21.90 -8.67 -8.29
C LEU C 188 20.41 -8.73 -8.59
N PRO C 189 20.03 -9.09 -9.84
CA PRO C 189 18.62 -9.22 -10.19
C PRO C 189 17.95 -10.47 -9.61
N ASP C 190 18.78 -11.40 -9.12
CA ASP C 190 18.44 -12.81 -8.79
C ASP C 190 17.07 -12.89 -8.10
N GLY C 191 16.16 -13.70 -8.64
CA GLY C 191 14.90 -14.03 -7.98
C GLY C 191 13.99 -14.81 -8.89
N PHE C 192 12.68 -14.80 -8.62
CA PHE C 192 11.67 -15.54 -9.42
C PHE C 192 10.55 -14.60 -9.85
N LYS C 193 10.10 -14.79 -11.09
CA LYS C 193 8.85 -14.16 -11.60
C LYS C 193 7.66 -14.63 -10.76
N ASP C 194 7.53 -15.93 -10.50
CA ASP C 194 6.33 -16.48 -9.84
C ASP C 194 6.74 -17.11 -8.50
N ASN C 195 5.76 -17.63 -7.76
CA ASN C 195 5.90 -18.04 -6.35
C ASN C 195 6.87 -19.21 -6.28
N PRO C 196 7.96 -19.06 -5.51
CA PRO C 196 8.92 -20.13 -5.32
C PRO C 196 8.50 -21.17 -4.28
N ILE C 197 9.00 -22.40 -4.46
CA ILE C 197 8.86 -23.51 -3.48
C ILE C 197 9.92 -23.36 -2.40
N ASP C 198 11.17 -23.11 -2.82
CA ASP C 198 12.36 -23.06 -1.92
C ASP C 198 12.88 -21.62 -1.84
N LYS C 199 12.64 -20.96 -0.71
CA LYS C 199 13.12 -19.57 -0.45
C LYS C 199 14.47 -19.62 0.28
N LYS C 200 14.76 -20.72 0.95
CA LYS C 200 15.96 -20.88 1.83
C LYS C 200 17.23 -21.04 0.98
N THR C 201 17.22 -22.01 0.05
CA THR C 201 18.44 -22.46 -0.67
C THR C 201 18.99 -21.33 -1.55
N PRO C 202 18.18 -20.55 -2.31
CA PRO C 202 18.75 -19.44 -3.07
C PRO C 202 19.56 -18.49 -2.18
N ARG C 203 19.04 -18.20 -0.98
CA ARG C 203 19.68 -17.23 -0.05
C ARG C 203 20.94 -17.86 0.58
N LEU C 204 20.97 -19.17 0.83
CA LEU C 204 22.22 -19.85 1.25
C LEU C 204 23.25 -19.84 0.10
N ARG C 205 22.83 -20.05 -1.15
CA ARG C 205 23.75 -19.97 -2.33
C ARG C 205 24.31 -18.54 -2.41
N LEU C 206 23.46 -17.53 -2.18
CA LEU C 206 23.88 -16.12 -2.22
C LEU C 206 24.93 -15.87 -1.13
N LEU C 207 24.64 -16.29 0.11
CA LEU C 207 25.55 -16.12 1.28
C LEU C 207 26.93 -16.71 0.93
N LYS C 208 26.96 -17.95 0.41
CA LYS C 208 28.22 -18.67 0.14
C LYS C 208 28.99 -17.94 -0.96
N ALA C 209 28.29 -17.49 -2.01
CA ALA C 209 28.87 -16.81 -3.19
C ALA C 209 29.43 -15.43 -2.79
N LEU C 210 28.67 -14.64 -2.03
CA LEU C 210 29.15 -13.31 -1.57
C LEU C 210 30.42 -13.50 -0.73
N ASP C 211 30.40 -14.47 0.17
CA ASP C 211 31.55 -14.75 1.07
C ASP C 211 32.79 -15.07 0.22
N GLU C 212 32.63 -15.79 -0.89
CA GLU C 212 33.76 -16.11 -1.79
C GLU C 212 34.25 -14.81 -2.46
N ILE C 213 33.32 -13.96 -2.88
CA ILE C 213 33.65 -12.69 -3.61
C ILE C 213 34.51 -11.81 -2.72
N ILE C 214 34.18 -11.70 -1.42
CA ILE C 214 34.83 -10.73 -0.50
C ILE C 214 35.99 -11.41 0.25
N LYS C 215 36.27 -12.67 -0.04
CA LYS C 215 37.27 -13.47 0.73
C LYS C 215 38.64 -12.78 0.69
N ASP C 216 39.15 -12.44 -0.49
CA ASP C 216 40.53 -11.90 -0.64
C ASP C 216 40.59 -10.53 0.04
N PRO C 217 41.52 -10.30 1.00
CA PRO C 217 41.56 -9.03 1.73
C PRO C 217 42.04 -7.86 0.86
N LEU C 218 41.32 -6.73 0.98
CA LEU C 218 41.68 -5.44 0.35
C LEU C 218 41.51 -4.32 1.38
N PRO C 219 42.33 -3.25 1.30
CA PRO C 219 42.26 -2.17 2.28
C PRO C 219 40.98 -1.34 2.15
N GLU C 220 40.28 -1.18 3.27
CA GLU C 220 39.05 -0.35 3.39
C GLU C 220 39.36 1.07 2.88
N LYS C 221 40.60 1.54 3.07
CA LYS C 221 41.06 2.89 2.61
C LYS C 221 40.76 3.07 1.11
N ASN C 222 40.97 2.03 0.30
CA ASN C 222 40.81 2.09 -1.18
C ASN C 222 39.39 1.72 -1.60
N THR C 223 38.79 0.72 -0.96
CA THR C 223 37.44 0.23 -1.36
C THR C 223 36.75 -0.48 -0.19
N ILE C 224 35.42 -0.36 -0.15
CA ILE C 224 34.55 -1.21 0.70
C ILE C 224 33.30 -1.56 -0.12
N GLU C 225 32.76 -2.74 0.10
CA GLU C 225 31.58 -3.22 -0.66
C GLU C 225 30.31 -2.75 0.05
N SER C 226 29.28 -2.50 -0.73
CA SER C 226 27.91 -2.23 -0.24
C SER C 226 26.96 -3.16 -0.99
N PHE C 227 25.87 -3.55 -0.32
CA PHE C 227 24.94 -4.59 -0.81
C PHE C 227 23.54 -3.99 -0.92
N GLU C 228 23.01 -4.02 -2.13
CA GLU C 228 21.74 -3.34 -2.52
C GLU C 228 20.64 -4.39 -2.71
N GLY C 229 19.67 -4.39 -1.80
CA GLY C 229 18.48 -5.25 -1.87
C GLY C 229 17.40 -4.59 -2.70
N LYS C 230 16.34 -5.35 -2.98
CA LYS C 230 15.19 -4.90 -3.80
C LYS C 230 13.99 -5.73 -3.38
N LEU C 231 12.78 -5.18 -3.45
CA LEU C 231 11.56 -5.94 -3.13
C LEU C 231 11.13 -6.75 -4.37
N PHE C 232 11.13 -6.13 -5.54
CA PHE C 232 10.61 -6.74 -6.78
C PHE C 232 11.14 -5.96 -7.98
N GLY C 233 11.23 -6.64 -9.12
CA GLY C 233 11.55 -6.03 -10.41
C GLY C 233 10.67 -6.59 -11.50
N THR C 234 10.62 -5.91 -12.64
CA THR C 234 9.91 -6.34 -13.87
C THR C 234 10.40 -7.74 -14.26
N GLY C 235 9.49 -8.70 -14.40
CA GLY C 235 9.79 -10.08 -14.81
C GLY C 235 10.37 -10.89 -13.66
N ILE C 236 10.55 -10.25 -12.49
CA ILE C 236 11.11 -10.91 -11.27
C ILE C 236 10.28 -10.46 -10.06
N GLU C 237 8.95 -10.57 -10.17
CA GLU C 237 8.02 -9.83 -9.27
C GLU C 237 7.85 -10.54 -7.92
N SER C 238 7.92 -11.88 -7.88
CA SER C 238 7.37 -12.70 -6.76
C SER C 238 8.42 -12.94 -5.67
N TYR C 239 9.70 -13.00 -6.01
CA TYR C 239 10.77 -13.32 -5.03
C TYR C 239 12.07 -12.68 -5.48
N THR C 240 12.76 -12.03 -4.55
CA THR C 240 14.10 -11.46 -4.72
C THR C 240 15.05 -12.17 -3.76
N THR C 241 16.07 -12.83 -4.29
CA THR C 241 17.02 -13.58 -3.45
C THR C 241 17.64 -12.61 -2.44
N GLY C 242 18.24 -11.53 -2.94
CA GLY C 242 18.88 -10.49 -2.12
C GLY C 242 17.85 -9.51 -1.58
N SER C 243 17.17 -9.90 -0.50
CA SER C 243 16.15 -9.07 0.17
C SER C 243 16.83 -7.99 1.01
N HIS C 244 16.09 -6.97 1.40
CA HIS C 244 16.57 -5.90 2.32
C HIS C 244 17.06 -6.54 3.63
N GLU C 245 16.29 -7.49 4.18
CA GLU C 245 16.63 -8.16 5.46
C GLU C 245 17.93 -8.95 5.26
N PHE C 246 18.01 -9.70 4.16
CA PHE C 246 19.21 -10.52 3.87
C PHE C 246 20.43 -9.60 3.90
N TYR C 247 20.37 -8.48 3.17
CA TYR C 247 21.57 -7.63 2.98
C TYR C 247 21.88 -6.81 4.24
N GLN C 248 20.90 -6.37 5.01
CA GLN C 248 21.18 -5.66 6.28
C GLN C 248 21.90 -6.64 7.21
N ASN C 249 21.39 -7.88 7.30
CA ASN C 249 22.01 -8.95 8.13
C ASN C 249 23.42 -9.20 7.61
N TYR C 250 23.58 -9.30 6.27
CA TYR C 250 24.90 -9.61 5.66
C TYR C 250 25.87 -8.46 5.94
N ALA C 251 25.45 -7.22 5.67
CA ALA C 251 26.32 -6.04 5.89
C ALA C 251 26.81 -6.02 7.33
N ILE C 252 25.91 -6.16 8.30
CA ILE C 252 26.28 -6.09 9.74
C ILE C 252 27.24 -7.24 10.08
N SER C 253 26.88 -8.45 9.64
CA SER C 253 27.61 -9.71 9.90
C SER C 253 29.04 -9.64 9.33
N ARG C 254 29.19 -9.18 8.09
CA ARG C 254 30.48 -9.20 7.33
C ARG C 254 31.20 -7.85 7.39
N ASN C 255 30.68 -6.90 8.18
CA ASN C 255 31.27 -5.56 8.38
C ASN C 255 31.41 -4.82 7.04
N LYS C 256 30.33 -4.77 6.27
CA LYS C 256 30.29 -4.06 4.97
C LYS C 256 29.20 -3.00 5.03
N LEU C 257 29.00 -2.28 3.92
CA LEU C 257 27.98 -1.22 3.84
C LEU C 257 26.67 -1.84 3.36
N TRP C 258 25.57 -1.25 3.79
CA TRP C 258 24.20 -1.61 3.32
C TRP C 258 23.69 -0.52 2.38
N THR C 259 23.17 -0.89 1.21
CA THR C 259 22.65 0.07 0.20
C THR C 259 21.12 0.16 0.32
N ILE C 260 20.64 1.36 0.61
CA ILE C 260 19.20 1.70 0.66
C ILE C 260 18.85 2.49 -0.60
N ASP C 261 18.15 1.86 -1.54
CA ASP C 261 17.63 2.54 -2.74
C ASP C 261 16.16 2.92 -2.46
N ALA C 262 15.87 4.21 -2.46
CA ALA C 262 14.58 4.80 -2.03
C ALA C 262 13.44 4.26 -2.88
N GLY C 263 13.74 3.65 -4.03
CA GLY C 263 12.73 3.17 -4.98
C GLY C 263 12.39 1.70 -4.80
N HIS C 264 13.03 1.01 -3.83
CA HIS C 264 13.03 -0.48 -3.83
C HIS C 264 12.24 -1.10 -2.66
N PHE C 265 11.35 -0.34 -2.03
CA PHE C 265 10.65 -0.77 -0.80
C PHE C 265 9.15 -0.92 -1.06
N HIS C 266 8.39 -1.22 -0.02
CA HIS C 266 6.93 -1.45 -0.07
C HIS C 266 6.21 -0.14 -0.31
N PRO C 267 4.98 -0.19 -0.85
CA PRO C 267 4.14 1.00 -0.84
C PRO C 267 4.03 1.55 0.59
N THR C 268 4.19 2.87 0.73
CA THR C 268 4.10 3.67 1.99
C THR C 268 5.37 3.50 2.84
N GLU C 269 6.32 2.66 2.43
CA GLU C 269 7.52 2.41 3.26
C GLU C 269 8.39 3.66 3.26
N ASP C 270 8.80 4.10 4.44
CA ASP C 270 9.65 5.30 4.67
C ASP C 270 11.07 4.82 4.97
N VAL C 271 11.95 4.87 3.98
CA VAL C 271 13.34 4.33 4.12
C VAL C 271 14.12 5.18 5.13
N SER C 272 13.69 6.42 5.42
CA SER C 272 14.38 7.27 6.42
C SER C 272 14.22 6.65 7.82
N ASP C 273 13.28 5.72 8.01
CA ASP C 273 13.08 5.00 9.29
C ASP C 273 14.25 4.04 9.56
N LYS C 274 14.96 3.59 8.53
CA LYS C 274 15.91 2.45 8.65
C LYS C 274 17.23 2.90 9.30
N PHE C 275 17.67 4.15 9.09
CA PHE C 275 19.04 4.57 9.44
C PHE C 275 19.30 4.31 10.93
N SER C 276 18.38 4.75 11.79
CA SER C 276 18.55 4.75 13.27
C SER C 276 18.33 3.34 13.83
N ALA C 277 17.80 2.42 13.01
CA ALA C 277 17.63 1.00 13.37
C ALA C 277 18.88 0.22 12.93
N PHE C 278 19.65 0.77 12.00
CA PHE C 278 20.88 0.17 11.43
C PHE C 278 22.11 0.59 12.26
N PHE C 279 22.26 1.88 12.56
CA PHE C 279 23.54 2.46 13.05
C PHE C 279 23.86 2.04 14.49
N PRO C 280 22.95 1.49 15.33
CA PRO C 280 23.40 0.89 16.59
C PRO C 280 24.21 -0.40 16.38
N PHE C 281 24.26 -0.91 15.14
CA PHE C 281 24.77 -2.27 14.83
C PHE C 281 25.82 -2.24 13.71
N GLY C 282 25.60 -1.41 12.70
CA GLY C 282 26.29 -1.49 11.40
C GLY C 282 27.34 -0.40 11.20
N LYS C 283 28.04 -0.48 10.08
CA LYS C 283 29.24 0.33 9.80
C LYS C 283 28.84 1.60 9.04
N GLY C 284 28.11 1.46 7.96
CA GLY C 284 27.78 2.61 7.09
C GLY C 284 26.75 2.26 6.06
N LEU C 285 26.27 3.29 5.37
CA LEU C 285 25.18 3.20 4.37
C LEU C 285 25.64 3.77 3.04
N PHE C 286 25.08 3.22 1.95
CA PHE C 286 25.07 3.83 0.60
C PHE C 286 23.60 4.11 0.27
N MET C 287 23.25 5.40 0.29
CA MET C 287 21.86 5.85 0.11
C MET C 287 21.69 6.27 -1.35
N HIS C 288 20.97 5.43 -2.11
CA HIS C 288 20.59 5.63 -3.53
C HIS C 288 19.25 6.37 -3.59
N VAL C 289 19.29 7.70 -3.71
CA VAL C 289 18.05 8.52 -3.80
C VAL C 289 17.50 8.32 -5.22
N SER C 290 16.22 7.99 -5.28
CA SER C 290 15.52 7.52 -6.48
C SER C 290 14.03 7.75 -6.22
N ARG C 291 13.28 8.19 -7.22
CA ARG C 291 11.82 8.41 -7.05
C ARG C 291 11.07 7.24 -7.66
N PRO C 292 10.44 6.37 -6.84
CA PRO C 292 9.49 5.38 -7.33
C PRO C 292 8.11 6.03 -7.54
N VAL C 293 7.51 5.78 -8.68
CA VAL C 293 6.09 6.15 -8.92
C VAL C 293 5.32 4.85 -9.11
N ARG C 294 4.94 4.23 -7.99
CA ARG C 294 4.04 3.04 -7.85
C ARG C 294 4.81 1.75 -8.15
N TRP C 295 6.09 1.85 -8.52
CA TRP C 295 7.03 0.71 -8.71
C TRP C 295 8.45 1.27 -8.76
N ASP C 296 9.44 0.39 -8.91
CA ASP C 296 10.85 0.84 -9.03
C ASP C 296 11.06 1.44 -10.43
N SER C 297 10.49 2.63 -10.64
CA SER C 297 10.34 3.31 -11.96
C SER C 297 11.58 4.18 -12.25
N ASP C 298 12.38 4.47 -11.22
CA ASP C 298 13.67 5.19 -11.40
C ASP C 298 13.40 6.58 -11.99
N HIS C 299 12.36 7.25 -11.52
CA HIS C 299 12.10 8.67 -11.85
C HIS C 299 13.21 9.55 -11.27
N VAL C 300 13.45 10.69 -11.89
CA VAL C 300 14.36 11.73 -11.38
C VAL C 300 13.92 12.13 -9.97
N VAL C 301 14.89 12.24 -9.07
CA VAL C 301 14.68 12.71 -7.68
C VAL C 301 14.13 14.15 -7.71
N ILE C 302 13.06 14.38 -6.96
CA ILE C 302 12.44 15.72 -6.77
C ILE C 302 12.25 15.97 -5.28
N MET C 303 11.97 17.22 -4.94
CA MET C 303 11.71 17.63 -3.54
C MET C 303 10.30 17.19 -3.15
N ASP C 304 10.22 16.02 -2.53
CA ASP C 304 8.96 15.37 -2.10
C ASP C 304 9.15 14.86 -0.67
N ASP C 305 8.09 14.29 -0.08
CA ASP C 305 8.09 13.81 1.33
C ASP C 305 9.29 12.88 1.52
N ALA C 306 9.51 11.95 0.59
CA ALA C 306 10.54 10.90 0.72
C ALA C 306 11.91 11.56 0.83
N LEU C 307 12.21 12.49 -0.08
CA LEU C 307 13.56 13.11 -0.16
C LEU C 307 13.76 14.00 1.07
N ILE C 308 12.71 14.73 1.45
CA ILE C 308 12.73 15.62 2.65
C ILE C 308 12.98 14.75 3.88
N ARG C 309 12.37 13.57 3.94
CA ARG C 309 12.48 12.70 5.13
C ARG C 309 13.87 12.05 5.16
N ILE C 310 14.35 11.55 4.02
CA ILE C 310 15.71 10.94 3.91
C ILE C 310 16.75 11.96 4.40
N THR C 311 16.73 13.16 3.83
CA THR C 311 17.78 14.19 4.06
C THR C 311 17.67 14.71 5.50
N ARG C 312 16.48 14.98 6.02
CA ARG C 312 16.38 15.54 7.40
C ARG C 312 16.70 14.44 8.41
N SER C 313 16.40 13.16 8.13
CA SER C 313 16.71 12.05 9.07
C SER C 313 18.24 11.87 9.16
N LEU C 314 18.95 12.06 8.04
CA LEU C 314 20.44 11.98 8.02
C LEU C 314 21.04 13.18 8.77
N VAL C 315 20.56 14.40 8.53
CA VAL C 315 21.21 15.57 9.18
C VAL C 315 20.80 15.65 10.65
N ARG C 316 19.53 15.40 10.99
CA ARG C 316 19.05 15.57 12.39
C ARG C 316 19.80 14.61 13.32
N ASP C 317 20.04 13.38 12.88
CA ASP C 317 20.63 12.31 13.72
C ASP C 317 22.14 12.17 13.47
N GLY C 318 22.73 13.05 12.64
CA GLY C 318 24.20 13.15 12.45
C GLY C 318 24.82 11.94 11.79
N TYR C 319 24.20 11.41 10.74
CA TYR C 319 24.62 10.16 10.07
C TYR C 319 25.38 10.45 8.78
N LEU C 320 25.58 11.71 8.44
CA LEU C 320 26.17 12.08 7.12
C LEU C 320 27.62 11.57 7.03
N ASP C 321 28.36 11.53 8.13
CA ASP C 321 29.78 11.11 8.13
C ASP C 321 29.89 9.59 7.89
N ARG C 322 28.78 8.85 7.93
CA ARG C 322 28.77 7.36 7.76
C ARG C 322 27.84 6.98 6.62
N THR C 323 27.31 7.97 5.90
CA THR C 323 26.33 7.74 4.81
C THR C 323 26.86 8.38 3.53
N HIS C 324 27.08 7.55 2.51
CA HIS C 324 27.42 7.98 1.12
C HIS C 324 26.11 8.18 0.39
N ILE C 325 25.86 9.37 -0.14
CA ILE C 325 24.63 9.66 -0.91
C ILE C 325 24.95 9.52 -2.40
N GLY C 326 24.31 8.56 -3.05
CA GLY C 326 24.34 8.40 -4.52
C GLY C 326 22.99 8.68 -5.13
N LEU C 327 22.99 9.11 -6.38
CA LEU C 327 21.78 9.22 -7.22
C LEU C 327 21.59 7.90 -7.96
N ASP C 328 20.34 7.50 -8.15
CA ASP C 328 20.01 6.38 -9.06
C ASP C 328 18.65 6.68 -9.67
N PHE C 329 18.67 6.98 -10.95
CA PHE C 329 17.43 7.17 -11.75
C PHE C 329 17.83 7.08 -13.22
N PHE C 330 16.86 6.80 -14.09
CA PHE C 330 17.08 6.91 -15.55
C PHE C 330 15.77 7.38 -16.16
N ASP C 331 15.79 8.60 -16.67
CA ASP C 331 14.66 9.21 -17.41
C ASP C 331 15.21 9.70 -18.74
N ALA C 332 14.79 9.05 -19.82
CA ALA C 332 15.25 9.34 -21.21
C ALA C 332 14.20 10.17 -21.93
N THR C 333 13.13 10.58 -21.25
CA THR C 333 12.01 11.37 -21.86
C THR C 333 12.35 12.85 -21.81
N ILE C 334 13.41 13.20 -21.09
CA ILE C 334 13.83 14.62 -20.87
C ILE C 334 15.34 14.73 -21.19
N ASN C 335 15.85 15.95 -21.28
CA ASN C 335 17.31 16.19 -21.45
C ASN C 335 18.03 15.43 -20.33
N ARG C 336 18.91 14.50 -20.71
CA ARG C 336 19.51 13.54 -19.74
C ARG C 336 20.45 14.30 -18.81
N VAL C 337 21.09 15.36 -19.31
CA VAL C 337 22.01 16.21 -18.49
C VAL C 337 21.15 17.00 -17.49
N ALA C 338 20.02 17.53 -17.92
CA ALA C 338 19.06 18.25 -17.05
C ALA C 338 18.57 17.30 -15.94
N ALA C 339 18.35 16.02 -16.26
CA ALA C 339 17.87 15.01 -15.28
C ALA C 339 18.81 14.98 -14.06
N TRP C 340 20.13 14.93 -14.29
CA TRP C 340 21.15 14.90 -13.22
C TRP C 340 21.02 16.15 -12.34
N VAL C 341 20.92 17.32 -12.96
CA VAL C 341 20.97 18.63 -12.24
C VAL C 341 19.71 18.75 -11.38
N VAL C 342 18.54 18.37 -11.92
CA VAL C 342 17.26 18.43 -11.16
C VAL C 342 17.41 17.58 -9.90
N GLY C 343 17.80 16.31 -10.05
CA GLY C 343 17.94 15.34 -8.95
C GLY C 343 18.94 15.81 -7.91
N ALA C 344 20.12 16.25 -8.35
CA ALA C 344 21.21 16.72 -7.45
C ALA C 344 20.76 17.96 -6.67
N ARG C 345 20.21 18.97 -7.36
CA ARG C 345 19.76 20.22 -6.72
C ARG C 345 18.59 19.92 -5.76
N ALA C 346 17.66 19.04 -6.12
CA ALA C 346 16.56 18.63 -5.23
C ALA C 346 17.16 18.08 -3.93
N THR C 347 18.15 17.20 -4.04
CA THR C 347 18.80 16.54 -2.88
C THR C 347 19.50 17.61 -2.02
N GLN C 348 20.25 18.50 -2.65
CA GLN C 348 21.06 19.53 -1.95
C GLN C 348 20.13 20.51 -1.19
N LYS C 349 19.07 21.01 -1.84
CA LYS C 349 18.20 22.03 -1.19
C LYS C 349 17.44 21.36 -0.04
N SER C 350 17.20 20.05 -0.14
CA SER C 350 16.46 19.26 0.89
C SER C 350 17.38 19.05 2.09
N LEU C 351 18.64 18.69 1.85
CA LEU C 351 19.69 18.63 2.91
C LEU C 351 19.79 20.02 3.58
N LEU C 352 19.89 21.08 2.77
CA LEU C 352 20.09 22.46 3.29
C LEU C 352 18.88 22.87 4.14
N GLN C 353 17.65 22.58 3.70
CA GLN C 353 16.46 22.92 4.51
C GLN C 353 16.58 22.23 5.89
N ALA C 354 16.98 20.96 5.92
CA ALA C 354 17.11 20.18 7.17
C ALA C 354 18.16 20.83 8.06
N MET C 355 19.24 21.34 7.45
CA MET C 355 20.36 21.97 8.20
C MET C 355 19.94 23.34 8.73
N LEU C 356 18.92 23.96 8.14
CA LEU C 356 18.45 25.33 8.50
C LEU C 356 17.36 25.25 9.55
N ALA C 357 17.49 24.34 10.51
CA ALA C 357 16.51 24.16 11.60
C ALA C 357 17.26 24.27 12.92
N PRO C 358 16.61 24.77 13.99
CA PRO C 358 17.22 24.81 15.31
C PRO C 358 17.19 23.41 15.94
N ILE C 359 17.99 22.50 15.41
CA ILE C 359 17.86 21.04 15.67
C ILE C 359 18.06 20.77 17.17
N ASP C 360 19.06 21.39 17.80
CA ASP C 360 19.34 21.17 19.24
C ASP C 360 18.12 21.59 20.08
N GLN C 361 17.52 22.75 19.79
CA GLN C 361 16.37 23.27 20.58
C GLN C 361 15.15 22.36 20.34
N LEU C 362 14.93 21.95 19.10
CA LEU C 362 13.79 21.06 18.74
C LEU C 362 13.95 19.70 19.44
N LYS C 363 15.16 19.16 19.47
CA LYS C 363 15.43 17.88 20.19
C LYS C 363 15.07 18.06 21.68
N LYS C 364 15.50 19.18 22.28
CA LYS C 364 15.20 19.52 23.71
C LYS C 364 13.68 19.56 23.90
N ASP C 365 12.95 20.32 23.06
CA ASP C 365 11.47 20.45 23.13
C ASP C 365 10.83 19.06 23.07
N GLU C 366 11.30 18.21 22.16
CA GLU C 366 10.74 16.86 21.95
C GLU C 366 11.05 15.96 23.14
N LEU C 367 12.26 16.04 23.66
CA LEU C 367 12.67 15.27 24.87
C LEU C 367 11.76 15.67 26.04
N ASN C 368 11.34 16.94 26.07
CA ASN C 368 10.47 17.52 27.12
C ASN C 368 8.99 17.27 26.77
N ALA C 369 8.72 16.54 25.67
CA ALA C 369 7.37 16.11 25.23
C ALA C 369 6.53 17.31 24.81
N ASP C 370 7.20 18.37 24.38
CA ASP C 370 6.49 19.58 23.84
C ASP C 370 6.18 19.32 22.35
N PHE C 371 5.17 18.49 22.08
CA PHE C 371 4.78 18.09 20.71
C PHE C 371 4.07 19.25 20.01
N THR C 372 3.47 20.17 20.78
CA THR C 372 2.81 21.38 20.21
C THR C 372 3.88 22.24 19.54
N THR C 373 4.94 22.59 20.27
CA THR C 373 6.03 23.45 19.73
C THR C 373 6.66 22.74 18.53
N ARG C 374 6.88 21.43 18.60
CA ARG C 374 7.55 20.68 17.51
C ARG C 374 6.69 20.78 16.23
N LEU C 375 5.38 20.58 16.32
CA LEU C 375 4.49 20.63 15.12
C LEU C 375 4.49 22.05 14.54
N ILE C 376 4.28 23.06 15.39
CA ILE C 376 4.21 24.48 14.93
C ILE C 376 5.52 24.83 14.22
N GLU C 377 6.67 24.58 14.85
CA GLU C 377 7.96 25.07 14.31
C GLU C 377 8.34 24.31 13.04
N THR C 378 8.20 22.99 13.01
CA THR C 378 8.60 22.20 11.81
C THR C 378 7.75 22.68 10.62
N GLU C 379 6.49 23.03 10.87
CA GLU C 379 5.58 23.49 9.79
C GLU C 379 5.96 24.92 9.37
N GLU C 380 6.27 25.81 10.31
CA GLU C 380 6.71 27.19 9.98
C GLU C 380 8.00 27.10 9.16
N LEU C 381 8.91 26.19 9.49
CA LEU C 381 10.25 26.12 8.85
C LEU C 381 10.10 25.79 7.37
N LYS C 382 9.03 25.13 6.97
CA LYS C 382 8.79 24.74 5.55
C LYS C 382 8.57 26.00 4.70
N SER C 383 8.18 27.13 5.29
CA SER C 383 7.94 28.39 4.55
C SER C 383 8.89 29.51 5.03
N PHE C 384 9.91 29.18 5.82
CA PHE C 384 11.07 30.08 6.07
C PHE C 384 11.81 30.28 4.75
N PRO C 385 12.67 31.31 4.63
CA PRO C 385 13.35 31.62 3.37
C PRO C 385 14.56 30.71 3.07
N PHE C 386 14.33 29.40 2.98
CA PHE C 386 15.42 28.42 2.71
C PHE C 386 15.93 28.61 1.28
N GLY C 387 15.04 29.03 0.39
CA GLY C 387 15.36 29.35 -1.02
C GLY C 387 16.44 30.41 -1.13
N ALA C 388 16.38 31.45 -0.30
CA ALA C 388 17.38 32.55 -0.30
C ALA C 388 18.76 31.99 0.06
N VAL C 389 18.80 31.01 0.95
CA VAL C 389 20.08 30.39 1.40
C VAL C 389 20.58 29.48 0.28
N TRP C 390 19.68 28.71 -0.31
CA TRP C 390 20.01 27.83 -1.48
C TRP C 390 20.54 28.69 -2.64
N ASP C 391 19.86 29.79 -2.99
CA ASP C 391 20.29 30.68 -4.11
C ASP C 391 21.70 31.23 -3.81
N LYS C 392 21.96 31.62 -2.56
CA LYS C 392 23.27 32.16 -2.15
C LYS C 392 24.34 31.07 -2.31
N PHE C 393 24.01 29.83 -1.92
CA PHE C 393 24.92 28.66 -2.06
C PHE C 393 25.24 28.45 -3.54
N CYS C 394 24.23 28.51 -4.40
CA CYS C 394 24.40 28.32 -5.87
C CYS C 394 25.35 29.40 -6.40
N GLN C 395 25.06 30.66 -6.10
CA GLN C 395 25.83 31.83 -6.59
C GLN C 395 27.28 31.76 -6.06
N ASP C 396 27.46 31.49 -4.77
CA ASP C 396 28.81 31.43 -4.12
C ASP C 396 29.65 30.35 -4.81
N HIS C 397 29.03 29.31 -5.36
CA HIS C 397 29.75 28.17 -5.99
C HIS C 397 29.66 28.27 -7.51
N ASN C 398 29.39 29.46 -8.05
CA ASN C 398 29.55 29.75 -9.51
C ASN C 398 28.60 28.87 -10.33
N THR C 399 27.35 28.71 -9.88
CA THR C 399 26.29 28.00 -10.63
C THR C 399 25.10 28.94 -10.77
N PRO C 400 24.28 28.80 -11.83
CA PRO C 400 23.13 29.67 -12.04
C PRO C 400 22.05 29.48 -10.96
N VAL C 401 21.30 30.55 -10.72
CA VAL C 401 20.25 30.63 -9.66
C VAL C 401 18.88 30.37 -10.31
N GLY C 402 18.07 29.52 -9.69
CA GLY C 402 16.67 29.29 -10.10
C GLY C 402 16.54 28.84 -11.55
N PHE C 403 15.64 29.46 -12.30
CA PHE C 403 15.30 29.12 -13.70
C PHE C 403 16.53 29.28 -14.62
N ASP C 404 17.56 30.02 -14.17
CA ASP C 404 18.65 30.51 -15.07
C ASP C 404 19.44 29.34 -15.69
N TRP C 405 19.58 28.19 -15.02
CA TRP C 405 20.42 27.09 -15.56
C TRP C 405 19.75 26.42 -16.76
N MET C 406 18.48 26.73 -17.02
CA MET C 406 17.80 26.31 -18.27
C MET C 406 18.49 26.93 -19.49
N ASN C 407 19.03 28.15 -19.35
CA ASN C 407 19.81 28.83 -20.42
C ASN C 407 21.03 27.95 -20.76
N ASN C 408 21.70 27.44 -19.74
CA ASN C 408 22.92 26.58 -19.92
C ASN C 408 22.52 25.30 -20.66
N ILE C 409 21.40 24.69 -20.28
CA ILE C 409 20.87 23.44 -20.92
C ILE C 409 20.53 23.74 -22.39
N HIS C 410 19.78 24.80 -22.66
CA HIS C 410 19.38 25.19 -24.03
C HIS C 410 20.65 25.39 -24.87
N GLN C 411 21.69 26.00 -24.32
CA GLN C 411 22.94 26.31 -25.05
C GLN C 411 23.68 25.00 -25.34
N TYR C 412 23.71 24.09 -24.37
CA TYR C 412 24.39 22.78 -24.50
C TYR C 412 23.63 21.93 -25.52
N GLU C 413 22.30 22.08 -25.58
CA GLU C 413 21.48 21.38 -26.61
C GLU C 413 21.93 21.87 -28.00
N LYS C 414 21.92 23.19 -28.23
CA LYS C 414 22.33 23.82 -29.53
C LYS C 414 23.74 23.36 -29.91
N ASP C 415 24.70 23.53 -29.01
CA ASP C 415 26.16 23.44 -29.32
C ASP C 415 26.61 21.98 -29.39
N VAL C 416 25.99 21.07 -28.64
CA VAL C 416 26.53 19.70 -28.42
C VAL C 416 25.46 18.64 -28.71
N GLN C 417 24.43 18.55 -27.87
CA GLN C 417 23.51 17.38 -27.83
C GLN C 417 22.74 17.26 -29.16
N PHE C 418 22.19 18.36 -29.66
CA PHE C 418 21.32 18.37 -30.87
C PHE C 418 22.18 18.18 -32.13
N LYS C 419 23.52 18.22 -32.01
CA LYS C 419 24.44 18.04 -33.15
C LYS C 419 24.86 16.57 -33.29
N ARG C 420 24.56 15.74 -32.30
CA ARG C 420 25.04 14.33 -32.27
C ARG C 420 24.31 13.48 -33.32
N ASP C 421 22.99 13.51 -33.35
CA ASP C 421 22.19 12.54 -34.16
C ASP C 421 21.84 13.20 -35.50
N MET D 1 10.25 38.96 17.88
CA MET D 1 9.16 39.19 16.87
C MET D 1 9.81 39.53 15.52
N VAL D 2 9.24 39.06 14.40
CA VAL D 2 9.71 39.51 13.06
C VAL D 2 9.31 40.99 12.94
N LYS D 3 10.16 41.80 12.32
CA LYS D 3 9.90 43.24 12.07
C LYS D 3 9.08 43.35 10.79
N PRO D 4 8.00 44.15 10.77
CA PRO D 4 7.23 44.39 9.55
C PRO D 4 8.08 44.83 8.35
N GLU D 5 9.15 45.62 8.57
CA GLU D 5 9.98 46.12 7.44
C GLU D 5 10.85 44.98 6.87
N GLU D 6 11.16 43.95 7.68
CA GLU D 6 11.81 42.70 7.21
C GLU D 6 10.85 41.99 6.25
N VAL D 7 9.57 41.89 6.64
CA VAL D 7 8.51 41.24 5.82
C VAL D 7 8.35 42.02 4.51
N ASP D 8 8.32 43.36 4.58
CA ASP D 8 8.10 44.22 3.41
C ASP D 8 9.29 44.11 2.45
N LYS D 9 10.52 44.14 2.98
CA LYS D 9 11.78 44.03 2.21
C LYS D 9 11.80 42.70 1.45
N ALA D 10 11.52 41.59 2.15
CA ALA D 10 11.53 40.23 1.57
C ALA D 10 10.44 40.15 0.51
N TYR D 11 9.30 40.80 0.75
CA TYR D 11 8.13 40.72 -0.17
C TYR D 11 8.49 41.44 -1.48
N GLU D 12 9.07 42.63 -1.40
CA GLU D 12 9.43 43.42 -2.60
C GLU D 12 10.39 42.60 -3.46
N VAL D 13 11.38 41.93 -2.86
CA VAL D 13 12.38 41.13 -3.63
C VAL D 13 11.67 39.92 -4.25
N ALA D 14 10.81 39.25 -3.47
CA ALA D 14 10.04 38.07 -3.91
C ALA D 14 9.15 38.48 -5.09
N LYS D 15 8.47 39.62 -4.96
CA LYS D 15 7.57 40.16 -6.01
C LYS D 15 8.33 40.24 -7.34
N GLN D 16 9.56 40.74 -7.29
CA GLN D 16 10.41 40.93 -8.49
C GLN D 16 10.83 39.55 -9.03
N ARG D 17 11.30 38.64 -8.17
CA ARG D 17 11.67 37.26 -8.57
C ARG D 17 10.50 36.63 -9.33
N TYR D 18 9.28 36.73 -8.80
CA TYR D 18 8.10 36.08 -9.42
C TYR D 18 7.69 36.84 -10.70
N ALA D 19 7.77 38.17 -10.71
CA ALA D 19 7.47 39.01 -11.89
C ALA D 19 8.35 38.54 -13.08
N GLU D 20 9.62 38.25 -12.82
CA GLU D 20 10.63 37.83 -13.83
C GLU D 20 10.16 36.54 -14.55
N ILE D 21 9.39 35.68 -13.89
CA ILE D 21 8.91 34.39 -14.51
C ILE D 21 7.42 34.50 -14.87
N GLY D 22 6.86 35.71 -14.86
CA GLY D 22 5.49 35.98 -15.35
C GLY D 22 4.42 35.69 -14.31
N VAL D 23 4.76 35.81 -13.01
CA VAL D 23 3.83 35.57 -11.87
C VAL D 23 3.64 36.88 -11.09
N ASP D 24 2.37 37.23 -10.82
CA ASP D 24 1.97 38.46 -10.11
C ASP D 24 1.63 38.10 -8.66
N THR D 25 2.49 38.46 -7.71
CA THR D 25 2.32 38.07 -6.28
C THR D 25 1.14 38.81 -5.67
N ASP D 26 0.88 40.04 -6.12
CA ASP D 26 -0.27 40.83 -5.60
C ASP D 26 -1.56 40.09 -5.98
N ALA D 27 -1.64 39.62 -7.22
CA ALA D 27 -2.84 38.92 -7.76
C ALA D 27 -2.98 37.58 -7.03
N ALA D 28 -1.87 36.89 -6.74
CA ALA D 28 -1.89 35.57 -6.07
C ALA D 28 -2.51 35.75 -4.67
N MET D 29 -2.14 36.81 -3.95
CA MET D 29 -2.65 37.06 -2.58
C MET D 29 -4.14 37.39 -2.64
N LYS D 30 -4.57 38.16 -3.65
CA LYS D 30 -6.01 38.47 -3.88
C LYS D 30 -6.78 37.17 -4.11
N GLU D 31 -6.19 36.21 -4.83
CA GLU D 31 -6.84 34.91 -5.15
C GLU D 31 -6.97 34.11 -3.85
N LEU D 32 -5.93 34.10 -3.02
CA LEU D 32 -5.97 33.29 -1.79
C LEU D 32 -7.05 33.84 -0.84
N GLU D 33 -7.25 35.16 -0.81
CA GLU D 33 -8.29 35.84 0.00
C GLU D 33 -9.67 35.22 -0.23
N LYS D 34 -9.94 34.79 -1.48
CA LYS D 34 -11.28 34.34 -1.92
C LYS D 34 -11.48 32.85 -1.62
N VAL D 35 -10.55 32.19 -0.93
CA VAL D 35 -10.68 30.74 -0.62
C VAL D 35 -10.89 30.55 0.88
N PRO D 36 -12.16 30.46 1.32
CA PRO D 36 -12.46 30.21 2.73
C PRO D 36 -12.23 28.74 3.08
N LEU D 37 -11.62 28.47 4.23
CA LEU D 37 -11.53 27.09 4.77
C LEU D 37 -12.65 26.90 5.80
N SER D 38 -13.33 25.77 5.75
CA SER D 38 -14.44 25.46 6.69
C SER D 38 -13.86 24.72 7.90
N VAL D 39 -13.64 25.47 8.97
CA VAL D 39 -12.90 25.00 10.18
C VAL D 39 -13.88 24.19 11.04
N HIS D 40 -13.52 22.95 11.37
CA HIS D 40 -14.41 21.99 12.05
C HIS D 40 -14.43 22.27 13.54
N CYS D 41 -15.62 22.45 14.12
CA CYS D 41 -15.78 22.82 15.55
C CYS D 41 -15.29 21.68 16.47
N TRP D 42 -15.31 20.42 16.03
CA TRP D 42 -15.21 19.25 16.94
C TRP D 42 -13.76 19.01 17.42
N GLN D 43 -12.76 19.60 16.78
CA GLN D 43 -11.36 19.54 17.25
C GLN D 43 -11.24 20.20 18.64
N GLY D 44 -12.11 21.16 18.94
CA GLY D 44 -12.03 21.97 20.18
C GLY D 44 -12.47 21.20 21.41
N ASP D 45 -13.28 20.16 21.27
CA ASP D 45 -13.86 19.43 22.43
C ASP D 45 -13.87 17.92 22.18
N ASP D 46 -12.97 17.40 21.34
CA ASP D 46 -12.79 15.94 21.15
C ASP D 46 -14.13 15.32 20.75
N ILE D 47 -14.94 16.06 19.99
CA ILE D 47 -16.22 15.60 19.36
C ILE D 47 -17.22 15.20 20.45
N HIS D 48 -17.17 15.84 21.63
CA HIS D 48 -18.13 15.56 22.72
C HIS D 48 -19.49 16.17 22.37
N GLY D 49 -19.51 17.37 21.81
CA GLY D 49 -20.75 18.14 21.59
C GLY D 49 -21.39 18.47 22.93
N PHE D 50 -22.67 18.85 22.93
CA PHE D 50 -23.38 19.37 24.12
C PHE D 50 -24.68 18.59 24.38
N LEU D 51 -25.04 17.70 23.46
CA LEU D 51 -26.36 17.02 23.49
C LEU D 51 -26.34 15.88 24.52
N PHE D 52 -25.28 15.06 24.52
CA PHE D 52 -25.17 13.83 25.35
C PHE D 52 -23.91 13.88 26.20
N PRO D 53 -24.01 14.41 27.44
CA PRO D 53 -22.89 14.41 28.38
C PRO D 53 -22.19 13.04 28.41
N ASN D 54 -20.87 13.00 28.27
CA ASN D 54 -20.02 11.80 28.49
C ASN D 54 -20.40 10.66 27.55
N GLN D 55 -20.87 10.96 26.34
CA GLN D 55 -21.27 9.92 25.33
C GLN D 55 -20.00 9.27 24.76
N SER D 64 -7.00 10.20 20.40
CA SER D 64 -5.83 10.11 21.32
C SER D 64 -5.37 11.51 21.73
N GLY D 65 -4.93 11.66 22.98
CA GLY D 65 -4.37 12.92 23.53
C GLY D 65 -5.11 13.39 24.77
N ASN D 66 -4.44 14.21 25.60
CA ASN D 66 -4.98 14.67 26.90
C ASN D 66 -4.43 16.07 27.22
N TYR D 67 -4.23 16.94 26.21
CA TYR D 67 -3.73 18.32 26.44
C TYR D 67 -4.75 19.06 27.31
N PRO D 68 -4.28 19.94 28.21
CA PRO D 68 -5.20 20.70 29.05
C PRO D 68 -6.08 21.69 28.26
N GLY D 69 -7.23 22.06 28.84
CA GLY D 69 -8.06 23.17 28.39
C GLY D 69 -9.09 22.78 27.33
N ILE D 70 -9.48 21.50 27.27
CA ILE D 70 -10.59 21.08 26.38
C ILE D 70 -11.79 22.00 26.61
N ALA D 71 -12.48 22.41 25.53
CA ALA D 71 -13.73 23.17 25.62
C ALA D 71 -14.84 22.23 26.12
N ARG D 72 -15.72 22.73 27.00
CA ARG D 72 -16.78 21.93 27.67
C ARG D 72 -18.15 22.57 27.47
N THR D 73 -18.22 23.79 26.97
CA THR D 73 -19.47 24.57 26.83
C THR D 73 -19.48 25.29 25.49
N PRO D 74 -20.66 25.72 24.99
CA PRO D 74 -20.72 26.53 23.79
C PRO D 74 -19.80 27.76 23.85
N ASP D 75 -19.85 28.53 24.94
CA ASP D 75 -19.05 29.78 25.10
C ASP D 75 -17.56 29.45 25.02
N GLU D 76 -17.12 28.35 25.63
CA GLU D 76 -15.69 27.95 25.62
C GLU D 76 -15.28 27.58 24.18
N LEU D 77 -16.09 26.79 23.49
CA LEU D 77 -15.77 26.34 22.11
C LEU D 77 -15.75 27.55 21.17
N ALA D 78 -16.73 28.46 21.31
CA ALA D 78 -16.86 29.70 20.51
C ALA D 78 -15.60 30.53 20.72
N GLY D 79 -15.20 30.74 21.96
CA GLY D 79 -13.98 31.50 22.31
C GLY D 79 -12.76 30.86 21.68
N ASP D 80 -12.66 29.53 21.75
CA ASP D 80 -11.49 28.78 21.23
C ASP D 80 -11.43 28.96 19.71
N MET D 81 -12.58 28.89 19.03
CA MET D 81 -12.63 29.03 17.57
C MET D 81 -12.31 30.47 17.19
N HIS D 82 -12.82 31.45 17.95
CA HIS D 82 -12.46 32.89 17.77
C HIS D 82 -10.94 33.05 17.84
N GLU D 83 -10.32 32.45 18.87
CA GLU D 83 -8.86 32.56 19.10
C GLU D 83 -8.12 31.96 17.88
N ALA D 84 -8.50 30.77 17.43
CA ALA D 84 -7.86 30.11 16.25
C ALA D 84 -8.03 30.99 15.01
N LEU D 85 -9.25 31.48 14.75
CA LEU D 85 -9.56 32.28 13.53
C LEU D 85 -8.76 33.60 13.57
N SER D 86 -8.48 34.14 14.76
CA SER D 86 -7.72 35.40 14.92
C SER D 86 -6.27 35.21 14.48
N LEU D 87 -5.79 33.97 14.38
CA LEU D 87 -4.39 33.65 14.00
C LEU D 87 -4.36 33.05 12.59
N ILE D 88 -5.52 32.93 11.93
CA ILE D 88 -5.63 32.43 10.54
C ILE D 88 -6.00 33.61 9.66
N PRO D 89 -5.11 34.04 8.74
CA PRO D 89 -5.36 35.25 7.94
C PRO D 89 -6.54 35.07 6.97
N GLY D 90 -7.36 36.10 6.83
CA GLY D 90 -8.43 36.11 5.81
C GLY D 90 -9.77 35.75 6.40
N LYS D 91 -10.71 35.37 5.56
CA LYS D 91 -12.12 35.14 5.98
C LYS D 91 -12.46 33.68 5.69
N HIS D 92 -13.07 33.01 6.67
CA HIS D 92 -13.25 31.54 6.63
C HIS D 92 -14.67 31.16 7.04
N ARG D 93 -14.89 29.86 7.21
CA ARG D 93 -16.19 29.28 7.61
C ARG D 93 -15.96 28.34 8.78
N VAL D 94 -17.04 27.90 9.42
CA VAL D 94 -16.99 26.88 10.50
C VAL D 94 -17.99 25.77 10.15
N GLN D 95 -17.59 24.52 10.38
CA GLN D 95 -18.48 23.34 10.29
C GLN D 95 -19.01 23.00 11.68
N LEU D 96 -20.33 22.86 11.80
CA LEU D 96 -21.00 22.33 13.00
C LEU D 96 -21.28 20.84 12.82
N HIS D 97 -21.40 20.11 13.92
CA HIS D 97 -22.03 18.77 14.00
C HIS D 97 -23.37 18.94 14.70
N ALA D 98 -24.36 18.08 14.43
CA ALA D 98 -25.71 18.22 15.00
C ALA D 98 -25.63 18.19 16.53
N ILE D 99 -24.68 17.45 17.10
CA ILE D 99 -24.57 17.28 18.59
C ILE D 99 -24.08 18.59 19.23
N TYR D 100 -23.74 19.62 18.44
CA TYR D 100 -23.32 20.94 18.96
C TYR D 100 -24.51 21.88 19.09
N ALA D 101 -25.73 21.33 18.98
CA ALA D 101 -26.99 22.03 19.31
C ALA D 101 -26.82 22.71 20.66
N VAL D 102 -27.35 23.92 20.79
CA VAL D 102 -27.35 24.70 22.05
C VAL D 102 -28.80 24.96 22.47
N THR D 103 -29.29 24.26 23.49
CA THR D 103 -30.70 24.39 23.96
C THR D 103 -30.82 23.80 25.36
N ASP D 104 -31.77 24.27 26.15
CA ASP D 104 -32.10 23.69 27.49
C ASP D 104 -33.28 22.72 27.35
N LYS D 105 -33.97 22.71 26.20
CA LYS D 105 -34.98 21.68 25.88
C LYS D 105 -34.25 20.34 25.77
N LYS D 106 -34.75 19.27 26.40
CA LYS D 106 -34.12 17.93 26.26
C LYS D 106 -34.35 17.47 24.83
N ARG D 107 -33.28 17.06 24.15
CA ARG D 107 -33.33 16.74 22.71
C ARG D 107 -32.65 15.39 22.45
N ASP D 108 -33.18 14.66 21.48
CA ASP D 108 -32.48 13.53 20.83
C ASP D 108 -32.20 13.94 19.39
N LEU D 109 -31.42 13.15 18.66
CA LEU D 109 -31.00 13.48 17.29
C LEU D 109 -32.22 13.57 16.37
N ASP D 110 -33.34 12.93 16.75
CA ASP D 110 -34.57 12.89 15.93
C ASP D 110 -35.60 13.93 16.40
N THR D 111 -35.24 14.81 17.34
CA THR D 111 -36.15 15.86 17.89
C THR D 111 -35.47 17.24 17.87
N LEU D 112 -34.25 17.34 17.33
CA LEU D 112 -33.57 18.65 17.14
C LEU D 112 -34.45 19.58 16.32
N GLU D 113 -34.40 20.88 16.62
CA GLU D 113 -35.14 21.91 15.86
C GLU D 113 -34.14 22.94 15.34
N PRO D 114 -34.41 23.58 14.18
CA PRO D 114 -33.50 24.59 13.65
C PRO D 114 -33.06 25.65 14.69
N GLU D 115 -33.99 26.09 15.56
CA GLU D 115 -33.75 27.18 16.56
C GLU D 115 -32.66 26.77 17.55
N ASP D 116 -32.44 25.46 17.70
CA ASP D 116 -31.37 24.89 18.58
C ASP D 116 -30.00 25.33 18.07
N PHE D 117 -29.92 25.99 16.91
CA PHE D 117 -28.65 26.44 16.30
C PHE D 117 -28.62 27.97 16.21
N ASP D 118 -29.62 28.65 16.78
CA ASP D 118 -29.66 30.13 16.87
C ASP D 118 -28.36 30.62 17.52
N TYR D 119 -27.88 29.92 18.56
CA TYR D 119 -26.64 30.34 19.26
C TYR D 119 -25.51 30.48 18.24
N TRP D 120 -25.36 29.50 17.35
CA TRP D 120 -24.25 29.43 16.37
C TRP D 120 -24.47 30.41 15.21
N ILE D 121 -25.73 30.60 14.80
CA ILE D 121 -26.10 31.63 13.80
C ILE D 121 -25.63 33.00 14.34
N ASP D 122 -26.01 33.31 15.57
CA ASP D 122 -25.71 34.61 16.23
C ASP D 122 -24.17 34.76 16.32
N TRP D 123 -23.46 33.69 16.68
CA TRP D 123 -21.98 33.71 16.79
C TRP D 123 -21.35 33.94 15.41
N ALA D 124 -21.80 33.22 14.38
CA ALA D 124 -21.24 33.29 13.00
C ALA D 124 -21.39 34.71 12.46
N LYS D 125 -22.56 35.33 12.68
CA LYS D 125 -22.84 36.73 12.25
C LYS D 125 -21.82 37.67 12.89
N GLN D 126 -21.61 37.54 14.21
CA GLN D 126 -20.66 38.37 15.01
C GLN D 126 -19.23 38.14 14.50
N GLU D 127 -18.86 36.89 14.28
CA GLU D 127 -17.50 36.47 13.86
C GLU D 127 -17.28 36.79 12.38
N GLY D 128 -18.36 36.93 11.61
CA GLY D 128 -18.29 37.13 10.15
C GLY D 128 -17.85 35.88 9.42
N VAL D 129 -18.44 34.73 9.76
CA VAL D 129 -18.11 33.43 9.09
C VAL D 129 -19.41 32.78 8.60
N GLY D 130 -19.31 32.06 7.50
CA GLY D 130 -20.36 31.13 7.03
C GLY D 130 -20.33 29.84 7.83
N LEU D 131 -21.43 29.10 7.81
CA LEU D 131 -21.56 27.80 8.51
C LEU D 131 -21.86 26.68 7.50
N ASP D 132 -21.17 25.56 7.70
CA ASP D 132 -21.48 24.26 7.05
C ASP D 132 -21.94 23.34 8.17
N PHE D 133 -22.54 22.21 7.81
CA PHE D 133 -23.24 21.33 8.78
C PHE D 133 -22.90 19.87 8.51
N ASN D 134 -22.97 19.07 9.58
CA ASN D 134 -22.79 17.60 9.56
C ASN D 134 -23.84 16.99 10.48
N GLY D 135 -24.70 16.12 9.93
CA GLY D 135 -25.53 15.21 10.75
C GLY D 135 -24.61 14.35 11.59
N THR D 136 -25.07 13.93 12.77
CA THR D 136 -24.30 13.07 13.69
C THR D 136 -24.90 11.66 13.67
N PHE D 137 -24.22 10.72 13.02
CA PHE D 137 -24.71 9.34 12.79
C PHE D 137 -23.83 8.34 13.55
N PHE D 138 -23.39 8.71 14.75
CA PHE D 138 -22.42 7.91 15.55
C PHE D 138 -22.53 8.29 17.03
N SER D 139 -21.90 7.51 17.91
CA SER D 139 -21.91 7.70 19.38
C SER D 139 -23.35 7.85 19.90
N HIS D 140 -24.17 6.82 19.67
CA HIS D 140 -25.59 6.81 20.04
C HIS D 140 -26.06 5.36 20.20
N PRO D 141 -26.91 5.09 21.20
CA PRO D 141 -27.45 3.73 21.41
C PRO D 141 -28.21 3.20 20.17
N MET D 142 -28.71 4.09 19.32
CA MET D 142 -29.47 3.68 18.10
C MET D 142 -28.50 3.29 16.97
N VAL D 143 -27.18 3.41 17.16
CA VAL D 143 -26.22 2.76 16.25
C VAL D 143 -26.22 1.26 16.58
N LYS D 144 -26.78 0.45 15.68
CA LYS D 144 -26.95 -1.01 15.88
C LYS D 144 -25.94 -1.76 15.00
N ASP D 145 -24.99 -2.45 15.62
CA ASP D 145 -23.92 -3.20 14.90
C ASP D 145 -23.30 -2.28 13.84
N ASN D 146 -22.93 -1.05 14.25
CA ASN D 146 -22.20 -0.05 13.44
C ASN D 146 -23.07 0.47 12.29
N MET D 147 -24.38 0.23 12.29
CA MET D 147 -25.26 0.66 11.18
C MET D 147 -26.37 1.59 11.70
N THR D 148 -26.84 2.46 10.81
CA THR D 148 -27.75 3.58 11.12
C THR D 148 -28.79 3.67 10.01
N VAL D 149 -28.59 4.58 9.05
CA VAL D 149 -29.52 4.83 7.91
C VAL D 149 -29.76 3.53 7.14
N SER D 150 -28.76 2.64 7.04
CA SER D 150 -28.84 1.42 6.19
C SER D 150 -28.85 0.15 7.05
N SER D 151 -29.21 0.26 8.33
CA SER D 151 -29.45 -0.91 9.24
C SER D 151 -30.49 -1.83 8.61
N PRO D 152 -30.36 -3.17 8.75
CA PRO D 152 -31.42 -4.09 8.36
C PRO D 152 -32.66 -3.90 9.25
N ASP D 153 -32.49 -3.25 10.41
CA ASP D 153 -33.59 -3.01 11.37
C ASP D 153 -34.35 -1.75 10.98
N PRO D 154 -35.63 -1.87 10.58
CA PRO D 154 -36.39 -0.72 10.10
C PRO D 154 -36.62 0.39 11.14
N LYS D 155 -36.68 0.03 12.43
CA LYS D 155 -36.86 1.00 13.54
C LYS D 155 -35.58 1.85 13.66
N VAL D 156 -34.43 1.23 13.44
CA VAL D 156 -33.12 1.93 13.46
C VAL D 156 -33.06 2.85 12.23
N ARG D 157 -33.41 2.33 11.05
CA ARG D 157 -33.43 3.13 9.80
C ARG D 157 -34.32 4.37 10.01
N ASP D 158 -35.53 4.19 10.54
CA ASP D 158 -36.55 5.27 10.63
C ASP D 158 -35.99 6.39 11.51
N PHE D 159 -35.37 6.04 12.65
CA PHE D 159 -34.75 7.01 13.58
C PHE D 159 -33.74 7.90 12.83
N TRP D 160 -32.85 7.27 12.07
CA TRP D 160 -31.69 7.97 11.46
C TRP D 160 -32.16 8.76 10.23
N ILE D 161 -33.14 8.23 9.51
CA ILE D 161 -33.81 8.98 8.41
C ILE D 161 -34.43 10.25 9.00
N ARG D 162 -35.09 10.16 10.16
CA ARG D 162 -35.67 11.35 10.85
C ARG D 162 -34.52 12.34 11.13
N HIS D 163 -33.39 11.87 11.64
CA HIS D 163 -32.22 12.76 11.89
C HIS D 163 -31.72 13.37 10.57
N GLY D 164 -31.61 12.57 9.52
CA GLY D 164 -31.18 13.04 8.19
C GLY D 164 -32.06 14.17 7.69
N LYS D 165 -33.39 13.99 7.77
CA LYS D 165 -34.37 15.01 7.31
C LYS D 165 -34.18 16.28 8.15
N ILE D 166 -34.07 16.12 9.46
CA ILE D 166 -33.87 17.25 10.41
C ILE D 166 -32.56 17.99 10.07
N SER D 167 -31.49 17.29 9.70
CA SER D 167 -30.20 17.95 9.37
C SER D 167 -30.44 18.91 8.19
N ARG D 168 -31.29 18.53 7.23
CA ARG D 168 -31.59 19.38 6.04
C ARG D 168 -32.40 20.60 6.49
N GLU D 169 -33.37 20.40 7.39
CA GLU D 169 -34.25 21.48 7.88
C GLU D 169 -33.36 22.51 8.60
N ILE D 170 -32.46 22.02 9.44
CA ILE D 170 -31.53 22.88 10.23
C ILE D 170 -30.65 23.66 9.24
N SER D 171 -30.03 22.96 8.28
CA SER D 171 -29.07 23.54 7.31
C SER D 171 -29.78 24.64 6.49
N ASN D 172 -31.00 24.35 6.05
CA ASN D 172 -31.84 25.30 5.29
C ASN D 172 -32.05 26.58 6.10
N TYR D 173 -32.48 26.42 7.35
CA TYR D 173 -32.74 27.53 8.31
C TYR D 173 -31.46 28.36 8.47
N ILE D 174 -30.32 27.71 8.73
CA ILE D 174 -29.02 28.42 8.94
C ILE D 174 -28.67 29.20 7.67
N GLY D 175 -28.77 28.59 6.50
CA GLY D 175 -28.44 29.24 5.22
C GLY D 175 -29.31 30.45 4.98
N GLU D 176 -30.61 30.34 5.30
CA GLU D 176 -31.62 31.42 5.16
C GLU D 176 -31.18 32.60 6.03
N LYS D 177 -30.79 32.31 7.27
CA LYS D 177 -30.48 33.34 8.31
C LYS D 177 -29.13 34.00 7.99
N LEU D 178 -28.17 33.25 7.45
CA LEU D 178 -26.79 33.74 7.22
C LEU D 178 -26.66 34.33 5.81
N GLY D 179 -27.56 33.96 4.89
CA GLY D 179 -27.51 34.40 3.49
C GLY D 179 -26.31 33.79 2.78
N SER D 180 -25.92 32.60 3.22
CA SER D 180 -24.79 31.82 2.66
C SER D 180 -25.16 30.34 2.68
N GLN D 181 -25.01 29.67 1.53
CA GLN D 181 -25.38 28.25 1.36
C GLN D 181 -24.64 27.41 2.42
N VAL D 182 -25.40 26.57 3.13
CA VAL D 182 -24.85 25.57 4.09
C VAL D 182 -24.63 24.28 3.33
N VAL D 183 -23.38 23.83 3.20
CA VAL D 183 -23.10 22.44 2.76
C VAL D 183 -23.40 21.53 3.95
N ASN D 184 -24.37 20.64 3.75
CA ASN D 184 -24.81 19.66 4.77
C ASN D 184 -24.19 18.31 4.42
N ASN D 185 -23.11 17.96 5.10
CA ASN D 185 -22.27 16.77 4.83
C ASN D 185 -22.81 15.56 5.62
N PHE D 186 -23.03 14.46 4.90
CA PHE D 186 -23.49 13.15 5.44
C PHE D 186 -22.32 12.17 5.48
N TRP D 187 -21.97 11.75 6.69
CA TRP D 187 -21.04 10.62 6.92
C TRP D 187 -21.71 9.60 7.84
N LEU D 188 -21.78 8.35 7.37
CA LEU D 188 -22.40 7.20 8.07
C LEU D 188 -21.31 6.19 8.37
N PRO D 189 -21.26 5.61 9.60
CA PRO D 189 -20.25 4.61 9.91
C PRO D 189 -20.57 3.23 9.30
N ASP D 190 -21.79 3.07 8.81
CA ASP D 190 -22.40 1.79 8.40
C ASP D 190 -21.39 0.87 7.68
N GLY D 191 -21.26 -0.35 8.19
CA GLY D 191 -20.40 -1.38 7.56
C GLY D 191 -20.27 -2.60 8.45
N PHE D 192 -19.28 -3.43 8.16
CA PHE D 192 -18.99 -4.68 8.88
C PHE D 192 -17.54 -4.70 9.34
N LYS D 193 -17.32 -5.21 10.54
CA LYS D 193 -15.97 -5.49 11.08
C LYS D 193 -15.29 -6.58 10.23
N ASP D 194 -16.01 -7.66 9.94
CA ASP D 194 -15.46 -8.84 9.23
C ASP D 194 -16.15 -9.01 7.87
N ASN D 195 -15.71 -9.99 7.08
CA ASN D 195 -16.09 -10.18 5.66
C ASN D 195 -17.60 -10.43 5.56
N PRO D 196 -18.32 -9.57 4.81
CA PRO D 196 -19.76 -9.78 4.61
C PRO D 196 -20.09 -10.85 3.56
N ILE D 197 -21.26 -11.48 3.70
CA ILE D 197 -21.88 -12.37 2.67
C ILE D 197 -22.55 -11.49 1.62
N ASP D 198 -23.35 -10.54 2.08
CA ASP D 198 -24.22 -9.73 1.18
C ASP D 198 -23.69 -8.28 1.16
N LYS D 199 -23.04 -7.89 0.06
CA LYS D 199 -22.52 -6.52 -0.18
C LYS D 199 -23.58 -5.65 -0.85
N LYS D 200 -24.50 -6.28 -1.58
CA LYS D 200 -25.51 -5.59 -2.43
C LYS D 200 -26.60 -4.93 -1.57
N THR D 201 -27.21 -5.68 -0.66
CA THR D 201 -28.46 -5.27 0.03
C THR D 201 -28.18 -4.05 0.91
N PRO D 202 -27.08 -4.01 1.69
CA PRO D 202 -26.81 -2.83 2.51
C PRO D 202 -26.76 -1.54 1.67
N ARG D 203 -26.20 -1.62 0.46
CA ARG D 203 -26.08 -0.45 -0.45
C ARG D 203 -27.44 -0.10 -1.04
N LEU D 204 -28.32 -1.09 -1.29
CA LEU D 204 -29.70 -0.78 -1.75
C LEU D 204 -30.48 -0.16 -0.57
N ARG D 205 -30.24 -0.60 0.67
CA ARG D 205 -30.93 0.00 1.85
C ARG D 205 -30.45 1.44 1.99
N LEU D 206 -29.16 1.68 1.79
CA LEU D 206 -28.55 3.03 1.89
C LEU D 206 -29.16 3.93 0.82
N LEU D 207 -29.22 3.45 -0.43
CA LEU D 207 -29.76 4.22 -1.58
C LEU D 207 -31.18 4.66 -1.24
N LYS D 208 -32.02 3.73 -0.80
CA LYS D 208 -33.46 3.98 -0.51
C LYS D 208 -33.55 5.01 0.62
N ALA D 209 -32.71 4.88 1.66
CA ALA D 209 -32.78 5.73 2.86
C ALA D 209 -32.36 7.15 2.50
N LEU D 210 -31.30 7.32 1.72
CA LEU D 210 -30.80 8.66 1.29
C LEU D 210 -31.87 9.34 0.44
N ASP D 211 -32.45 8.62 -0.54
CA ASP D 211 -33.51 9.19 -1.40
C ASP D 211 -34.66 9.72 -0.53
N GLU D 212 -35.00 9.01 0.54
CA GLU D 212 -36.10 9.40 1.47
C GLU D 212 -35.68 10.69 2.19
N ILE D 213 -34.43 10.76 2.64
CA ILE D 213 -33.88 11.93 3.39
C ILE D 213 -33.94 13.19 2.52
N ILE D 214 -33.57 13.09 1.24
CA ILE D 214 -33.45 14.28 0.33
C ILE D 214 -34.77 14.55 -0.42
N LYS D 215 -35.82 13.76 -0.17
CA LYS D 215 -37.10 13.79 -0.95
C LYS D 215 -37.73 15.20 -0.93
N ASP D 216 -37.91 15.80 0.25
CA ASP D 216 -38.62 17.10 0.39
C ASP D 216 -37.69 18.20 -0.12
N PRO D 217 -38.10 18.95 -1.17
CA PRO D 217 -37.24 19.99 -1.74
C PRO D 217 -36.97 21.16 -0.78
N LEU D 218 -35.74 21.64 -0.77
CA LEU D 218 -35.34 22.89 -0.05
C LEU D 218 -34.53 23.76 -1.01
N PRO D 219 -34.60 25.10 -0.86
CA PRO D 219 -33.93 26.02 -1.77
C PRO D 219 -32.41 25.81 -1.77
N GLU D 220 -31.84 25.62 -2.96
CA GLU D 220 -30.38 25.36 -3.15
C GLU D 220 -29.58 26.57 -2.64
N LYS D 221 -30.16 27.77 -2.67
CA LYS D 221 -29.48 29.00 -2.20
C LYS D 221 -29.16 28.86 -0.71
N ASN D 222 -29.98 28.09 0.03
CA ASN D 222 -29.91 27.94 1.50
C ASN D 222 -29.01 26.77 1.87
N THR D 223 -29.13 25.64 1.16
CA THR D 223 -28.37 24.43 1.53
C THR D 223 -28.28 23.47 0.34
N ILE D 224 -27.24 22.66 0.35
CA ILE D 224 -27.14 21.46 -0.54
C ILE D 224 -26.41 20.37 0.26
N GLU D 225 -26.72 19.11 -0.02
CA GLU D 225 -26.14 17.96 0.71
C GLU D 225 -24.86 17.50 -0.02
N SER D 226 -23.90 17.03 0.74
CA SER D 226 -22.68 16.34 0.25
C SER D 226 -22.58 14.99 0.96
N PHE D 227 -21.96 14.00 0.33
CA PHE D 227 -21.94 12.59 0.78
C PHE D 227 -20.50 12.13 0.88
N GLU D 228 -20.13 11.72 2.08
CA GLU D 228 -18.73 11.39 2.45
C GLU D 228 -18.57 9.88 2.59
N GLY D 229 -17.80 9.29 1.68
CA GLY D 229 -17.44 7.87 1.71
C GLY D 229 -16.22 7.64 2.58
N LYS D 230 -15.91 6.36 2.81
CA LYS D 230 -14.76 5.93 3.63
C LYS D 230 -14.36 4.53 3.18
N LEU D 231 -13.08 4.18 3.26
CA LEU D 231 -12.59 2.82 2.91
C LEU D 231 -12.82 1.87 4.10
N PHE D 232 -12.42 2.28 5.29
CA PHE D 232 -12.48 1.44 6.52
C PHE D 232 -12.31 2.33 7.76
N GLY D 233 -12.84 1.86 8.89
CA GLY D 233 -12.65 2.49 10.21
C GLY D 233 -12.45 1.43 11.28
N THR D 234 -11.96 1.84 12.44
CA THR D 234 -11.76 1.00 13.64
C THR D 234 -13.04 0.26 13.98
N GLY D 235 -12.98 -1.07 14.10
CA GLY D 235 -14.12 -1.93 14.44
C GLY D 235 -15.08 -2.10 13.28
N ILE D 236 -14.77 -1.52 12.12
CA ILE D 236 -15.60 -1.60 10.88
C ILE D 236 -14.65 -1.74 9.68
N GLU D 237 -13.67 -2.64 9.77
CA GLU D 237 -12.49 -2.65 8.87
C GLU D 237 -12.80 -3.28 7.50
N SER D 238 -13.71 -4.26 7.43
CA SER D 238 -13.83 -5.19 6.27
C SER D 238 -14.76 -4.66 5.17
N TYR D 239 -15.76 -3.85 5.51
CA TYR D 239 -16.77 -3.38 4.54
C TYR D 239 -17.37 -2.08 5.04
N THR D 240 -17.41 -1.10 4.16
CA THR D 240 -18.08 0.21 4.36
C THR D 240 -19.23 0.32 3.39
N THR D 241 -20.45 0.42 3.90
CA THR D 241 -21.66 0.46 3.06
C THR D 241 -21.54 1.66 2.11
N GLY D 242 -21.26 2.84 2.67
CA GLY D 242 -21.10 4.07 1.88
C GLY D 242 -19.69 4.17 1.34
N SER D 243 -19.38 3.49 0.23
CA SER D 243 -18.05 3.52 -0.41
C SER D 243 -17.89 4.81 -1.23
N HIS D 244 -16.66 5.13 -1.61
CA HIS D 244 -16.33 6.29 -2.48
C HIS D 244 -17.09 6.14 -3.80
N GLU D 245 -17.08 4.94 -4.37
CA GLU D 245 -17.77 4.67 -5.66
C GLU D 245 -19.27 4.91 -5.48
N PHE D 246 -19.86 4.37 -4.41
CA PHE D 246 -21.31 4.50 -4.17
C PHE D 246 -21.67 5.99 -4.13
N TYR D 247 -20.90 6.80 -3.40
CA TYR D 247 -21.29 8.21 -3.18
C TYR D 247 -20.97 9.08 -4.39
N GLN D 248 -19.90 8.80 -5.15
CA GLN D 248 -19.64 9.56 -6.39
C GLN D 248 -20.83 9.31 -7.34
N ASN D 249 -21.24 8.05 -7.47
CA ASN D 249 -22.40 7.64 -8.29
C ASN D 249 -23.65 8.35 -7.75
N TYR D 250 -23.82 8.35 -6.43
CA TYR D 250 -25.05 8.92 -5.81
C TYR D 250 -25.09 10.43 -6.04
N ALA D 251 -23.97 11.13 -5.80
CA ALA D 251 -23.88 12.60 -5.97
C ALA D 251 -24.23 12.98 -7.41
N ILE D 252 -23.63 12.32 -8.39
CA ILE D 252 -23.85 12.63 -9.84
C ILE D 252 -25.32 12.35 -10.17
N SER D 253 -25.82 11.22 -9.70
CA SER D 253 -27.18 10.70 -10.01
C SER D 253 -28.23 11.63 -9.44
N ARG D 254 -28.05 12.07 -8.19
CA ARG D 254 -29.10 12.81 -7.43
C ARG D 254 -28.78 14.31 -7.43
N ASN D 255 -27.74 14.71 -8.15
CA ASN D 255 -27.37 16.14 -8.34
C ASN D 255 -27.03 16.77 -6.99
N LYS D 256 -26.16 16.11 -6.24
CA LYS D 256 -25.69 16.58 -4.92
C LYS D 256 -24.17 16.64 -4.96
N LEU D 257 -23.55 17.06 -3.86
CA LEU D 257 -22.08 17.20 -3.80
C LEU D 257 -21.46 15.88 -3.33
N TRP D 258 -20.20 15.69 -3.68
CA TRP D 258 -19.40 14.53 -3.26
C TRP D 258 -18.31 15.02 -2.29
N THR D 259 -18.17 14.37 -1.14
CA THR D 259 -17.16 14.73 -0.12
C THR D 259 -15.97 13.80 -0.24
N ILE D 260 -14.80 14.38 -0.46
CA ILE D 260 -13.50 13.65 -0.50
C ILE D 260 -12.74 13.99 0.79
N ASP D 261 -12.62 13.02 1.69
CA ASP D 261 -11.79 13.16 2.91
C ASP D 261 -10.43 12.53 2.60
N ALA D 262 -9.36 13.32 2.65
CA ALA D 262 -8.00 12.93 2.21
C ALA D 262 -7.45 11.75 3.02
N GLY D 263 -8.08 11.43 4.15
CA GLY D 263 -7.62 10.35 5.04
C GLY D 263 -8.36 9.04 4.81
N HIS D 264 -9.30 8.98 3.86
CA HIS D 264 -10.29 7.87 3.79
C HIS D 264 -10.05 6.93 2.61
N PHE D 265 -8.87 6.94 2.00
CA PHE D 265 -8.59 6.19 0.75
C PHE D 265 -7.50 5.13 0.99
N HIS D 266 -7.11 4.43 -0.07
CA HIS D 266 -6.12 3.33 -0.03
C HIS D 266 -4.72 3.87 0.24
N PRO D 267 -3.81 3.02 0.75
CA PRO D 267 -2.39 3.37 0.77
C PRO D 267 -1.96 3.79 -0.65
N THR D 268 -1.28 4.94 -0.74
CA THR D 268 -0.65 5.52 -1.95
C THR D 268 -1.67 6.25 -2.81
N GLU D 269 -2.95 6.22 -2.43
CA GLU D 269 -4.04 6.80 -3.26
C GLU D 269 -3.93 8.33 -3.21
N ASP D 270 -3.96 8.97 -4.38
CA ASP D 270 -3.82 10.43 -4.55
C ASP D 270 -5.19 11.01 -4.82
N VAL D 271 -5.83 11.58 -3.79
CA VAL D 271 -7.24 12.07 -3.92
C VAL D 271 -7.27 13.25 -4.91
N SER D 272 -6.14 13.89 -5.20
CA SER D 272 -6.06 15.04 -6.16
C SER D 272 -6.33 14.53 -7.59
N ASP D 273 -6.27 13.23 -7.81
CA ASP D 273 -6.55 12.59 -9.12
C ASP D 273 -8.05 12.62 -9.40
N LYS D 274 -8.88 12.67 -8.36
CA LYS D 274 -10.34 12.44 -8.50
C LYS D 274 -11.03 13.65 -9.14
N PHE D 275 -10.54 14.87 -8.88
CA PHE D 275 -11.32 16.11 -9.20
C PHE D 275 -11.70 16.12 -10.68
N SER D 276 -10.72 15.91 -11.55
CA SER D 276 -10.83 16.04 -13.03
C SER D 276 -11.59 14.86 -13.64
N ALA D 277 -11.83 13.79 -12.87
CA ALA D 277 -12.66 12.65 -13.33
C ALA D 277 -14.10 12.83 -12.85
N PHE D 278 -14.32 13.72 -11.87
CA PHE D 278 -15.66 14.04 -11.31
C PHE D 278 -16.31 15.20 -12.08
N PHE D 279 -15.57 16.28 -12.31
CA PHE D 279 -16.16 17.57 -12.74
C PHE D 279 -16.75 17.52 -14.15
N PRO D 280 -16.37 16.57 -15.05
CA PRO D 280 -17.06 16.43 -16.33
C PRO D 280 -18.50 15.95 -16.14
N PHE D 281 -18.84 15.42 -14.96
CA PHE D 281 -20.13 14.72 -14.72
C PHE D 281 -20.91 15.34 -13.55
N GLY D 282 -20.24 15.92 -12.56
CA GLY D 282 -20.87 16.28 -11.28
C GLY D 282 -20.87 17.78 -10.99
N LYS D 283 -21.53 18.17 -9.90
CA LYS D 283 -21.88 19.57 -9.54
C LYS D 283 -20.73 20.24 -8.80
N GLY D 284 -20.29 19.61 -7.71
CA GLY D 284 -19.41 20.26 -6.76
C GLY D 284 -18.83 19.26 -5.78
N LEU D 285 -17.76 19.68 -5.11
CA LEU D 285 -17.02 18.86 -4.13
C LEU D 285 -16.98 19.58 -2.79
N PHE D 286 -17.02 18.80 -1.72
CA PHE D 286 -16.61 19.20 -0.35
C PHE D 286 -15.30 18.44 -0.07
N MET D 287 -14.18 19.15 -0.04
CA MET D 287 -12.83 18.54 0.12
C MET D 287 -12.47 18.67 1.60
N HIS D 288 -12.50 17.57 2.34
CA HIS D 288 -12.08 17.46 3.77
C HIS D 288 -10.59 17.14 3.82
N VAL D 289 -9.75 18.16 4.05
CA VAL D 289 -8.29 17.95 4.15
C VAL D 289 -8.01 17.41 5.55
N SER D 290 -7.28 16.31 5.60
CA SER D 290 -7.01 15.49 6.80
C SER D 290 -5.73 14.72 6.52
N ARG D 291 -4.87 14.50 7.52
CA ARG D 291 -3.62 13.72 7.31
C ARG D 291 -3.81 12.31 7.87
N PRO D 292 -3.84 11.28 6.99
CA PRO D 292 -3.79 9.89 7.44
C PRO D 292 -2.33 9.48 7.65
N VAL D 293 -2.03 8.89 8.80
CA VAL D 293 -0.72 8.24 9.05
C VAL D 293 -0.97 6.74 9.19
N ARG D 294 -1.04 6.07 8.04
CA ARG D 294 -1.12 4.60 7.85
C ARG D 294 -2.52 4.08 8.16
N TRP D 295 -3.44 4.96 8.57
CA TRP D 295 -4.89 4.67 8.69
C TRP D 295 -5.64 6.01 8.77
N ASP D 296 -6.95 5.97 8.97
CA ASP D 296 -7.78 7.21 9.08
C ASP D 296 -7.57 7.77 10.49
N SER D 297 -6.38 8.33 10.75
CA SER D 297 -5.84 8.70 12.07
C SER D 297 -6.20 10.15 12.40
N ASP D 298 -6.57 10.92 11.39
CA ASP D 298 -7.13 12.30 11.57
C ASP D 298 -6.07 13.19 12.22
N HIS D 299 -4.81 13.04 11.80
CA HIS D 299 -3.72 13.96 12.18
C HIS D 299 -4.00 15.35 11.62
N VAL D 300 -3.49 16.37 12.29
CA VAL D 300 -3.46 17.78 11.82
C VAL D 300 -2.81 17.83 10.44
N VAL D 301 -3.45 18.54 9.53
CA VAL D 301 -2.96 18.81 8.14
C VAL D 301 -1.65 19.58 8.23
N ILE D 302 -0.65 19.08 7.50
CA ILE D 302 0.70 19.69 7.38
C ILE D 302 1.02 19.84 5.89
N MET D 303 2.02 20.64 5.58
CA MET D 303 2.48 20.82 4.18
C MET D 303 3.26 19.58 3.75
N ASP D 304 2.56 18.64 3.12
CA ASP D 304 3.16 17.38 2.62
C ASP D 304 2.71 17.16 1.18
N ASP D 305 3.17 16.09 0.54
CA ASP D 305 2.85 15.75 -0.87
C ASP D 305 1.33 15.83 -1.08
N ALA D 306 0.54 15.20 -0.20
CA ALA D 306 -0.93 15.10 -0.39
C ALA D 306 -1.53 16.50 -0.42
N LEU D 307 -1.20 17.33 0.55
CA LEU D 307 -1.78 18.69 0.64
C LEU D 307 -1.32 19.51 -0.57
N ILE D 308 -0.03 19.46 -0.93
CA ILE D 308 0.51 20.21 -2.11
C ILE D 308 -0.26 19.78 -3.36
N ARG D 309 -0.51 18.49 -3.53
CA ARG D 309 -1.16 17.94 -4.75
C ARG D 309 -2.64 18.33 -4.75
N ILE D 310 -3.31 18.21 -3.61
CA ILE D 310 -4.75 18.58 -3.49
C ILE D 310 -4.89 20.06 -3.89
N THR D 311 -4.09 20.93 -3.29
CA THR D 311 -4.22 22.40 -3.46
C THR D 311 -3.80 22.78 -4.89
N ARG D 312 -2.73 22.22 -5.42
CA ARG D 312 -2.24 22.62 -6.78
C ARG D 312 -3.20 22.05 -7.84
N SER D 313 -3.82 20.89 -7.60
CA SER D 313 -4.76 20.28 -8.58
C SER D 313 -6.03 21.14 -8.66
N LEU D 314 -6.49 21.69 -7.54
CA LEU D 314 -7.68 22.58 -7.49
C LEU D 314 -7.36 23.92 -8.18
N VAL D 315 -6.18 24.48 -7.89
CA VAL D 315 -5.73 25.79 -8.45
C VAL D 315 -5.45 25.64 -9.95
N ARG D 316 -4.61 24.67 -10.34
CA ARG D 316 -4.15 24.56 -11.75
C ARG D 316 -5.35 24.37 -12.69
N ASP D 317 -6.34 23.58 -12.27
CA ASP D 317 -7.46 23.19 -13.17
C ASP D 317 -8.70 24.04 -12.92
N GLY D 318 -8.60 25.08 -12.09
CA GLY D 318 -9.62 26.14 -11.94
C GLY D 318 -10.87 25.63 -11.27
N TYR D 319 -10.74 24.76 -10.26
CA TYR D 319 -11.90 24.08 -9.64
C TYR D 319 -12.33 24.75 -8.32
N LEU D 320 -11.67 25.82 -7.89
CA LEU D 320 -11.94 26.39 -6.54
C LEU D 320 -13.37 26.91 -6.46
N ASP D 321 -13.91 27.43 -7.57
CA ASP D 321 -15.29 28.00 -7.62
C ASP D 321 -16.32 26.89 -7.37
N ARG D 322 -15.95 25.62 -7.51
CA ARG D 322 -16.90 24.49 -7.37
C ARG D 322 -16.47 23.56 -6.24
N THR D 323 -15.43 23.93 -5.49
CA THR D 323 -14.90 23.08 -4.41
C THR D 323 -14.97 23.83 -3.08
N HIS D 324 -15.72 23.31 -2.12
CA HIS D 324 -15.78 23.82 -0.73
C HIS D 324 -14.67 23.12 0.06
N ILE D 325 -13.69 23.86 0.58
CA ILE D 325 -12.55 23.24 1.33
C ILE D 325 -12.86 23.29 2.83
N GLY D 326 -12.95 22.12 3.45
CA GLY D 326 -13.11 21.97 4.90
C GLY D 326 -11.90 21.26 5.49
N LEU D 327 -11.65 21.47 6.77
CA LEU D 327 -10.64 20.71 7.54
C LEU D 327 -11.37 19.57 8.25
N ASP D 328 -10.70 18.43 8.44
CA ASP D 328 -11.21 17.38 9.33
C ASP D 328 -10.01 16.67 9.95
N PHE D 329 -9.84 16.87 11.25
CA PHE D 329 -8.77 16.21 12.05
C PHE D 329 -9.13 16.37 13.52
N PHE D 330 -8.54 15.53 14.39
CA PHE D 330 -8.73 15.62 15.85
C PHE D 330 -7.47 15.10 16.50
N ASP D 331 -6.67 16.06 16.96
CA ASP D 331 -5.44 15.76 17.73
C ASP D 331 -5.57 16.44 19.10
N ALA D 332 -5.75 15.64 20.15
CA ALA D 332 -5.89 16.11 21.55
C ALA D 332 -4.55 15.99 22.30
N THR D 333 -3.48 15.58 21.63
CA THR D 333 -2.15 15.39 22.28
C THR D 333 -1.39 16.72 22.29
N ILE D 334 -1.94 17.72 21.61
CA ILE D 334 -1.31 19.06 21.45
C ILE D 334 -2.37 20.12 21.76
N ASN D 335 -1.94 21.38 21.85
CA ASN D 335 -2.86 22.51 22.06
C ASN D 335 -3.92 22.48 20.95
N ARG D 336 -5.19 22.30 21.32
CA ARG D 336 -6.27 22.03 20.35
C ARG D 336 -6.48 23.26 19.46
N VAL D 337 -6.33 24.47 20.02
CA VAL D 337 -6.44 25.73 19.25
C VAL D 337 -5.28 25.80 18.26
N ALA D 338 -4.05 25.52 18.69
CA ALA D 338 -2.88 25.51 17.79
C ALA D 338 -3.08 24.51 16.64
N ALA D 339 -3.72 23.37 16.88
CA ALA D 339 -4.00 22.34 15.86
C ALA D 339 -4.71 23.00 14.67
N TRP D 340 -5.77 23.73 14.94
CA TRP D 340 -6.56 24.42 13.88
C TRP D 340 -5.65 25.34 13.07
N VAL D 341 -4.83 26.13 13.76
CA VAL D 341 -3.99 27.17 13.11
C VAL D 341 -2.94 26.48 12.23
N VAL D 342 -2.27 25.44 12.75
CA VAL D 342 -1.27 24.68 11.94
C VAL D 342 -1.94 24.21 10.64
N GLY D 343 -3.07 23.51 10.76
CA GLY D 343 -3.75 22.88 9.62
C GLY D 343 -4.25 23.92 8.62
N ALA D 344 -4.84 25.01 9.11
CA ALA D 344 -5.36 26.12 8.26
C ALA D 344 -4.20 26.77 7.53
N ARG D 345 -3.14 27.16 8.25
CA ARG D 345 -1.99 27.85 7.62
C ARG D 345 -1.32 26.92 6.61
N ALA D 346 -1.24 25.62 6.90
CA ALA D 346 -0.59 24.66 5.98
C ALA D 346 -1.40 24.63 4.68
N THR D 347 -2.71 24.60 4.79
CA THR D 347 -3.61 24.58 3.61
C THR D 347 -3.47 25.88 2.81
N GLN D 348 -3.49 27.02 3.48
CA GLN D 348 -3.38 28.34 2.81
C GLN D 348 -2.02 28.48 2.09
N LYS D 349 -0.90 28.16 2.74
CA LYS D 349 0.43 28.41 2.12
C LYS D 349 0.57 27.46 0.91
N SER D 350 -0.06 26.28 0.97
CA SER D 350 -0.02 25.28 -0.12
C SER D 350 -0.84 25.78 -1.31
N LEU D 351 -2.03 26.33 -1.07
CA LEU D 351 -2.82 27.01 -2.12
C LEU D 351 -1.98 28.14 -2.72
N LEU D 352 -1.38 28.97 -1.88
CA LEU D 352 -0.62 30.16 -2.33
C LEU D 352 0.57 29.70 -3.19
N GLN D 353 1.28 28.65 -2.78
CA GLN D 353 2.43 28.18 -3.60
C GLN D 353 1.92 27.80 -4.99
N ALA D 354 0.80 27.09 -5.08
CA ALA D 354 0.20 26.64 -6.36
C ALA D 354 -0.17 27.87 -7.21
N MET D 355 -0.65 28.94 -6.56
CA MET D 355 -1.08 30.17 -7.26
C MET D 355 0.14 30.95 -7.76
N LEU D 356 1.30 30.76 -7.13
CA LEU D 356 2.57 31.48 -7.47
C LEU D 356 3.35 30.71 -8.53
N ALA D 357 2.68 30.21 -9.56
CA ALA D 357 3.30 29.48 -10.69
C ALA D 357 2.82 30.11 -11.99
N PRO D 358 3.67 30.11 -13.04
CA PRO D 358 3.24 30.55 -14.37
C PRO D 358 2.41 29.44 -15.03
N ILE D 359 1.18 29.26 -14.55
CA ILE D 359 0.37 28.05 -14.85
C ILE D 359 0.04 28.01 -16.35
N ASP D 360 -0.32 29.14 -16.94
CA ASP D 360 -0.71 29.20 -18.38
C ASP D 360 0.50 28.78 -19.23
N GLN D 361 1.68 29.28 -18.90
CA GLN D 361 2.92 28.98 -19.65
C GLN D 361 3.26 27.51 -19.44
N LEU D 362 3.17 27.02 -18.20
CA LEU D 362 3.50 25.60 -17.90
C LEU D 362 2.55 24.69 -18.68
N LYS D 363 1.28 25.09 -18.83
CA LYS D 363 0.27 24.30 -19.57
C LYS D 363 0.68 24.23 -21.06
N LYS D 364 1.11 25.36 -21.63
CA LYS D 364 1.55 25.43 -23.05
C LYS D 364 2.77 24.52 -23.22
N ASP D 365 3.76 24.62 -22.34
CA ASP D 365 4.97 23.77 -22.39
C ASP D 365 4.54 22.29 -22.39
N GLU D 366 3.60 21.92 -21.51
CA GLU D 366 3.15 20.52 -21.33
C GLU D 366 2.41 20.04 -22.60
N LEU D 367 1.58 20.90 -23.17
CA LEU D 367 0.85 20.59 -24.43
C LEU D 367 1.87 20.34 -25.55
N ASN D 368 3.03 20.99 -25.49
CA ASN D 368 4.10 20.86 -26.52
C ASN D 368 5.03 19.70 -26.15
N ALA D 369 4.69 18.93 -25.11
CA ALA D 369 5.45 17.78 -24.60
C ALA D 369 6.85 18.20 -24.16
N ASP D 370 7.02 19.44 -23.70
CA ASP D 370 8.32 19.90 -23.15
C ASP D 370 8.39 19.51 -21.67
N PHE D 371 8.62 18.23 -21.42
CA PHE D 371 8.64 17.62 -20.07
C PHE D 371 9.91 18.04 -19.33
N THR D 372 10.98 18.37 -20.05
CA THR D 372 12.25 18.88 -19.46
C THR D 372 11.95 20.20 -18.74
N THR D 373 11.30 21.14 -19.43
CA THR D 373 10.99 22.49 -18.89
C THR D 373 10.02 22.33 -17.72
N ARG D 374 9.00 21.49 -17.86
CA ARG D 374 7.99 21.28 -16.78
C ARG D 374 8.70 20.79 -15.52
N LEU D 375 9.58 19.80 -15.63
CA LEU D 375 10.25 19.21 -14.44
C LEU D 375 11.16 20.27 -13.79
N ILE D 376 11.98 20.95 -14.59
CA ILE D 376 12.96 21.94 -14.07
C ILE D 376 12.19 23.04 -13.31
N GLU D 377 11.18 23.62 -13.94
CA GLU D 377 10.44 24.79 -13.41
C GLU D 377 9.64 24.41 -12.16
N THR D 378 8.86 23.34 -12.20
CA THR D 378 8.08 22.88 -11.02
C THR D 378 9.05 22.66 -9.85
N GLU D 379 10.24 22.11 -10.08
CA GLU D 379 11.22 21.84 -9.00
C GLU D 379 11.82 23.17 -8.52
N GLU D 380 12.13 24.08 -9.43
CA GLU D 380 12.70 25.40 -9.06
C GLU D 380 11.68 26.17 -8.20
N LEU D 381 10.38 26.08 -8.53
CA LEU D 381 9.33 26.86 -7.84
C LEU D 381 9.24 26.43 -6.35
N LYS D 382 9.59 25.19 -6.04
CA LYS D 382 9.53 24.68 -4.64
C LYS D 382 10.49 25.45 -3.73
N SER D 383 11.50 26.13 -4.29
CA SER D 383 12.50 26.90 -3.52
C SER D 383 12.50 28.38 -3.94
N PHE D 384 11.52 28.81 -4.71
CA PHE D 384 11.22 30.25 -4.90
C PHE D 384 10.76 30.82 -3.56
N PRO D 385 10.78 32.16 -3.39
CA PRO D 385 10.41 32.78 -2.12
C PRO D 385 8.90 32.87 -1.85
N PHE D 386 8.20 31.73 -1.89
CA PHE D 386 6.75 31.67 -1.62
C PHE D 386 6.50 32.09 -0.16
N GLY D 387 7.43 31.79 0.74
CA GLY D 387 7.34 32.17 2.17
C GLY D 387 7.21 33.67 2.35
N ALA D 388 7.92 34.45 1.54
CA ALA D 388 7.88 35.92 1.60
C ALA D 388 6.47 36.41 1.26
N VAL D 389 5.79 35.76 0.30
CA VAL D 389 4.42 36.14 -0.11
C VAL D 389 3.45 35.73 1.00
N TRP D 390 3.65 34.53 1.56
CA TRP D 390 2.82 34.00 2.68
C TRP D 390 2.95 34.93 3.89
N ASP D 391 4.18 35.31 4.26
CA ASP D 391 4.43 36.24 5.39
C ASP D 391 3.68 37.56 5.13
N LYS D 392 3.77 38.10 3.91
CA LYS D 392 3.13 39.40 3.56
C LYS D 392 1.62 39.22 3.71
N PHE D 393 1.08 38.08 3.29
CA PHE D 393 -0.37 37.79 3.39
C PHE D 393 -0.76 37.79 4.87
N CYS D 394 0.00 37.07 5.72
CA CYS D 394 -0.25 37.00 7.18
C CYS D 394 -0.27 38.42 7.76
N GLN D 395 0.75 39.24 7.46
CA GLN D 395 0.93 40.60 8.01
C GLN D 395 -0.21 41.53 7.55
N ASP D 396 -0.53 41.51 6.24
CA ASP D 396 -1.61 42.33 5.63
C ASP D 396 -2.97 42.01 6.29
N HIS D 397 -3.17 40.80 6.82
CA HIS D 397 -4.45 40.37 7.43
C HIS D 397 -4.35 40.38 8.97
N ASN D 398 -3.36 41.07 9.53
CA ASN D 398 -3.20 41.29 10.99
C ASN D 398 -3.08 39.95 11.72
N THR D 399 -2.26 39.04 11.22
CA THR D 399 -1.92 37.77 11.93
C THR D 399 -0.41 37.71 12.09
N PRO D 400 0.08 37.03 13.15
CA PRO D 400 1.51 36.93 13.40
C PRO D 400 2.25 36.15 12.30
N VAL D 401 3.51 36.51 12.07
CA VAL D 401 4.38 35.93 11.01
C VAL D 401 5.25 34.82 11.63
N GLY D 402 5.39 33.71 10.91
CA GLY D 402 6.25 32.58 11.29
C GLY D 402 6.00 32.07 12.70
N PHE D 403 7.05 31.98 13.51
CA PHE D 403 7.02 31.40 14.88
C PHE D 403 6.20 32.30 15.82
N ASP D 404 5.91 33.54 15.41
CA ASP D 404 5.42 34.59 16.33
C ASP D 404 4.06 34.22 16.91
N TRP D 405 3.23 33.45 16.22
CA TRP D 405 1.87 33.15 16.76
C TRP D 405 1.96 32.17 17.92
N MET D 406 3.13 31.57 18.19
CA MET D 406 3.31 30.74 19.39
C MET D 406 3.15 31.63 20.63
N ASN D 407 3.50 32.90 20.52
CA ASN D 407 3.34 33.90 21.61
C ASN D 407 1.86 33.95 21.98
N ASN D 408 0.99 34.03 20.97
CA ASN D 408 -0.47 34.13 21.18
C ASN D 408 -0.98 32.84 21.87
N ILE D 409 -0.53 31.69 21.40
CA ILE D 409 -0.94 30.37 21.96
C ILE D 409 -0.50 30.32 23.44
N HIS D 410 0.73 30.72 23.75
CA HIS D 410 1.26 30.66 25.13
C HIS D 410 0.42 31.58 26.04
N GLN D 411 -0.01 32.74 25.52
CA GLN D 411 -0.81 33.72 26.30
C GLN D 411 -2.19 33.11 26.55
N TYR D 412 -2.76 32.44 25.55
CA TYR D 412 -4.09 31.79 25.66
C TYR D 412 -4.01 30.63 26.65
N GLU D 413 -2.86 29.95 26.72
CA GLU D 413 -2.61 28.86 27.70
C GLU D 413 -2.64 29.42 29.13
N LYS D 414 -1.87 30.48 29.40
CA LYS D 414 -1.80 31.14 30.73
C LYS D 414 -3.19 31.64 31.12
N ASP D 415 -3.87 32.33 30.20
CA ASP D 415 -5.09 33.12 30.49
C ASP D 415 -6.32 32.19 30.58
N VAL D 416 -6.31 31.09 29.82
CA VAL D 416 -7.56 30.30 29.57
C VAL D 416 -7.30 28.81 29.76
N GLN D 417 -6.53 28.19 28.88
CA GLN D 417 -6.50 26.70 28.73
C GLN D 417 -5.89 26.02 29.97
N PHE D 418 -4.88 26.60 30.61
CA PHE D 418 -4.21 25.97 31.78
C PHE D 418 -5.04 26.13 33.06
N LYS D 419 -6.09 26.98 33.03
CA LYS D 419 -6.95 27.28 34.21
C LYS D 419 -8.30 26.56 34.05
N ARG D 420 -8.67 26.22 32.82
CA ARG D 420 -10.08 25.96 32.46
C ARG D 420 -10.63 24.77 33.26
N ASP D 421 -9.82 23.73 33.48
CA ASP D 421 -10.36 22.48 34.07
C ASP D 421 -10.96 22.77 35.45
N ALA D 422 -10.41 23.74 36.18
CA ALA D 422 -10.81 24.08 37.57
C ALA D 422 -11.96 25.10 37.58
N LYS D 423 -12.27 25.69 36.41
CA LYS D 423 -13.38 26.66 36.23
C LYS D 423 -14.70 25.88 36.25
N LEU D 424 -15.74 26.43 36.88
CA LEU D 424 -17.12 25.89 36.87
C LEU D 424 -17.70 26.07 35.46
N VAL D 425 -18.47 25.09 34.97
CA VAL D 425 -19.05 25.09 33.59
C VAL D 425 -20.29 25.99 33.57
MN MN E . 1.54 -9.73 18.68
MN MN F . -1.51 -6.82 16.24
MN MN F . -0.21 -6.28 17.59
C1 PSJ G . 0.44 -5.42 20.28
O1 PSJ G . 0.33 -4.73 19.02
C2 PSJ G . 0.86 -6.86 20.10
O2 PSJ G . 0.86 -7.37 18.99
C3 PSJ G . 1.23 -7.69 21.30
O3 PSJ G . 2.01 -8.88 21.02
C4 PSJ G . -0.07 -8.22 21.86
O4 PSJ G . -1.19 -7.92 21.02
C5 PSJ G . -0.20 -7.63 23.22
O5 PSJ G . 0.88 -8.19 23.99
C6 PSJ G . -1.59 -7.97 23.72
O6 PSJ G . -2.45 -7.05 23.04
C1 PSV H . 6.42 13.21 37.17
O1 PSV H . 5.99 13.83 35.95
C2 PSV H . 7.90 13.53 37.44
O2 PSV H . 8.35 12.91 38.67
C3 PSV H . 8.78 13.07 36.30
O3 PSV H . 9.05 11.65 36.31
C4 PSV H . 10.02 13.94 36.50
O4 PSV H . 10.98 13.30 37.33
C5 PSV H . 9.52 15.20 37.22
O5 PSV H . 8.14 14.95 37.52
C6 PSV H . 9.75 16.43 36.36
O6 PSV H . 8.90 16.39 35.20
MN MN I . -7.16 -5.80 -19.11
MN MN J . -3.01 -5.73 -16.59
MN MN J . -3.59 -4.40 -17.79
C1 PSJ K . -3.51 -3.16 -20.40
O1 PSJ K . -2.98 -2.89 -19.09
C2 PSJ K . -4.79 -3.98 -20.31
O2 PSJ K . -5.19 -4.39 -19.23
C3 PSJ K . -5.53 -4.33 -21.56
O3 PSJ K . -6.88 -4.80 -21.40
C4 PSJ K . -4.80 -5.51 -22.14
O4 PSJ K . -3.69 -5.93 -21.33
C5 PSJ K . -4.37 -5.06 -23.50
O5 PSJ K . -5.60 -4.79 -24.20
C6 PSJ K . -3.48 -6.16 -24.06
O6 PSJ K . -2.27 -6.12 -23.28
MN MN L . 19.97 1.62 -6.96
MN MN M . 15.35 1.49 -8.81
MN MN M . 16.60 0.02 -8.91
C1 PSJ N . 18.63 -1.93 -10.13
O1 PSJ N . 17.19 -1.87 -9.95
C2 PSJ N . 19.36 -0.95 -9.23
O2 PSJ N . 18.79 -0.39 -8.30
C3 PSJ N . 20.82 -0.64 -9.47
O3 PSJ N . 21.43 0.01 -8.34
C4 PSJ N . 21.01 0.25 -10.69
O4 PSJ N . 19.77 0.79 -11.18
C5 PSJ N . 21.71 -0.57 -11.77
O5 PSJ N . 23.03 -0.89 -11.29
C6 PSJ N . 21.77 0.20 -13.09
O6 PSJ N . 20.47 0.17 -13.69
C1 PSV O . 18.60 -1.64 -10.60
O1 PSV O . 17.33 -1.84 -9.95
C2 PSV O . 19.41 -0.50 -9.96
O2 PSV O . 18.77 -0.03 -8.78
C3 PSV O . 20.80 -0.98 -9.57
O3 PSV O . 21.42 -0.12 -8.60
C4 PSV O . 21.54 -0.84 -10.88
O4 PSV O . 22.96 -0.84 -10.68
C5 PSV O . 21.01 0.49 -11.39
O5 PSV O . 19.64 0.56 -10.90
C6 PSV O . 21.08 0.54 -12.90
O6 PSV O . 20.19 -0.43 -13.45
C1 PSV P . 37.83 13.21 -2.49
O1 PSV P . 39.17 12.94 -2.89
C2 PSV P . 37.21 14.18 -3.48
O2 PSV P . 37.40 13.68 -4.80
C3 PSV P . 35.72 14.32 -3.19
O3 PSV P . 34.96 13.45 -4.01
C4 PSV P . 35.39 15.75 -3.51
O4 PSV P . 34.53 15.76 -4.64
C5 PSV P . 36.72 16.44 -3.81
O5 PSV P . 37.75 15.50 -3.41
C6 PSV P . 36.91 17.80 -3.14
O6 PSV P . 36.01 18.03 -2.03
MN MN Q . -14.29 13.78 7.18
MN MN R . -10.71 10.65 8.90
MN MN R . -12.77 10.38 8.91
C1 PSJ S . -15.60 10.01 9.85
O1 PSJ S . -14.39 9.24 9.83
C2 PSJ S . -15.40 11.36 9.20
O2 PSJ S . -14.45 11.53 8.44
C3 PSJ S . -16.35 12.49 9.45
O3 PSJ S . -16.42 13.35 8.30
C4 PSJ S . -15.97 13.34 10.66
O4 PSJ S . -14.62 13.18 11.15
C5 PSJ S . -16.95 12.98 11.76
O5 PSJ S . -18.22 13.59 11.45
C6 PSJ S . -16.42 13.42 13.11
O6 PSJ S . -15.46 12.44 13.54
C1 PSV T . -15.46 10.17 10.22
O1 PSV T . -14.44 9.32 9.72
C2 PSV T . -15.24 11.63 9.82
O2 PSV T . -14.44 11.68 8.64
C3 PSV T . -16.57 12.30 9.55
O3 PSV T . -16.43 13.39 8.62
C4 PSV T . -16.93 12.89 10.88
O4 PSV T . -17.88 13.95 10.73
C5 PSV T . -15.57 13.33 11.40
O5 PSV T . -14.64 12.36 10.92
C6 PSV T . -15.57 13.41 12.91
O6 PSV T . -16.01 12.15 13.43
#